data_6EKI
#
_entry.id   6EKI
#
_cell.length_a   46.317
_cell.length_b   71.276
_cell.length_c   103.344
_cell.angle_alpha   88.380
_cell.angle_beta   82.840
_cell.angle_gamma   84.220
#
_symmetry.space_group_name_H-M   'P 1'
#
loop_
_entity.id
_entity.type
_entity.pdbx_description
1 polymer 'Carbonic anhydrase'
2 non-polymer 'ZINC ION'
3 water water
#
_entity_poly.entity_id   1
_entity_poly.type   'polypeptide(L)'
_entity_poly.pdbx_seq_one_letter_code
;GGVGHWSYHGETGPQHWGDLKNEYIMCKIGKNQSPVDISRIVEAELEKIKINYSSGGSSITNNGHTIKVSYEPGSYIIVD
GIRFELKQFHFHAPSEHTIKGKSYPFEAHFVHADKDGNLAVIGVIFKEGKKNPIIEKIWENLPEAGKTIKLAHKINAYDL
LPKKKKYYRYSGSLTTPPCSEGVRWIVMEEEMELSKEQIEKFRKLMGGDTNRPVQPLNARMIMEMD
;
_entity_poly.pdbx_strand_id   A,B,C,D,E,F
#
# COMPACT_ATOMS: atom_id res chain seq x y z
N HIS A 5 -18.63 -2.18 -1.49
CA HIS A 5 -17.83 -1.09 -0.95
C HIS A 5 -17.98 -1.02 0.56
N TRP A 6 -17.03 -1.63 1.24
CA TRP A 6 -16.98 -1.72 2.69
C TRP A 6 -15.69 -1.05 3.25
N SER A 7 -15.73 -0.72 4.54
CA SER A 7 -14.56 -0.17 5.20
C SER A 7 -14.63 -0.64 6.64
N TYR A 8 -13.78 -0.09 7.51
CA TYR A 8 -13.83 -0.46 8.92
C TYR A 8 -14.53 0.59 9.76
N HIS A 9 -15.04 1.64 9.13
CA HIS A 9 -15.62 2.77 9.86
C HIS A 9 -16.98 3.31 9.38
N GLY A 10 -17.93 3.50 10.29
CA GLY A 10 -19.10 4.29 9.95
C GLY A 10 -20.17 3.62 9.12
N GLU A 11 -20.57 4.29 8.05
CA GLU A 11 -21.68 3.84 7.22
C GLU A 11 -21.39 2.48 6.58
N THR A 12 -20.11 2.26 6.23
CA THR A 12 -19.67 0.98 5.67
C THR A 12 -18.92 0.09 6.67
N GLY A 13 -19.08 0.34 7.97
CA GLY A 13 -18.37 -0.42 8.98
C GLY A 13 -19.00 -1.79 9.16
N PRO A 14 -18.36 -2.65 9.99
CA PRO A 14 -18.70 -4.05 10.27
C PRO A 14 -20.14 -4.37 10.60
N GLN A 15 -20.79 -3.51 11.38
CA GLN A 15 -22.17 -3.77 11.80
C GLN A 15 -23.13 -3.57 10.64
N HIS A 16 -22.64 -2.97 9.56
CA HIS A 16 -23.46 -2.68 8.39
C HIS A 16 -23.13 -3.53 7.13
N TRP A 17 -22.05 -4.33 7.17
CA TRP A 17 -21.60 -5.11 6.01
C TRP A 17 -22.75 -5.97 5.48
N GLY A 18 -23.49 -6.59 6.38
CA GLY A 18 -24.55 -7.50 5.95
C GLY A 18 -25.66 -6.89 5.10
N ASP A 19 -25.83 -5.57 5.20
CA ASP A 19 -26.89 -4.84 4.48
C ASP A 19 -26.44 -4.06 3.21
N LEU A 20 -25.12 -3.92 3.02
CA LEU A 20 -24.56 -3.15 1.89
C LEU A 20 -24.88 -3.79 0.55
N LYS A 21 -24.66 -5.10 0.46
CA LYS A 21 -24.94 -5.90 -0.73
C LYS A 21 -25.67 -7.20 -0.36
N ASN A 22 -26.38 -7.82 -1.32
CA ASN A 22 -27.04 -9.10 -1.02
C ASN A 22 -26.03 -10.22 -0.91
N GLU A 23 -24.88 -10.03 -1.57
CA GLU A 23 -23.74 -10.96 -1.51
C GLU A 23 -23.14 -11.00 -0.10
N TYR A 24 -23.36 -9.95 0.69
CA TYR A 24 -22.70 -9.88 1.98
C TYR A 24 -23.63 -10.42 3.07
N ILE A 25 -24.67 -11.17 2.70
CA ILE A 25 -25.65 -11.57 3.72
C ILE A 25 -25.06 -12.40 4.89
N MET A 26 -24.07 -13.25 4.61
CA MET A 26 -23.55 -14.07 5.69
C MET A 26 -22.90 -13.20 6.80
N CYS A 27 -22.52 -11.96 6.49
CA CYS A 27 -21.90 -11.04 7.46
C CYS A 27 -22.88 -10.72 8.54
N LYS A 28 -24.16 -10.83 8.21
CA LYS A 28 -25.25 -10.53 9.14
C LYS A 28 -25.87 -11.78 9.80
N ILE A 29 -26.10 -12.84 9.03
CA ILE A 29 -26.82 -13.99 9.58
C ILE A 29 -26.02 -15.25 9.93
N GLY A 30 -24.80 -15.32 9.45
CA GLY A 30 -23.97 -16.48 9.72
C GLY A 30 -23.74 -16.64 11.21
N LYS A 31 -23.60 -17.90 11.62
CA LYS A 31 -23.37 -18.24 13.02
C LYS A 31 -21.99 -18.82 13.22
N ASN A 32 -21.15 -18.83 12.16
CA ASN A 32 -19.77 -19.36 12.24
C ASN A 32 -18.80 -18.35 11.60
N GLN A 33 -18.78 -17.14 12.16
CA GLN A 33 -18.02 -16.06 11.60
C GLN A 33 -16.70 -15.96 12.33
N SER A 34 -15.77 -15.27 11.69
CA SER A 34 -14.46 -14.96 12.21
C SER A 34 -14.30 -13.42 12.18
N PRO A 35 -13.43 -12.84 13.02
CA PRO A 35 -12.60 -13.54 13.98
C PRO A 35 -13.40 -13.88 15.16
N VAL A 36 -12.78 -14.58 16.09
CA VAL A 36 -13.43 -14.93 17.33
C VAL A 36 -12.42 -14.66 18.39
N ASP A 37 -12.92 -14.80 19.60
CA ASP A 37 -12.10 -14.79 20.77
C ASP A 37 -11.75 -16.23 21.12
N ILE A 38 -10.47 -16.63 21.00
CA ILE A 38 -10.13 -17.99 21.38
C ILE A 38 -10.30 -18.13 22.88
N SER A 39 -11.46 -18.65 23.29
CA SER A 39 -11.85 -18.75 24.70
C SER A 39 -12.40 -20.15 25.08
N ARG A 40 -13.33 -20.66 24.27
CA ARG A 40 -13.95 -21.96 24.56
C ARG A 40 -13.01 -23.02 24.04
N ILE A 41 -12.06 -23.40 24.89
CA ILE A 41 -10.98 -24.25 24.43
C ILE A 41 -11.13 -25.66 24.97
N VAL A 42 -10.73 -26.59 24.10
CA VAL A 42 -10.70 -28.00 24.38
C VAL A 42 -9.43 -28.63 23.74
N GLU A 43 -8.74 -29.45 24.52
CA GLU A 43 -7.58 -30.16 24.04
C GLU A 43 -8.05 -31.25 23.10
N ALA A 44 -7.43 -31.31 21.94
CA ALA A 44 -7.83 -32.26 20.92
C ALA A 44 -6.57 -32.77 20.22
N GLU A 45 -6.55 -34.03 19.84
CA GLU A 45 -5.37 -34.65 19.22
C GLU A 45 -5.23 -34.37 17.73
N LEU A 46 -4.99 -33.11 17.44
CA LEU A 46 -4.80 -32.64 16.07
C LEU A 46 -3.40 -33.02 15.59
N GLU A 47 -3.29 -33.20 14.29
CA GLU A 47 -2.02 -33.51 13.63
C GLU A 47 -1.20 -32.27 13.27
N LYS A 48 0.11 -32.39 13.26
CA LYS A 48 0.91 -31.28 12.79
C LYS A 48 0.58 -31.04 11.34
N ILE A 49 0.50 -29.77 11.01
CA ILE A 49 0.19 -29.34 9.68
C ILE A 49 1.43 -29.29 8.87
N LYS A 50 1.41 -30.05 7.79
CA LYS A 50 2.54 -30.15 6.88
C LYS A 50 2.52 -28.89 6.03
N ILE A 51 3.68 -28.22 5.99
CA ILE A 51 3.86 -27.00 5.22
C ILE A 51 5.01 -27.10 4.24
N ASN A 52 4.72 -26.74 3.00
CA ASN A 52 5.73 -26.65 1.97
C ASN A 52 5.64 -25.33 1.25
N TYR A 53 6.43 -24.38 1.77
CA TYR A 53 6.48 -23.06 1.23
C TYR A 53 7.75 -22.90 0.42
N SER A 54 7.76 -21.93 -0.49
CA SER A 54 8.96 -21.54 -1.27
C SER A 54 8.95 -20.02 -1.46
N SER A 55 10.08 -19.38 -1.80
CA SER A 55 10.03 -17.93 -2.01
C SER A 55 9.17 -17.54 -3.20
N GLY A 56 7.92 -17.17 -2.94
CA GLY A 56 6.97 -16.84 -3.98
C GLY A 56 6.26 -15.52 -3.82
N GLY A 57 6.63 -14.74 -2.81
CA GLY A 57 6.00 -13.44 -2.61
C GLY A 57 6.49 -12.54 -3.71
N SER A 58 5.74 -12.46 -4.82
CA SER A 58 6.25 -11.82 -6.02
C SER A 58 5.86 -10.36 -6.07
N SER A 59 4.67 -10.04 -5.61
CA SER A 59 4.18 -8.68 -5.72
C SER A 59 3.46 -8.17 -4.47
N ILE A 60 3.52 -6.85 -4.28
CA ILE A 60 2.91 -6.22 -3.13
C ILE A 60 1.88 -5.19 -3.56
N THR A 61 0.70 -5.28 -2.94
CA THR A 61 -0.46 -4.45 -3.23
C THR A 61 -1.01 -3.75 -2.02
N ASN A 62 -1.63 -2.62 -2.30
CA ASN A 62 -2.36 -1.83 -1.32
C ASN A 62 -3.76 -1.61 -1.84
N ASN A 63 -4.74 -2.35 -1.33
CA ASN A 63 -6.11 -2.13 -1.77
C ASN A 63 -6.82 -1.18 -0.80
N GLY A 64 -6.04 -0.48 0.03
CA GLY A 64 -6.61 0.50 0.94
C GLY A 64 -7.10 -0.14 2.22
N HIS A 65 -7.38 -1.43 2.16
CA HIS A 65 -7.81 -2.21 3.33
C HIS A 65 -6.66 -2.93 4.00
N THR A 66 -5.64 -3.31 3.26
CA THR A 66 -4.55 -4.05 3.86
C THR A 66 -3.37 -3.95 2.94
N ILE A 67 -2.25 -4.51 3.36
CA ILE A 67 -1.11 -4.70 2.48
C ILE A 67 -1.06 -6.16 2.14
N LYS A 68 -1.30 -6.50 0.87
CA LYS A 68 -1.29 -7.91 0.43
C LYS A 68 -0.13 -8.30 -0.47
N VAL A 69 0.60 -9.33 -0.03
CA VAL A 69 1.64 -9.93 -0.83
C VAL A 69 1.06 -11.15 -1.58
N SER A 70 1.01 -11.02 -2.89
CA SER A 70 0.55 -12.09 -3.75
C SER A 70 1.61 -13.19 -3.86
N TYR A 71 1.14 -14.43 -3.93
CA TYR A 71 2.03 -15.58 -3.96
C TYR A 71 1.95 -16.35 -5.25
N GLU A 72 3.10 -16.66 -5.82
CA GLU A 72 3.09 -17.42 -7.05
C GLU A 72 3.01 -18.91 -6.70
N PRO A 73 2.41 -19.71 -7.59
CA PRO A 73 2.02 -21.07 -7.28
C PRO A 73 3.15 -21.98 -6.91
N GLY A 74 2.87 -23.03 -6.12
CA GLY A 74 3.90 -24.00 -5.71
C GLY A 74 4.06 -24.18 -4.21
N SER A 75 3.57 -23.22 -3.43
CA SER A 75 3.65 -23.29 -1.99
C SER A 75 2.29 -23.74 -1.47
N TYR A 76 2.25 -24.61 -0.45
CA TYR A 76 0.99 -25.18 0.03
C TYR A 76 1.06 -25.73 1.47
N ILE A 77 -0.11 -26.05 2.01
CA ILE A 77 -0.21 -26.74 3.29
C ILE A 77 -1.15 -27.92 3.11
N ILE A 78 -1.08 -28.90 4.02
CA ILE A 78 -1.99 -30.04 3.96
C ILE A 78 -2.93 -29.99 5.18
N VAL A 79 -4.23 -29.91 4.98
CA VAL A 79 -5.16 -29.96 6.11
C VAL A 79 -6.25 -30.96 5.74
N ASP A 80 -6.49 -31.93 6.63
CA ASP A 80 -7.45 -32.99 6.35
C ASP A 80 -7.08 -33.76 5.07
N GLY A 81 -5.80 -34.02 4.83
CA GLY A 81 -5.36 -34.81 3.68
C GLY A 81 -5.57 -34.14 2.32
N ILE A 82 -5.91 -32.85 2.39
CA ILE A 82 -6.16 -32.00 1.26
C ILE A 82 -5.09 -30.91 1.11
N ARG A 83 -4.59 -30.72 -0.11
CA ARG A 83 -3.55 -29.73 -0.40
C ARG A 83 -4.16 -28.35 -0.68
N PHE A 84 -3.83 -27.34 0.12
CA PHE A 84 -4.37 -25.99 -0.11
C PHE A 84 -3.24 -25.06 -0.51
N GLU A 85 -3.19 -24.59 -1.74
CA GLU A 85 -2.10 -23.71 -2.15
C GLU A 85 -2.18 -22.31 -1.58
N LEU A 86 -1.05 -21.83 -1.08
CA LEU A 86 -0.93 -20.48 -0.56
C LEU A 86 -1.13 -19.50 -1.70
N LYS A 87 -2.14 -18.64 -1.57
CA LYS A 87 -2.47 -17.69 -2.63
C LYS A 87 -1.95 -16.29 -2.35
N GLN A 88 -1.96 -15.93 -1.07
CA GLN A 88 -1.56 -14.60 -0.64
C GLN A 88 -1.52 -14.54 0.85
N PHE A 89 -0.86 -13.51 1.35
CA PHE A 89 -0.94 -13.21 2.77
C PHE A 89 -0.97 -11.71 3.02
N HIS A 90 -1.71 -11.30 4.05
CA HIS A 90 -1.93 -9.90 4.34
C HIS A 90 -1.95 -9.63 5.84
N PHE A 91 -2.19 -8.40 6.24
CA PHE A 91 -2.06 -8.02 7.65
C PHE A 91 -3.27 -7.22 8.17
N HIS A 92 -3.49 -7.29 9.47
CA HIS A 92 -4.49 -6.49 10.14
C HIS A 92 -3.82 -5.94 11.37
N ALA A 93 -4.31 -4.80 11.83
CA ALA A 93 -3.78 -4.20 13.03
C ALA A 93 -4.86 -3.30 13.63
N PRO A 94 -5.25 -3.56 14.88
CA PRO A 94 -4.76 -4.64 15.73
C PRO A 94 -5.21 -6.02 15.29
N SER A 95 -4.89 -7.03 16.09
CA SER A 95 -5.17 -8.41 15.73
C SER A 95 -6.65 -8.50 15.55
N GLU A 96 -7.10 -9.40 14.67
CA GLU A 96 -8.50 -9.70 14.50
C GLU A 96 -8.94 -10.67 15.58
N HIS A 97 -8.19 -11.75 15.76
CA HIS A 97 -8.44 -12.66 16.86
C HIS A 97 -7.87 -12.13 18.17
N THR A 98 -8.54 -12.47 19.23
CA THR A 98 -8.07 -12.20 20.56
C THR A 98 -7.97 -13.58 21.20
N ILE A 99 -7.00 -13.77 22.09
CA ILE A 99 -6.80 -15.06 22.75
C ILE A 99 -7.02 -14.88 24.22
N LYS A 100 -8.06 -15.55 24.74
CA LYS A 100 -8.43 -15.40 26.13
C LYS A 100 -8.57 -13.93 26.46
N GLY A 101 -9.21 -13.18 25.56
CA GLY A 101 -9.45 -11.75 25.76
C GLY A 101 -8.29 -10.93 25.23
N LYS A 102 -7.10 -11.52 25.15
CA LYS A 102 -5.91 -10.70 24.88
C LYS A 102 -5.92 -10.19 23.44
N SER A 103 -5.78 -8.90 23.28
CA SER A 103 -5.64 -8.33 21.94
C SER A 103 -4.15 -8.03 21.59
N TYR A 104 -3.73 -8.36 20.37
CA TYR A 104 -2.36 -8.18 19.92
C TYR A 104 -2.29 -7.04 18.90
N PRO A 105 -1.11 -6.37 18.77
CA PRO A 105 -1.11 -5.19 17.91
C PRO A 105 -1.16 -5.47 16.40
N PHE A 106 -0.96 -6.71 16.02
CA PHE A 106 -0.73 -6.98 14.61
C PHE A 106 -1.04 -8.44 14.29
N GLU A 107 -1.61 -8.70 13.13
CA GLU A 107 -1.93 -10.08 12.78
C GLU A 107 -1.66 -10.32 11.33
N ALA A 108 -1.15 -11.50 11.01
CA ALA A 108 -0.89 -11.86 9.61
C ALA A 108 -1.80 -13.02 9.23
N HIS A 109 -2.39 -12.94 8.06
CA HIS A 109 -3.21 -14.03 7.51
C HIS A 109 -2.64 -14.67 6.25
N PHE A 110 -2.49 -15.98 6.25
CA PHE A 110 -2.00 -16.68 5.05
C PHE A 110 -3.12 -17.46 4.42
N VAL A 111 -3.56 -16.97 3.27
CA VAL A 111 -4.74 -17.52 2.63
C VAL A 111 -4.41 -18.55 1.57
N HIS A 112 -4.96 -19.74 1.79
CA HIS A 112 -4.80 -20.89 0.90
C HIS A 112 -6.12 -21.34 0.29
N ALA A 113 -6.05 -22.00 -0.86
CA ALA A 113 -7.25 -22.55 -1.51
C ALA A 113 -6.88 -23.83 -2.19
N ASP A 114 -7.74 -24.83 -2.08
CA ASP A 114 -7.49 -26.14 -2.74
C ASP A 114 -8.12 -26.18 -4.13
N LYS A 115 -8.06 -27.34 -4.82
CA LYS A 115 -8.62 -27.46 -6.18
C LYS A 115 -10.06 -27.00 -6.34
N ASP A 116 -10.88 -27.18 -5.32
CA ASP A 116 -12.28 -26.82 -5.40
C ASP A 116 -12.57 -25.41 -4.87
N GLY A 117 -11.54 -24.69 -4.42
CA GLY A 117 -11.69 -23.29 -4.00
C GLY A 117 -11.94 -23.04 -2.53
N ASN A 118 -11.94 -24.12 -1.73
CA ASN A 118 -12.07 -24.02 -0.28
C ASN A 118 -10.86 -23.41 0.38
N LEU A 119 -11.11 -22.57 1.36
CA LEU A 119 -10.03 -21.79 1.99
C LEU A 119 -9.59 -22.32 3.29
N ALA A 120 -8.31 -22.17 3.53
CA ALA A 120 -7.73 -22.47 4.82
C ALA A 120 -6.82 -21.34 5.15
N VAL A 121 -7.03 -20.74 6.29
CA VAL A 121 -6.28 -19.54 6.65
C VAL A 121 -5.46 -19.77 7.89
N ILE A 122 -4.19 -19.38 7.79
CA ILE A 122 -3.29 -19.43 8.91
C ILE A 122 -3.26 -18.04 9.48
N GLY A 123 -3.45 -17.96 10.78
CA GLY A 123 -3.43 -16.70 11.48
C GLY A 123 -2.25 -16.72 12.36
N VAL A 124 -1.47 -15.66 12.27
CA VAL A 124 -0.30 -15.46 13.10
C VAL A 124 -0.39 -14.12 13.83
N ILE A 125 -0.22 -14.16 15.13
CA ILE A 125 -0.27 -12.93 15.96
C ILE A 125 1.10 -12.40 16.35
N PHE A 126 1.21 -11.09 16.37
CA PHE A 126 2.46 -10.41 16.72
C PHE A 126 2.38 -9.56 17.98
N LYS A 127 3.52 -9.45 18.68
CA LYS A 127 3.69 -8.48 19.76
C LYS A 127 4.78 -7.52 19.34
N GLU A 128 4.97 -6.51 20.17
CA GLU A 128 6.02 -5.54 19.94
C GLU A 128 7.33 -6.16 20.31
N GLY A 129 8.32 -5.99 19.45
CA GLY A 129 9.64 -6.53 19.69
C GLY A 129 10.66 -5.96 18.74
N LYS A 130 11.58 -6.80 18.29
CA LYS A 130 12.61 -6.29 17.40
C LYS A 130 12.03 -6.03 16.02
N LYS A 131 12.66 -5.10 15.31
CA LYS A 131 12.34 -4.86 13.92
C LYS A 131 12.38 -6.18 13.23
N ASN A 132 11.33 -6.48 12.51
CA ASN A 132 11.26 -7.70 11.73
C ASN A 132 11.86 -7.55 10.33
N PRO A 133 12.80 -8.42 9.97
CA PRO A 133 13.46 -8.32 8.67
C PRO A 133 12.56 -8.58 7.50
N ILE A 134 11.64 -9.55 7.61
CA ILE A 134 10.78 -9.84 6.48
C ILE A 134 9.83 -8.66 6.30
N ILE A 135 9.23 -8.18 7.38
CA ILE A 135 8.32 -7.05 7.27
C ILE A 135 9.05 -5.86 6.69
N GLU A 136 10.30 -5.69 7.08
CA GLU A 136 11.00 -4.51 6.62
C GLU A 136 11.08 -4.56 5.10
N LYS A 137 11.40 -5.74 4.51
CA LYS A 137 11.42 -5.86 3.04
C LYS A 137 10.07 -5.41 2.42
N ILE A 138 8.95 -5.81 3.03
CA ILE A 138 7.63 -5.49 2.47
C ILE A 138 7.35 -4.01 2.65
N TRP A 139 7.74 -3.47 3.81
CA TRP A 139 7.45 -2.09 4.20
C TRP A 139 8.22 -1.13 3.31
N GLU A 140 9.38 -1.57 2.83
CA GLU A 140 10.26 -0.77 1.98
C GLU A 140 9.58 -0.48 0.66
N ASN A 141 8.82 -1.46 0.18
CA ASN A 141 8.20 -1.37 -1.12
C ASN A 141 6.69 -1.33 -0.96
N LEU A 142 6.23 -0.34 -0.18
CA LEU A 142 4.83 -0.25 0.19
C LEU A 142 4.11 0.70 -0.75
N PRO A 143 3.13 0.18 -1.51
CA PRO A 143 2.47 1.06 -2.47
C PRO A 143 1.30 1.85 -1.88
N GLU A 144 0.85 2.81 -2.68
CA GLU A 144 -0.30 3.66 -2.36
C GLU A 144 -1.60 2.99 -2.75
N ALA A 145 -2.73 3.50 -2.27
CA ALA A 145 -4.02 2.84 -2.51
C ALA A 145 -4.28 2.59 -4.00
N GLY A 146 -4.62 1.34 -4.32
CA GLY A 146 -4.90 0.96 -5.69
C GLY A 146 -3.68 0.45 -6.48
N LYS A 147 -2.49 0.62 -5.94
CA LYS A 147 -1.26 0.38 -6.69
C LYS A 147 -0.61 -0.93 -6.24
N THR A 148 0.16 -1.52 -7.15
CA THR A 148 0.82 -2.81 -6.94
C THR A 148 2.28 -2.69 -7.25
N ILE A 149 3.12 -3.48 -6.59
CA ILE A 149 4.54 -3.42 -6.87
C ILE A 149 5.15 -4.82 -6.95
N LYS A 150 5.75 -5.13 -8.12
CA LYS A 150 6.46 -6.39 -8.34
C LYS A 150 7.79 -6.36 -7.62
N LEU A 151 8.27 -7.53 -7.22
CA LEU A 151 9.48 -7.67 -6.41
C LEU A 151 10.56 -8.49 -7.11
N ALA A 152 11.75 -7.94 -7.28
CA ALA A 152 12.82 -8.72 -7.87
C ALA A 152 13.32 -9.82 -6.94
N HIS A 153 13.44 -9.51 -5.65
CA HIS A 153 13.84 -10.51 -4.67
C HIS A 153 12.60 -10.95 -3.90
N LYS A 154 12.13 -12.14 -4.26
CA LYS A 154 10.90 -12.69 -3.74
C LYS A 154 10.96 -13.09 -2.26
N ILE A 155 9.85 -12.87 -1.58
CA ILE A 155 9.68 -13.16 -0.15
C ILE A 155 9.10 -14.52 0.16
N ASN A 156 9.64 -15.12 1.21
CA ASN A 156 9.16 -16.42 1.70
C ASN A 156 8.29 -16.30 2.97
N ALA A 157 7.03 -16.69 2.85
CA ALA A 157 6.10 -16.59 3.97
C ALA A 157 6.45 -17.49 5.15
N TYR A 158 7.27 -18.53 4.95
CA TYR A 158 7.55 -19.47 6.06
C TYR A 158 8.23 -18.77 7.23
N ASP A 159 9.02 -17.75 6.90
CA ASP A 159 9.80 -16.96 7.85
C ASP A 159 8.96 -16.04 8.77
N LEU A 160 7.73 -15.76 8.38
CA LEU A 160 6.82 -15.03 9.23
C LEU A 160 6.10 -15.95 10.23
N LEU A 161 6.11 -17.25 9.97
CA LEU A 161 5.46 -18.20 10.86
C LEU A 161 6.35 -18.39 12.04
N PRO A 162 5.74 -18.57 13.21
CA PRO A 162 6.56 -18.90 14.36
C PRO A 162 7.29 -20.22 14.16
N LYS A 163 8.34 -20.43 14.95
CA LYS A 163 9.11 -21.66 14.86
C LYS A 163 8.34 -22.80 15.48
N LYS A 164 7.68 -22.54 16.61
CA LYS A 164 6.80 -23.54 17.21
C LYS A 164 5.41 -23.36 16.59
N LYS A 165 4.88 -24.44 16.01
CA LYS A 165 3.65 -24.41 15.24
C LYS A 165 2.35 -24.98 15.94
N LYS A 166 2.38 -25.14 17.25
CA LYS A 166 1.19 -25.55 17.98
C LYS A 166 0.10 -24.56 17.66
N TYR A 167 -1.10 -25.05 17.34
CA TYR A 167 -2.16 -24.19 16.85
C TYR A 167 -3.53 -24.54 17.43
N TYR A 168 -4.39 -23.54 17.35
CA TYR A 168 -5.82 -23.66 17.56
C TYR A 168 -6.46 -23.91 16.19
N ARG A 169 -7.57 -24.63 16.16
CA ARG A 169 -8.31 -24.78 14.92
C ARG A 169 -9.79 -24.54 15.16
N TYR A 170 -10.46 -23.93 14.20
CA TYR A 170 -11.92 -23.86 14.26
C TYR A 170 -12.51 -23.57 12.88
N SER A 171 -13.81 -23.83 12.72
CA SER A 171 -14.51 -23.56 11.47
C SER A 171 -15.12 -22.17 11.55
N GLY A 172 -14.73 -21.28 10.64
CA GLY A 172 -15.19 -19.90 10.65
C GLY A 172 -15.40 -19.33 9.26
N SER A 173 -15.04 -18.08 9.09
CA SER A 173 -15.32 -17.38 7.84
C SER A 173 -14.18 -16.48 7.41
N LEU A 174 -14.32 -15.93 6.21
CA LEU A 174 -13.53 -14.78 5.83
C LEU A 174 -13.88 -13.64 6.77
N THR A 175 -12.88 -12.81 7.12
CA THR A 175 -13.10 -11.69 8.05
C THR A 175 -13.41 -10.37 7.36
N THR A 176 -13.53 -10.41 6.04
CA THR A 176 -13.97 -9.27 5.25
C THR A 176 -15.02 -9.79 4.34
N PRO A 177 -15.90 -8.88 3.86
CA PRO A 177 -17.01 -9.28 2.98
C PRO A 177 -16.47 -10.04 1.77
N PRO A 178 -17.21 -11.06 1.33
CA PRO A 178 -18.55 -11.52 1.76
C PRO A 178 -18.63 -12.41 3.00
N CYS A 179 -17.58 -12.51 3.79
CA CYS A 179 -17.66 -13.23 5.06
C CYS A 179 -18.13 -14.68 4.91
N SER A 180 -17.72 -15.30 3.80
CA SER A 180 -18.16 -16.65 3.51
C SER A 180 -17.63 -17.64 4.52
N GLU A 181 -18.52 -18.52 4.96
CA GLU A 181 -18.15 -19.53 5.93
C GLU A 181 -17.51 -20.75 5.27
N GLY A 182 -17.21 -21.77 6.05
CA GLY A 182 -16.58 -22.94 5.47
C GLY A 182 -15.10 -22.73 5.29
N VAL A 183 -14.55 -21.80 6.08
CA VAL A 183 -13.10 -21.54 6.10
C VAL A 183 -12.45 -22.23 7.30
N ARG A 184 -11.41 -23.01 7.02
CA ARG A 184 -10.66 -23.65 8.08
C ARG A 184 -9.69 -22.65 8.71
N TRP A 185 -9.81 -22.38 10.01
CA TRP A 185 -8.87 -21.43 10.64
C TRP A 185 -7.84 -22.19 11.41
N ILE A 186 -6.61 -21.83 11.14
CA ILE A 186 -5.46 -22.38 11.81
C ILE A 186 -4.75 -21.22 12.46
N VAL A 187 -4.86 -21.10 13.78
CA VAL A 187 -4.25 -19.98 14.49
C VAL A 187 -3.06 -20.45 15.29
N MET A 188 -1.86 -19.98 14.95
CA MET A 188 -0.65 -20.34 15.71
C MET A 188 -0.65 -19.70 17.09
N GLU A 189 -0.26 -20.47 18.08
CA GLU A 189 -0.24 -20.09 19.49
C GLU A 189 0.90 -19.13 19.85
N GLU A 190 2.10 -19.44 19.31
CA GLU A 190 3.33 -18.74 19.57
C GLU A 190 3.28 -17.39 18.89
N GLU A 191 3.65 -16.36 19.62
CA GLU A 191 3.54 -15.01 19.11
C GLU A 191 4.82 -14.63 18.36
N MET A 192 4.68 -14.01 17.19
CA MET A 192 5.81 -13.48 16.43
C MET A 192 6.10 -12.02 16.87
N GLU A 193 7.14 -11.38 16.31
CA GLU A 193 7.49 -10.03 16.73
C GLU A 193 7.74 -9.09 15.55
N LEU A 194 7.32 -7.83 15.70
CA LEU A 194 7.73 -6.77 14.80
C LEU A 194 7.81 -5.48 15.64
N SER A 195 8.52 -4.48 15.16
CA SER A 195 8.74 -3.30 15.97
C SER A 195 7.49 -2.46 16.10
N LYS A 196 7.49 -1.61 17.14
CA LYS A 196 6.46 -0.61 17.35
C LYS A 196 6.41 0.35 16.16
N GLU A 197 7.58 0.66 15.60
CA GLU A 197 7.66 1.54 14.45
C GLU A 197 7.02 0.89 13.22
N GLN A 198 7.24 -0.41 13.04
CA GLN A 198 6.71 -1.10 11.88
C GLN A 198 5.20 -1.12 11.95
N ILE A 199 4.69 -1.32 13.15
CA ILE A 199 3.23 -1.36 13.31
C ILE A 199 2.60 -0.01 12.95
N GLU A 200 3.19 1.07 13.48
CA GLU A 200 2.67 2.43 13.35
C GLU A 200 2.66 2.87 11.88
N LYS A 201 3.68 2.46 11.13
CA LYS A 201 3.73 2.82 9.71
C LYS A 201 2.54 2.24 8.98
N PHE A 202 2.22 0.99 9.33
CA PHE A 202 1.14 0.27 8.71
C PHE A 202 -0.17 0.98 9.00
N ARG A 203 -0.36 1.34 10.27
CA ARG A 203 -1.64 1.86 10.65
C ARG A 203 -1.90 3.16 9.93
N LYS A 204 -0.86 3.99 9.83
CA LYS A 204 -1.00 5.29 9.20
C LYS A 204 -1.35 5.11 7.77
N LEU A 205 -0.74 4.12 7.17
CA LEU A 205 -0.94 3.91 5.76
C LEU A 205 -2.39 3.55 5.52
N MET A 206 -3.01 2.87 6.48
CA MET A 206 -4.41 2.48 6.30
C MET A 206 -5.46 3.47 6.75
N GLY A 207 -5.19 4.26 7.77
CA GLY A 207 -6.10 5.29 8.24
C GLY A 207 -6.84 4.87 9.48
N GLY A 208 -6.21 4.00 10.26
CA GLY A 208 -6.81 3.52 11.50
C GLY A 208 -6.86 2.01 11.70
N ASP A 209 -7.80 1.57 12.55
CA ASP A 209 -7.94 0.15 12.82
C ASP A 209 -8.33 -0.57 11.56
N THR A 210 -7.81 -1.78 11.41
CA THR A 210 -8.23 -2.64 10.29
C THR A 210 -8.66 -4.05 10.72
N ASN A 211 -9.37 -4.14 11.86
CA ASN A 211 -9.90 -5.40 12.33
C ASN A 211 -11.39 -5.42 12.51
N ARG A 212 -11.95 -6.55 12.16
CA ARG A 212 -13.34 -6.82 12.39
C ARG A 212 -13.56 -7.21 13.87
N PRO A 213 -14.65 -6.72 14.49
CA PRO A 213 -14.95 -7.12 15.87
C PRO A 213 -15.08 -8.63 16.02
N VAL A 214 -14.70 -9.17 17.17
CA VAL A 214 -14.77 -10.58 17.37
C VAL A 214 -16.20 -10.92 17.27
N GLN A 215 -16.45 -12.12 16.72
CA GLN A 215 -17.77 -12.64 16.49
C GLN A 215 -18.09 -13.76 17.46
N PRO A 216 -19.36 -13.91 17.84
CA PRO A 216 -19.76 -14.93 18.83
C PRO A 216 -19.34 -16.33 18.40
N LEU A 217 -18.89 -17.14 19.36
CA LEU A 217 -18.61 -18.52 19.04
C LEU A 217 -19.87 -19.31 18.68
N ASN A 218 -20.92 -19.06 19.44
CA ASN A 218 -22.18 -19.78 19.35
C ASN A 218 -21.97 -21.25 19.67
N ALA A 219 -22.21 -22.17 18.73
CA ALA A 219 -22.15 -23.59 19.11
C ALA A 219 -20.71 -24.15 19.09
N ARG A 220 -19.76 -23.38 18.57
CA ARG A 220 -18.40 -23.87 18.35
C ARG A 220 -17.54 -24.01 19.59
N MET A 221 -16.55 -24.87 19.44
CA MET A 221 -15.46 -24.95 20.38
C MET A 221 -14.19 -24.66 19.60
N ILE A 222 -13.20 -24.11 20.29
CA ILE A 222 -11.89 -23.98 19.70
C ILE A 222 -11.09 -25.19 20.14
N MET A 223 -10.50 -25.89 19.19
CA MET A 223 -9.65 -27.02 19.48
C MET A 223 -8.23 -26.57 19.59
N GLU A 224 -7.54 -27.11 20.57
CA GLU A 224 -6.13 -26.84 20.77
C GLU A 224 -5.34 -28.14 20.57
N MET A 225 -4.23 -28.11 19.81
CA MET A 225 -3.34 -29.26 19.72
C MET A 225 -2.90 -29.76 21.11
N ASP A 226 -2.90 -31.09 21.25
CA ASP A 226 -2.52 -31.78 22.48
C ASP A 226 -1.37 -31.19 23.28
N HIS B 5 -3.68 3.94 -52.17
CA HIS B 5 -2.27 4.19 -51.89
C HIS B 5 -2.15 4.74 -50.48
N TRP B 6 -1.39 4.08 -49.60
CA TRP B 6 -1.57 4.35 -48.15
C TRP B 6 -0.41 5.07 -47.46
N SER B 7 -0.78 5.71 -46.35
CA SER B 7 0.12 6.52 -45.52
C SER B 7 -0.31 6.55 -44.07
N TYR B 8 0.35 7.39 -43.30
CA TYR B 8 0.02 7.50 -41.90
C TYR B 8 -0.82 8.73 -41.56
N HIS B 9 -1.11 9.57 -42.54
CA HIS B 9 -1.88 10.83 -42.32
C HIS B 9 -2.91 11.08 -43.40
N GLY B 10 -4.04 11.63 -42.98
CA GLY B 10 -5.06 12.13 -43.87
C GLY B 10 -6.01 11.09 -44.40
N GLU B 11 -6.39 11.27 -45.65
CA GLU B 11 -7.43 10.46 -46.21
C GLU B 11 -7.08 8.99 -46.41
N THR B 12 -5.81 8.76 -46.67
CA THR B 12 -5.32 7.42 -46.91
C THR B 12 -4.67 6.87 -45.66
N GLY B 13 -5.03 7.48 -44.54
CA GLY B 13 -4.48 7.16 -43.24
C GLY B 13 -5.08 5.92 -42.60
N PRO B 14 -4.52 5.49 -41.47
CA PRO B 14 -4.82 4.26 -40.71
C PRO B 14 -6.28 3.99 -40.50
N GLN B 15 -7.08 5.05 -40.36
CA GLN B 15 -8.50 4.93 -40.12
C GLN B 15 -9.20 4.42 -41.39
N HIS B 16 -8.52 4.60 -42.53
CA HIS B 16 -9.13 4.36 -43.82
C HIS B 16 -8.48 3.21 -44.57
N TRP B 17 -7.43 2.62 -44.01
CA TRP B 17 -6.68 1.57 -44.72
C TRP B 17 -7.56 0.47 -45.23
N GLY B 18 -8.45 -0.02 -44.38
CA GLY B 18 -9.29 -1.14 -44.73
C GLY B 18 -10.19 -0.92 -45.93
N ASP B 19 -10.52 0.33 -46.24
CA ASP B 19 -11.43 0.68 -47.36
C ASP B 19 -10.71 1.05 -48.67
N LEU B 20 -9.39 1.23 -48.60
CA LEU B 20 -8.59 1.64 -49.77
C LEU B 20 -8.53 0.59 -50.86
N LYS B 21 -8.15 -0.63 -50.49
CA LYS B 21 -8.06 -1.77 -51.41
C LYS B 21 -8.82 -2.95 -50.81
N ASN B 22 -9.24 -3.86 -51.66
CA ASN B 22 -9.95 -5.02 -51.18
C ASN B 22 -9.00 -5.94 -50.44
N GLU B 23 -7.70 -5.83 -50.76
CA GLU B 23 -6.67 -6.65 -50.16
C GLU B 23 -6.46 -6.34 -48.71
N TYR B 24 -6.84 -5.14 -48.32
CA TYR B 24 -6.55 -4.64 -46.97
C TYR B 24 -7.67 -4.96 -46.03
N ILE B 25 -8.49 -5.94 -46.37
CA ILE B 25 -9.74 -6.16 -45.65
C ILE B 25 -9.55 -6.45 -44.15
N MET B 26 -8.50 -7.20 -43.81
CA MET B 26 -8.19 -7.54 -42.41
C MET B 26 -7.87 -6.30 -41.53
N CYS B 27 -7.46 -5.19 -42.15
CA CYS B 27 -7.15 -3.97 -41.37
C CYS B 27 -8.40 -3.46 -40.71
N LYS B 28 -9.54 -3.73 -41.36
CA LYS B 28 -10.81 -3.27 -40.87
C LYS B 28 -11.58 -4.35 -40.14
N ILE B 29 -11.64 -5.58 -40.64
CA ILE B 29 -12.46 -6.61 -39.97
C ILE B 29 -11.72 -7.44 -38.95
N GLY B 30 -10.40 -7.38 -38.95
CA GLY B 30 -9.64 -8.20 -38.03
C GLY B 30 -9.87 -7.92 -36.57
N LYS B 31 -9.83 -8.99 -35.76
CA LYS B 31 -9.99 -8.93 -34.32
C LYS B 31 -8.71 -9.36 -33.59
N ASN B 32 -7.62 -9.54 -34.33
CA ASN B 32 -6.39 -9.87 -33.68
C ASN B 32 -5.29 -9.05 -34.27
N GLN B 33 -5.50 -7.74 -34.24
CA GLN B 33 -4.60 -6.78 -34.89
C GLN B 33 -3.48 -6.24 -33.97
N SER B 34 -2.47 -5.64 -34.62
CA SER B 34 -1.38 -4.96 -33.97
C SER B 34 -1.27 -3.56 -34.58
N PRO B 35 -0.70 -2.61 -33.82
CA PRO B 35 -0.18 -2.80 -32.47
C PRO B 35 -1.31 -2.82 -31.46
N VAL B 36 -0.94 -3.11 -30.20
CA VAL B 36 -1.85 -3.05 -29.09
C VAL B 36 -1.21 -2.29 -27.90
N ASP B 37 -2.05 -1.95 -26.95
CA ASP B 37 -1.64 -1.45 -25.67
C ASP B 37 -1.46 -2.66 -24.75
N ILE B 38 -0.21 -2.88 -24.36
CA ILE B 38 0.13 -3.94 -23.44
C ILE B 38 -0.44 -3.58 -22.07
N SER B 39 -1.61 -4.16 -21.78
CA SER B 39 -2.43 -3.85 -20.59
C SER B 39 -2.97 -5.11 -19.88
N ARG B 40 -3.59 -6.01 -20.64
CA ARG B 40 -4.12 -7.26 -20.07
C ARG B 40 -2.97 -8.25 -19.98
N ILE B 41 -2.26 -8.24 -18.87
CA ILE B 41 -1.05 -9.04 -18.76
C ILE B 41 -1.26 -10.21 -17.88
N VAL B 42 -0.65 -11.32 -18.25
CA VAL B 42 -0.62 -12.47 -17.38
C VAL B 42 0.74 -13.14 -17.46
N GLU B 43 1.22 -13.50 -16.28
CA GLU B 43 2.48 -14.17 -16.17
C GLU B 43 2.38 -15.56 -16.75
N ALA B 44 3.35 -15.99 -17.54
CA ALA B 44 3.33 -17.33 -18.11
C ALA B 44 4.75 -17.93 -18.14
N GLU B 45 4.85 -19.25 -17.98
CA GLU B 45 6.16 -19.89 -18.00
C GLU B 45 6.67 -19.98 -19.43
N LEU B 46 6.87 -18.82 -20.04
CA LEU B 46 7.41 -18.77 -21.41
C LEU B 46 8.87 -19.04 -21.46
N GLU B 47 9.27 -19.65 -22.57
CA GLU B 47 10.62 -20.06 -22.83
C GLU B 47 11.50 -18.89 -23.30
N LYS B 48 12.77 -18.97 -22.96
CA LYS B 48 13.76 -18.03 -23.45
C LYS B 48 13.89 -18.22 -24.96
N ILE B 49 13.80 -17.14 -25.74
CA ILE B 49 13.91 -17.25 -27.19
C ILE B 49 15.37 -17.40 -27.57
N LYS B 50 15.69 -18.44 -28.31
CA LYS B 50 17.04 -18.61 -28.72
C LYS B 50 17.22 -17.63 -29.86
N ILE B 51 18.25 -16.79 -29.75
CA ILE B 51 18.60 -15.80 -30.74
C ILE B 51 20.00 -16.19 -31.24
N ASN B 52 20.15 -16.33 -32.55
CA ASN B 52 21.43 -16.58 -33.15
C ASN B 52 21.67 -15.63 -34.30
N TYR B 53 22.25 -14.46 -34.03
CA TYR B 53 22.45 -13.43 -35.05
C TYR B 53 23.90 -13.34 -35.56
N SER B 54 24.06 -12.77 -36.76
CA SER B 54 25.36 -12.50 -37.35
C SER B 54 25.23 -11.17 -38.08
N SER B 55 26.35 -10.53 -38.43
CA SER B 55 26.27 -9.34 -39.25
C SER B 55 25.70 -9.66 -40.62
N GLY B 56 24.43 -9.31 -40.83
CA GLY B 56 23.75 -9.55 -42.09
C GLY B 56 23.04 -8.32 -42.62
N GLY B 57 23.12 -7.19 -41.91
CA GLY B 57 22.49 -5.95 -42.34
C GLY B 57 23.20 -5.29 -43.53
N SER B 58 22.77 -5.64 -44.74
CA SER B 58 23.44 -5.29 -45.99
C SER B 58 22.92 -4.01 -46.68
N SER B 59 21.64 -3.69 -46.52
CA SER B 59 21.03 -2.60 -47.28
C SER B 59 20.22 -1.68 -46.38
N ILE B 60 20.13 -0.42 -46.78
CA ILE B 60 19.33 0.55 -46.09
C ILE B 60 18.40 1.03 -47.16
N THR B 61 17.11 1.00 -46.90
CA THR B 61 16.13 1.44 -47.87
C THR B 61 15.27 2.45 -47.19
N ASN B 62 14.80 3.40 -47.97
CA ASN B 62 13.90 4.38 -47.45
C ASN B 62 12.72 4.35 -48.38
N ASN B 63 11.64 3.73 -47.93
CA ASN B 63 10.42 3.63 -48.73
C ASN B 63 9.34 4.65 -48.44
N GLY B 64 9.69 5.69 -47.68
CA GLY B 64 8.71 6.71 -47.35
C GLY B 64 7.85 6.45 -46.12
N HIS B 65 7.75 5.19 -45.70
CA HIS B 65 7.05 4.84 -44.46
C HIS B 65 8.07 4.57 -43.35
N THR B 66 9.25 4.11 -43.75
CA THR B 66 10.30 3.75 -42.80
C THR B 66 11.72 3.68 -43.40
N ILE B 67 12.67 3.39 -42.53
CA ILE B 67 14.01 3.04 -42.93
C ILE B 67 14.18 1.56 -42.64
N LYS B 68 14.30 0.74 -43.69
CA LYS B 68 14.40 -0.71 -43.55
C LYS B 68 15.83 -1.15 -43.84
N VAL B 69 16.38 -1.92 -42.90
CA VAL B 69 17.67 -2.54 -43.08
C VAL B 69 17.49 -3.97 -43.49
N SER B 70 17.76 -4.29 -44.75
CA SER B 70 17.59 -5.64 -45.27
C SER B 70 18.68 -6.62 -44.74
N TYR B 71 18.32 -7.87 -44.44
CA TYR B 71 19.26 -8.81 -43.85
C TYR B 71 19.53 -10.03 -44.71
N GLU B 72 20.79 -10.41 -44.87
CA GLU B 72 21.04 -11.58 -45.69
C GLU B 72 20.94 -12.82 -44.80
N PRO B 73 20.69 -13.99 -45.40
CA PRO B 73 20.39 -15.19 -44.63
C PRO B 73 21.47 -15.62 -43.65
N GLY B 74 21.03 -16.33 -42.63
CA GLY B 74 21.93 -16.86 -41.63
C GLY B 74 21.56 -16.46 -40.23
N SER B 75 20.79 -15.39 -40.07
CA SER B 75 20.38 -14.97 -38.74
C SER B 75 18.96 -15.41 -38.49
N TYR B 76 18.71 -15.91 -37.29
CA TYR B 76 17.42 -16.47 -36.96
C TYR B 76 17.12 -16.51 -35.49
N ILE B 77 15.87 -16.82 -35.19
CA ILE B 77 15.44 -17.08 -33.83
C ILE B 77 14.64 -18.36 -33.85
N ILE B 78 14.51 -18.93 -32.65
CA ILE B 78 13.69 -20.12 -32.44
C ILE B 78 12.48 -19.77 -31.57
N VAL B 79 11.30 -20.00 -32.15
CA VAL B 79 10.01 -19.85 -31.49
C VAL B 79 9.17 -21.10 -31.76
N ASP B 80 8.66 -21.66 -30.69
CA ASP B 80 7.75 -22.81 -30.76
C ASP B 80 8.42 -23.90 -31.53
N GLY B 81 9.74 -23.98 -31.40
CA GLY B 81 10.54 -25.01 -32.05
C GLY B 81 10.78 -24.78 -33.52
N ILE B 82 10.45 -23.59 -33.98
CA ILE B 82 10.60 -23.24 -35.37
C ILE B 82 11.66 -22.16 -35.55
N ARG B 83 12.50 -22.35 -36.57
CA ARG B 83 13.57 -21.42 -36.91
C ARG B 83 12.97 -20.33 -37.82
N PHE B 84 12.94 -19.09 -37.34
CA PHE B 84 12.43 -18.01 -38.15
C PHE B 84 13.61 -17.19 -38.59
N GLU B 85 13.89 -17.13 -39.89
CA GLU B 85 15.02 -16.34 -40.33
C GLU B 85 14.72 -14.85 -40.35
N LEU B 86 15.65 -14.10 -39.78
CA LEU B 86 15.56 -12.66 -39.75
C LEU B 86 15.76 -12.15 -41.15
N LYS B 87 14.76 -11.41 -41.61
CA LYS B 87 14.74 -10.89 -42.96
C LYS B 87 15.10 -9.38 -43.02
N GLN B 88 14.69 -8.60 -42.03
CA GLN B 88 14.92 -7.17 -42.03
C GLN B 88 14.51 -6.55 -40.74
N PHE B 89 14.93 -5.29 -40.53
CA PHE B 89 14.41 -4.54 -39.41
C PHE B 89 14.26 -3.09 -39.81
N HIS B 90 13.24 -2.45 -39.26
CA HIS B 90 12.89 -1.07 -39.62
C HIS B 90 12.41 -0.34 -38.39
N PHE B 91 11.95 0.90 -38.54
CA PHE B 91 11.62 1.69 -37.34
C PHE B 91 10.27 2.42 -37.39
N HIS B 92 9.73 2.70 -36.22
CA HIS B 92 8.55 3.55 -36.13
C HIS B 92 8.75 4.64 -35.07
N ALA B 93 8.13 5.79 -35.28
CA ALA B 93 8.18 6.86 -34.29
C ALA B 93 6.90 7.64 -34.39
N PRO B 94 6.14 7.68 -33.28
CA PRO B 94 6.44 7.01 -31.99
C PRO B 94 6.20 5.52 -32.00
N SER B 95 6.37 4.87 -30.85
CA SER B 95 6.20 3.41 -30.71
C SER B 95 4.81 3.00 -31.18
N GLU B 96 4.72 1.80 -31.72
CA GLU B 96 3.46 1.29 -32.15
C GLU B 96 2.72 0.73 -30.92
N HIS B 97 3.44 -0.04 -30.13
CA HIS B 97 2.92 -0.59 -28.90
C HIS B 97 2.95 0.44 -27.79
N THR B 98 1.98 0.37 -26.88
CA THR B 98 2.02 1.22 -25.72
C THR B 98 2.12 0.23 -24.62
N ILE B 99 2.78 0.61 -23.53
CA ILE B 99 2.92 -0.31 -22.41
C ILE B 99 2.19 0.37 -21.26
N LYS B 100 1.11 -0.29 -20.84
CA LYS B 100 0.22 0.24 -19.81
C LYS B 100 -0.14 1.67 -20.11
N GLY B 101 -0.45 1.97 -21.36
CA GLY B 101 -0.86 3.31 -21.70
C GLY B 101 0.29 4.17 -22.16
N LYS B 102 1.51 3.76 -21.78
CA LYS B 102 2.68 4.62 -22.00
C LYS B 102 3.15 4.50 -23.42
N SER B 103 3.20 5.63 -24.13
CA SER B 103 3.76 5.63 -25.48
C SER B 103 5.27 6.03 -25.50
N TYR B 104 6.05 5.35 -26.33
CA TYR B 104 7.47 5.67 -26.43
C TYR B 104 7.78 6.36 -27.74
N PRO B 105 8.90 7.12 -27.81
CA PRO B 105 9.18 7.95 -29.01
C PRO B 105 9.64 7.17 -30.23
N PHE B 106 9.99 5.92 -30.01
CA PHE B 106 10.64 5.13 -31.03
C PHE B 106 10.49 3.64 -30.76
N GLU B 107 10.29 2.87 -31.82
CA GLU B 107 10.19 1.42 -31.69
C GLU B 107 10.87 0.81 -32.92
N ALA B 108 11.65 -0.26 -32.70
CA ALA B 108 12.32 -0.97 -33.80
C ALA B 108 11.63 -2.34 -34.00
N HIS B 109 11.34 -2.72 -35.25
CA HIS B 109 10.76 -4.06 -35.54
C HIS B 109 11.77 -4.97 -36.28
N PHE B 110 11.98 -6.17 -35.76
CA PHE B 110 12.83 -7.17 -36.42
C PHE B 110 11.99 -8.31 -36.99
N VAL B 111 11.81 -8.28 -38.29
CA VAL B 111 10.86 -9.18 -38.94
C VAL B 111 11.51 -10.46 -39.35
N HIS B 112 10.98 -11.57 -38.84
CA HIS B 112 11.44 -12.92 -39.15
C HIS B 112 10.39 -13.71 -39.89
N ALA B 113 10.81 -14.76 -40.59
CA ALA B 113 9.87 -15.62 -41.30
C ALA B 113 10.45 -17.02 -41.36
N ASP B 114 9.57 -18.01 -41.27
CA ASP B 114 9.99 -19.40 -41.28
C ASP B 114 9.91 -19.86 -42.72
N LYS B 115 10.29 -21.10 -42.98
CA LYS B 115 10.34 -21.65 -44.35
C LYS B 115 8.99 -21.45 -45.08
N ASP B 116 7.88 -21.50 -44.32
CA ASP B 116 6.51 -21.46 -44.89
C ASP B 116 5.95 -20.03 -45.05
N GLY B 117 6.67 -19.04 -44.52
CA GLY B 117 6.32 -17.64 -44.67
C GLY B 117 5.64 -16.98 -43.50
N ASN B 118 5.45 -17.76 -42.42
CA ASN B 118 4.89 -17.26 -41.17
C ASN B 118 5.87 -16.32 -40.41
N LEU B 119 5.34 -15.22 -39.91
CA LEU B 119 6.18 -14.18 -39.40
C LEU B 119 6.29 -14.23 -37.89
N ALA B 120 7.45 -13.80 -37.39
CA ALA B 120 7.65 -13.58 -35.98
C ALA B 120 8.38 -12.27 -35.94
N VAL B 121 7.84 -11.33 -35.22
CA VAL B 121 8.39 -9.97 -35.11
C VAL B 121 8.79 -9.67 -33.70
N ILE B 122 9.99 -9.19 -33.53
CA ILE B 122 10.43 -8.74 -32.23
C ILE B 122 10.27 -7.24 -32.23
N GLY B 123 9.66 -6.69 -31.19
CA GLY B 123 9.56 -5.24 -31.05
C GLY B 123 10.48 -4.78 -29.91
N VAL B 124 11.24 -3.73 -30.16
CA VAL B 124 12.08 -3.14 -29.11
C VAL B 124 11.75 -1.66 -29.02
N ILE B 125 11.40 -1.21 -27.82
CA ILE B 125 10.99 0.18 -27.65
C ILE B 125 12.14 0.99 -27.11
N PHE B 126 12.22 2.24 -27.54
CA PHE B 126 13.27 3.16 -27.11
C PHE B 126 12.72 4.38 -26.38
N LYS B 127 13.49 4.94 -25.45
CA LYS B 127 13.19 6.30 -24.91
C LYS B 127 14.40 7.20 -25.25
N GLU B 128 14.26 8.50 -25.04
CA GLU B 128 15.33 9.48 -25.28
C GLU B 128 16.40 9.25 -24.27
N GLY B 129 17.64 9.25 -24.74
CA GLY B 129 18.75 8.98 -23.88
C GLY B 129 20.07 9.22 -24.58
N LYS B 130 21.02 8.33 -24.32
CA LYS B 130 22.32 8.45 -24.95
C LYS B 130 22.25 8.10 -26.44
N LYS B 131 23.06 8.80 -27.24
CA LYS B 131 23.08 8.61 -28.71
C LYS B 131 23.43 7.16 -29.00
N ASN B 132 22.58 6.43 -29.77
CA ASN B 132 22.85 5.02 -30.10
C ASN B 132 23.80 4.91 -31.32
N PRO B 133 24.92 4.19 -31.19
CA PRO B 133 25.91 4.11 -32.27
C PRO B 133 25.40 3.40 -33.53
N ILE B 134 24.66 2.30 -33.36
CA ILE B 134 24.17 1.54 -34.50
C ILE B 134 23.14 2.43 -35.23
N ILE B 135 22.25 3.10 -34.51
CA ILE B 135 21.31 4.00 -35.17
C ILE B 135 22.00 5.11 -35.97
N GLU B 136 23.08 5.64 -35.40
CA GLU B 136 23.85 6.72 -36.02
C GLU B 136 24.48 6.24 -37.30
N LYS B 137 25.01 5.01 -37.30
CA LYS B 137 25.55 4.44 -38.54
C LYS B 137 24.49 4.44 -39.65
N ILE B 138 23.25 4.03 -39.34
CA ILE B 138 22.24 3.97 -40.38
C ILE B 138 21.86 5.38 -40.79
N TRP B 139 21.77 6.26 -39.78
CA TRP B 139 21.30 7.64 -39.99
C TRP B 139 22.27 8.46 -40.85
N GLU B 140 23.57 8.18 -40.73
CA GLU B 140 24.58 8.95 -41.48
C GLU B 140 24.52 8.67 -42.97
N ASN B 141 24.55 7.40 -43.36
CA ASN B 141 24.65 7.01 -44.76
C ASN B 141 23.35 6.31 -45.20
N LEU B 142 22.29 7.09 -45.07
CA LEU B 142 20.96 6.64 -45.39
C LEU B 142 20.48 7.29 -46.69
N PRO B 143 19.65 6.56 -47.46
CA PRO B 143 19.16 7.14 -48.71
C PRO B 143 17.91 7.96 -48.49
N GLU B 144 17.51 8.68 -49.51
CA GLU B 144 16.20 9.32 -49.53
C GLU B 144 15.22 8.38 -50.17
N ALA B 145 13.95 8.72 -50.02
CA ALA B 145 12.86 7.83 -50.37
C ALA B 145 12.97 7.24 -51.79
N GLY B 146 12.63 5.96 -51.91
CA GLY B 146 12.55 5.26 -53.17
C GLY B 146 13.84 4.57 -53.56
N LYS B 147 14.91 4.98 -52.90
CA LYS B 147 16.27 4.60 -53.24
C LYS B 147 16.87 3.68 -52.17
N THR B 148 17.90 2.91 -52.54
CA THR B 148 18.59 1.98 -51.63
C THR B 148 20.09 2.22 -51.57
N ILE B 149 20.70 1.87 -50.44
CA ILE B 149 22.13 2.06 -50.17
C ILE B 149 22.74 0.81 -49.58
N LYS B 150 23.85 0.38 -50.17
CA LYS B 150 24.64 -0.78 -49.70
C LYS B 150 25.51 -0.34 -48.53
N LEU B 151 25.83 -1.28 -47.62
CA LEU B 151 26.52 -0.92 -46.37
C LEU B 151 28.00 -1.22 -46.22
N ALA B 152 28.60 -1.95 -47.14
CA ALA B 152 30.01 -2.26 -47.05
C ALA B 152 30.33 -3.09 -45.81
N HIS B 153 29.99 -2.59 -44.62
CA HIS B 153 30.09 -3.37 -43.39
C HIS B 153 28.73 -3.78 -42.88
N LYS B 154 28.46 -5.07 -42.90
CA LYS B 154 27.16 -5.54 -42.49
C LYS B 154 26.94 -5.27 -40.97
N ILE B 155 25.74 -4.81 -40.62
CA ILE B 155 25.39 -4.45 -39.25
C ILE B 155 24.85 -5.66 -38.50
N ASN B 156 25.15 -5.77 -37.22
CA ASN B 156 24.61 -6.86 -36.41
C ASN B 156 23.41 -6.36 -35.55
N ALA B 157 22.24 -6.92 -35.82
CA ALA B 157 21.03 -6.43 -35.18
C ALA B 157 21.07 -6.65 -33.71
N TYR B 158 21.88 -7.60 -33.25
CA TYR B 158 21.83 -8.04 -31.86
C TYR B 158 22.05 -6.91 -30.84
N ASP B 159 22.81 -5.91 -31.24
CA ASP B 159 23.19 -4.81 -30.35
C ASP B 159 22.03 -3.83 -30.11
N LEU B 160 21.07 -3.86 -31.03
CA LEU B 160 19.85 -3.06 -30.92
C LEU B 160 18.85 -3.74 -30.00
N LEU B 161 19.04 -5.03 -29.70
CA LEU B 161 18.22 -5.69 -28.69
C LEU B 161 18.75 -5.35 -27.29
N PRO B 162 17.85 -5.16 -26.32
CA PRO B 162 18.31 -4.92 -24.95
C PRO B 162 19.05 -6.11 -24.37
N LYS B 163 19.82 -5.89 -23.31
CA LYS B 163 20.59 -6.96 -22.67
C LYS B 163 19.68 -8.00 -22.02
N LYS B 164 18.69 -7.53 -21.26
CA LYS B 164 17.70 -8.41 -20.64
C LYS B 164 16.62 -8.67 -21.69
N LYS B 165 16.42 -9.93 -22.06
CA LYS B 165 15.58 -10.28 -23.21
C LYS B 165 14.22 -10.81 -22.77
N LYS B 166 13.80 -10.46 -21.56
CA LYS B 166 12.48 -10.78 -21.08
C LYS B 166 11.40 -10.06 -21.89
N TYR B 167 10.38 -10.82 -22.31
CA TYR B 167 9.44 -10.34 -23.31
C TYR B 167 7.97 -10.64 -23.01
N TYR B 168 7.14 -9.82 -23.66
CA TYR B 168 5.73 -10.05 -23.79
C TYR B 168 5.48 -10.81 -25.10
N ARG B 169 4.46 -11.67 -25.15
CA ARG B 169 4.10 -12.34 -26.40
C ARG B 169 2.58 -12.31 -26.63
N TYR B 170 2.20 -12.14 -27.89
CA TYR B 170 0.79 -12.22 -28.25
C TYR B 170 0.71 -12.50 -29.74
N SER B 171 -0.48 -12.94 -30.14
CA SER B 171 -0.81 -13.19 -31.51
C SER B 171 -1.47 -11.97 -32.18
N GLY B 172 -0.81 -11.42 -33.19
CA GLY B 172 -1.32 -10.26 -33.86
C GLY B 172 -1.13 -10.24 -35.33
N SER B 173 -0.85 -9.06 -35.89
CA SER B 173 -0.81 -8.86 -37.32
C SER B 173 0.33 -7.96 -37.69
N LEU B 174 0.50 -7.80 -39.00
CA LEU B 174 1.32 -6.75 -39.52
C LEU B 174 0.67 -5.41 -39.12
N THR B 175 1.50 -4.41 -38.84
CA THR B 175 1.01 -3.07 -38.49
C THR B 175 0.82 -2.15 -39.71
N THR B 176 1.05 -2.69 -40.91
CA THR B 176 0.83 -1.97 -42.15
C THR B 176 -0.05 -2.79 -43.10
N PRO B 177 -0.74 -2.12 -44.02
CA PRO B 177 -1.59 -2.92 -44.91
C PRO B 177 -0.78 -3.97 -45.65
N PRO B 178 -1.37 -5.14 -45.90
CA PRO B 178 -2.75 -5.59 -45.66
C PRO B 178 -3.07 -6.07 -44.24
N CYS B 179 -2.23 -5.78 -43.27
CA CYS B 179 -2.55 -6.07 -41.89
C CYS B 179 -2.84 -7.54 -41.64
N SER B 180 -2.08 -8.41 -42.29
CA SER B 180 -2.25 -9.83 -42.14
C SER B 180 -2.02 -10.30 -40.71
N GLU B 181 -2.90 -11.21 -40.25
CA GLU B 181 -2.78 -11.83 -38.93
C GLU B 181 -1.94 -13.12 -38.97
N GLY B 182 -1.86 -13.79 -37.83
CA GLY B 182 -1.05 -14.98 -37.70
C GLY B 182 0.42 -14.69 -37.47
N VAL B 183 0.68 -13.48 -36.96
CA VAL B 183 2.02 -13.02 -36.65
C VAL B 183 2.30 -13.19 -35.16
N ARG B 184 3.41 -13.84 -34.87
CA ARG B 184 3.92 -13.97 -33.51
C ARG B 184 4.62 -12.70 -33.12
N TRP B 185 4.15 -12.01 -32.10
CA TRP B 185 4.80 -10.79 -31.67
C TRP B 185 5.60 -11.07 -30.41
N ILE B 186 6.85 -10.63 -30.38
CA ILE B 186 7.68 -10.75 -29.20
C ILE B 186 8.10 -9.33 -28.83
N VAL B 187 7.48 -8.74 -27.81
CA VAL B 187 7.81 -7.35 -27.45
C VAL B 187 8.70 -7.37 -26.20
N MET B 188 9.95 -6.90 -26.33
CA MET B 188 10.92 -6.88 -25.22
C MET B 188 10.51 -5.89 -24.18
N GLU B 189 10.66 -6.27 -22.93
CA GLU B 189 10.30 -5.41 -21.81
C GLU B 189 11.32 -4.29 -21.58
N GLU B 190 12.61 -4.62 -21.58
CA GLU B 190 13.59 -3.60 -21.24
C GLU B 190 13.67 -2.57 -22.36
N GLU B 191 13.61 -1.29 -21.96
CA GLU B 191 13.59 -0.15 -22.88
C GLU B 191 15.04 0.19 -23.31
N MET B 192 15.21 0.39 -24.61
CA MET B 192 16.47 0.77 -25.21
C MET B 192 16.59 2.30 -25.25
N GLU B 193 17.73 2.80 -25.73
CA GLU B 193 17.96 4.25 -25.82
C GLU B 193 18.53 4.72 -27.16
N LEU B 194 18.08 5.89 -27.59
CA LEU B 194 18.70 6.67 -28.66
C LEU B 194 18.40 8.17 -28.39
N SER B 195 19.18 9.08 -28.99
CA SER B 195 19.04 10.50 -28.66
C SER B 195 17.82 11.20 -29.24
N LYS B 196 17.43 12.31 -28.64
CA LYS B 196 16.37 13.11 -29.19
C LYS B 196 16.66 13.53 -30.65
N GLU B 197 17.79 14.21 -30.89
CA GLU B 197 18.24 14.44 -32.26
C GLU B 197 18.71 13.04 -32.65
N GLN B 198 17.98 12.44 -33.57
CA GLN B 198 18.14 11.06 -34.02
C GLN B 198 16.70 10.69 -34.23
N ILE B 199 15.91 10.86 -33.17
CA ILE B 199 14.48 10.62 -33.27
C ILE B 199 13.93 11.71 -34.15
N GLU B 200 14.36 12.92 -33.89
CA GLU B 200 13.84 14.04 -34.64
C GLU B 200 14.26 13.95 -36.07
N LYS B 201 15.48 13.43 -36.32
CA LYS B 201 15.93 13.32 -37.68
C LYS B 201 15.01 12.38 -38.44
N PHE B 202 14.70 11.27 -37.79
CA PHE B 202 13.85 10.24 -38.36
C PHE B 202 12.47 10.76 -38.67
N ARG B 203 11.86 11.46 -37.71
CA ARG B 203 10.51 11.97 -37.92
C ARG B 203 10.48 12.96 -39.05
N LYS B 204 11.48 13.81 -39.13
CA LYS B 204 11.49 14.83 -40.17
C LYS B 204 11.58 14.17 -41.53
N LEU B 205 12.38 13.12 -41.61
CA LEU B 205 12.56 12.44 -42.88
C LEU B 205 11.26 11.67 -43.24
N MET B 206 10.63 11.10 -42.23
CA MET B 206 9.44 10.31 -42.46
C MET B 206 8.19 11.17 -42.66
N GLY B 207 8.18 12.36 -42.10
CA GLY B 207 7.12 13.33 -42.36
C GLY B 207 6.06 13.31 -41.27
N GLY B 208 6.46 12.92 -40.07
CA GLY B 208 5.56 12.86 -38.94
C GLY B 208 5.52 11.48 -38.33
N ASP B 209 4.42 11.24 -37.61
CA ASP B 209 4.22 9.98 -36.94
C ASP B 209 4.29 8.87 -38.02
N THR B 210 4.82 7.72 -37.62
CA THR B 210 4.85 6.58 -38.50
C THR B 210 4.32 5.38 -37.72
N ASN B 211 3.34 5.61 -36.86
CA ASN B 211 2.78 4.54 -36.05
C ASN B 211 1.30 4.33 -36.25
N ARG B 212 0.90 3.06 -36.21
CA ARG B 212 -0.49 2.69 -36.29
C ARG B 212 -1.11 2.85 -34.91
N PRO B 213 -2.30 3.39 -34.86
CA PRO B 213 -2.99 3.40 -33.57
C PRO B 213 -3.09 2.01 -32.93
N VAL B 214 -3.01 1.89 -31.61
CA VAL B 214 -3.21 0.59 -30.98
C VAL B 214 -4.59 0.09 -31.31
N GLN B 215 -4.69 -1.21 -31.33
CA GLN B 215 -5.92 -1.93 -31.66
C GLN B 215 -6.48 -2.61 -30.45
N PRO B 216 -7.78 -2.83 -30.45
CA PRO B 216 -8.38 -3.52 -29.31
C PRO B 216 -7.79 -4.91 -29.15
N LEU B 217 -7.55 -5.30 -27.91
CA LEU B 217 -7.11 -6.66 -27.64
C LEU B 217 -8.20 -7.68 -28.01
N ASN B 218 -9.45 -7.36 -27.69
CA ASN B 218 -10.60 -8.28 -27.81
C ASN B 218 -10.37 -9.49 -26.94
N ALA B 219 -10.21 -10.66 -27.53
CA ALA B 219 -10.13 -11.87 -26.69
C ALA B 219 -8.71 -12.19 -26.16
N ARG B 220 -7.75 -11.46 -26.68
CA ARG B 220 -6.37 -11.82 -26.41
C ARG B 220 -5.94 -11.39 -25.04
N MET B 221 -4.94 -12.11 -24.56
CA MET B 221 -4.19 -11.67 -23.43
C MET B 221 -2.75 -11.58 -23.82
N ILE B 222 -2.05 -10.64 -23.23
CA ILE B 222 -0.62 -10.52 -23.47
C ILE B 222 0.06 -11.38 -22.41
N MET B 223 0.94 -12.29 -22.82
CA MET B 223 1.71 -13.11 -21.86
C MET B 223 3.04 -12.46 -21.55
N GLU B 224 3.47 -12.57 -20.29
CA GLU B 224 4.78 -12.09 -19.79
C GLU B 224 5.60 -13.26 -19.27
N MET B 225 6.88 -13.38 -19.64
CA MET B 225 7.74 -14.40 -19.00
C MET B 225 7.84 -14.29 -17.46
N ASP B 226 7.98 -15.43 -16.75
CA ASP B 226 8.29 -15.40 -15.31
C ASP B 226 9.77 -15.74 -15.10
N HIS C 5 -18.51 16.66 35.11
CA HIS C 5 -18.87 15.39 34.51
C HIS C 5 -17.92 14.98 33.38
N TRP C 6 -17.06 14.00 33.66
CA TRP C 6 -16.13 13.43 32.68
C TRP C 6 -16.54 11.97 32.46
N SER C 7 -16.19 11.39 31.31
CA SER C 7 -16.57 9.99 31.03
C SER C 7 -15.58 9.34 30.08
N TYR C 8 -15.88 8.12 29.61
CA TYR C 8 -14.97 7.45 28.70
C TYR C 8 -15.37 7.51 27.25
N HIS C 9 -16.52 8.12 26.96
CA HIS C 9 -17.02 8.20 25.59
C HIS C 9 -17.56 9.60 25.29
N GLY C 10 -17.33 10.04 24.05
CA GLY C 10 -17.97 11.24 23.54
C GLY C 10 -17.29 12.55 23.90
N GLU C 11 -18.11 13.56 24.18
CA GLU C 11 -17.61 14.91 24.44
C GLU C 11 -16.85 15.02 25.74
N THR C 12 -17.23 14.20 26.72
CA THR C 12 -16.52 14.13 27.97
C THR C 12 -15.57 12.95 28.00
N GLY C 13 -15.18 12.46 26.80
CA GLY C 13 -14.22 11.37 26.69
C GLY C 13 -12.76 11.83 26.80
N PRO C 14 -11.80 10.88 26.90
CA PRO C 14 -10.37 11.14 27.16
C PRO C 14 -9.74 12.22 26.28
N GLN C 15 -10.21 12.32 25.05
CA GLN C 15 -9.65 13.28 24.12
C GLN C 15 -9.94 14.71 24.53
N HIS C 16 -10.91 14.87 25.41
CA HIS C 16 -11.37 16.20 25.81
C HIS C 16 -11.22 16.47 27.27
N TRP C 17 -10.72 15.49 28.03
CA TRP C 17 -10.63 15.65 29.46
C TRP C 17 -9.97 16.97 29.83
N GLY C 18 -8.90 17.34 29.14
CA GLY C 18 -8.17 18.57 29.43
C GLY C 18 -8.96 19.85 29.26
N ASP C 19 -10.02 19.80 28.47
CA ASP C 19 -10.77 21.02 28.14
C ASP C 19 -11.94 21.22 29.11
N LEU C 20 -12.28 20.17 29.87
CA LEU C 20 -13.47 20.15 30.75
C LEU C 20 -13.40 21.08 31.97
N LYS C 21 -12.33 20.95 32.75
CA LYS C 21 -12.11 21.83 33.88
C LYS C 21 -10.69 22.36 33.81
N ASN C 22 -10.46 23.52 34.40
CA ASN C 22 -9.12 24.06 34.45
C ASN C 22 -8.34 23.16 35.42
N GLU C 23 -9.05 22.47 36.31
CA GLU C 23 -8.43 21.55 37.25
C GLU C 23 -7.81 20.32 36.55
N TYR C 24 -8.21 20.08 35.31
CA TYR C 24 -7.80 18.92 34.52
C TYR C 24 -6.65 19.23 33.55
N ILE C 25 -5.91 20.30 33.80
CA ILE C 25 -4.95 20.79 32.83
C ILE C 25 -3.87 19.76 32.51
N MET C 26 -3.40 19.03 33.52
CA MET C 26 -2.35 18.07 33.28
C MET C 26 -2.77 16.93 32.39
N CYS C 27 -4.07 16.67 32.26
CA CYS C 27 -4.57 15.63 31.32
C CYS C 27 -4.18 15.98 29.87
N LYS C 28 -4.07 17.27 29.60
CA LYS C 28 -3.75 17.79 28.26
C LYS C 28 -2.28 18.20 28.04
N ILE C 29 -1.65 18.82 29.04
CA ILE C 29 -0.26 19.25 28.92
C ILE C 29 0.77 18.31 29.54
N GLY C 30 0.37 17.36 30.36
CA GLY C 30 1.34 16.48 31.00
C GLY C 30 2.18 15.67 30.01
N LYS C 31 3.43 15.42 30.40
CA LYS C 31 4.35 14.66 29.58
C LYS C 31 4.80 13.40 30.33
N ASN C 32 4.13 13.08 31.43
CA ASN C 32 4.41 11.85 32.18
C ASN C 32 3.09 11.23 32.55
N GLN C 33 2.31 10.94 31.53
CA GLN C 33 0.98 10.49 31.78
C GLN C 33 0.94 9.00 31.73
N SER C 34 -0.12 8.47 32.34
CA SER C 34 -0.46 7.07 32.37
C SER C 34 -1.86 6.95 31.79
N PRO C 35 -2.20 5.77 31.28
CA PRO C 35 -1.36 4.57 31.24
C PRO C 35 -0.46 4.70 30.04
N VAL C 36 0.43 3.72 29.84
CA VAL C 36 1.34 3.77 28.70
C VAL C 36 1.48 2.40 28.04
N ASP C 37 2.09 2.36 26.88
CA ASP C 37 2.41 1.07 26.28
C ASP C 37 3.78 0.67 26.83
N ILE C 38 3.81 -0.40 27.62
CA ILE C 38 5.04 -0.89 28.24
C ILE C 38 5.95 -1.39 27.13
N SER C 39 6.83 -0.51 26.66
CA SER C 39 7.56 -0.78 25.42
C SER C 39 9.04 -0.46 25.55
N ARG C 40 9.38 0.74 25.99
CA ARG C 40 10.78 1.15 26.06
C ARG C 40 11.32 0.55 27.34
N ILE C 41 11.66 -0.74 27.32
CA ILE C 41 11.92 -1.38 28.59
C ILE C 41 13.40 -1.49 28.83
N VAL C 42 13.79 -1.32 30.08
CA VAL C 42 15.18 -1.49 30.43
C VAL C 42 15.24 -2.28 31.72
N GLU C 43 16.09 -3.29 31.74
CA GLU C 43 16.28 -4.10 32.91
C GLU C 43 16.92 -3.25 33.99
N ALA C 44 16.43 -3.31 35.22
CA ALA C 44 16.94 -2.47 36.31
C ALA C 44 16.92 -3.14 37.67
N GLU C 45 17.77 -2.68 38.60
CA GLU C 45 17.78 -3.23 39.97
C GLU C 45 16.62 -2.67 40.78
N LEU C 46 15.44 -3.19 40.51
CA LEU C 46 14.29 -2.86 41.36
C LEU C 46 14.20 -3.91 42.47
N GLU C 47 13.94 -3.49 43.70
CA GLU C 47 13.88 -4.48 44.76
C GLU C 47 12.43 -5.00 44.89
N LYS C 48 12.30 -6.21 45.41
CA LYS C 48 10.99 -6.76 45.71
C LYS C 48 10.27 -5.87 46.75
N ILE C 49 9.01 -5.59 46.44
CA ILE C 49 8.14 -4.72 47.26
C ILE C 49 7.49 -5.46 48.44
N LYS C 50 7.67 -4.91 49.65
CA LYS C 50 7.09 -5.47 50.85
C LYS C 50 5.60 -5.20 50.81
N ILE C 51 4.80 -6.25 50.92
CA ILE C 51 3.37 -6.13 50.92
C ILE C 51 2.84 -6.72 52.21
N ASN C 52 2.05 -5.91 52.90
CA ASN C 52 1.39 -6.32 54.12
C ASN C 52 -0.11 -5.98 54.05
N TYR C 53 -0.87 -6.93 53.52
CA TYR C 53 -2.29 -6.81 53.38
C TYR C 53 -3.03 -7.62 54.46
N SER C 54 -4.25 -7.18 54.72
CA SER C 54 -5.16 -7.80 55.67
C SER C 54 -6.54 -7.79 55.07
N SER C 55 -7.47 -8.56 55.62
CA SER C 55 -8.87 -8.45 55.15
C SER C 55 -9.47 -7.09 55.53
N GLY C 56 -9.45 -6.13 54.63
CA GLY C 56 -9.92 -4.80 54.94
C GLY C 56 -10.88 -4.29 53.89
N GLY C 57 -11.18 -5.11 52.90
CA GLY C 57 -12.11 -4.69 51.85
C GLY C 57 -13.52 -4.66 52.40
N SER C 58 -13.93 -3.48 52.86
CA SER C 58 -15.15 -3.34 53.64
C SER C 58 -16.37 -2.96 52.80
N SER C 59 -16.26 -2.12 51.77
CA SER C 59 -17.46 -1.70 51.00
C SER C 59 -17.18 -1.67 49.49
N ILE C 60 -18.25 -1.72 48.71
CA ILE C 60 -18.21 -1.67 47.26
C ILE C 60 -19.02 -0.50 46.75
N THR C 61 -18.45 0.27 45.85
CA THR C 61 -19.09 1.46 45.32
C THR C 61 -19.07 1.51 43.81
N ASN C 62 -20.06 2.15 43.22
CA ASN C 62 -20.13 2.32 41.79
C ASN C 62 -20.27 3.79 41.53
N ASN C 63 -19.16 4.43 41.15
CA ASN C 63 -19.18 5.87 40.93
C ASN C 63 -19.49 6.17 39.50
N GLY C 64 -19.95 5.13 38.80
CA GLY C 64 -20.32 5.19 37.41
C GLY C 64 -19.13 5.00 36.48
N HIS C 65 -17.92 5.33 36.97
CA HIS C 65 -16.70 5.20 36.17
C HIS C 65 -16.04 3.84 36.38
N THR C 66 -16.25 3.23 37.53
CA THR C 66 -15.66 1.95 37.85
C THR C 66 -16.40 1.32 39.03
N ILE C 67 -15.97 0.12 39.41
CA ILE C 67 -16.37 -0.52 40.64
C ILE C 67 -15.22 -0.43 41.62
N LYS C 68 -15.38 0.38 42.65
CA LYS C 68 -14.34 0.64 43.63
C LYS C 68 -14.63 -0.12 44.93
N VAL C 69 -13.64 -0.87 45.43
CA VAL C 69 -13.70 -1.51 46.75
C VAL C 69 -12.90 -0.69 47.76
N SER C 70 -13.60 -0.01 48.68
CA SER C 70 -12.92 0.82 49.66
C SER C 70 -12.26 -0.09 50.70
N TYR C 71 -11.06 0.29 51.13
CA TYR C 71 -10.22 -0.52 52.04
C TYR C 71 -9.98 0.15 53.40
N GLU C 72 -10.07 -0.59 54.50
CA GLU C 72 -9.87 0.04 55.77
C GLU C 72 -8.37 0.09 56.07
N PRO C 73 -7.95 0.97 57.00
CA PRO C 73 -6.53 1.17 57.27
C PRO C 73 -5.83 -0.06 57.82
N GLY C 74 -4.52 -0.18 57.58
CA GLY C 74 -3.74 -1.27 58.14
C GLY C 74 -2.95 -2.02 57.13
N SER C 75 -3.35 -1.87 55.87
CA SER C 75 -2.67 -2.53 54.78
C SER C 75 -1.77 -1.54 54.02
N TYR C 76 -0.59 -1.99 53.62
CA TYR C 76 0.35 -1.07 53.00
C TYR C 76 1.38 -1.76 52.18
N ILE C 77 2.06 -0.96 51.39
CA ILE C 77 3.24 -1.44 50.72
C ILE C 77 4.36 -0.46 51.03
N ILE C 78 5.59 -0.94 50.88
CA ILE C 78 6.77 -0.11 51.07
C ILE C 78 7.41 0.07 49.74
N VAL C 79 7.50 1.31 49.34
CA VAL C 79 8.17 1.69 48.10
C VAL C 79 9.12 2.84 48.43
N ASP C 80 10.39 2.71 48.04
CA ASP C 80 11.37 3.74 48.32
C ASP C 80 11.44 4.02 49.82
N GLY C 81 11.25 2.98 50.62
CA GLY C 81 11.33 3.14 52.05
C GLY C 81 10.18 3.94 52.66
N ILE C 82 9.14 4.18 51.88
CA ILE C 82 7.97 4.89 52.41
C ILE C 82 6.77 3.96 52.49
N ARG C 83 6.03 4.05 53.58
CA ARG C 83 4.85 3.22 53.77
C ARG C 83 3.72 3.91 53.04
N PHE C 84 3.16 3.21 52.04
CA PHE C 84 1.99 3.67 51.28
C PHE C 84 0.79 2.81 51.65
N GLU C 85 -0.20 3.41 52.33
CA GLU C 85 -1.37 2.68 52.85
C GLU C 85 -2.42 2.36 51.78
N LEU C 86 -2.90 1.13 51.76
CA LEU C 86 -3.88 0.75 50.73
C LEU C 86 -5.16 1.47 51.06
N LYS C 87 -5.61 2.30 50.14
CA LYS C 87 -6.82 3.08 50.33
C LYS C 87 -7.99 2.45 49.64
N GLN C 88 -7.74 1.90 48.46
CA GLN C 88 -8.79 1.31 47.66
C GLN C 88 -8.22 0.54 46.48
N PHE C 89 -9.08 -0.25 45.85
CA PHE C 89 -8.78 -0.84 44.56
C PHE C 89 -10.04 -0.90 43.68
N HIS C 90 -9.85 -0.77 42.36
CA HIS C 90 -10.96 -0.69 41.43
C HIS C 90 -10.57 -1.39 40.14
N PHE C 91 -11.42 -1.36 39.11
CA PHE C 91 -11.16 -2.16 37.91
C PHE C 91 -11.40 -1.36 36.61
N HIS C 92 -10.72 -1.78 35.53
CA HIS C 92 -10.91 -1.25 34.20
C HIS C 92 -11.04 -2.41 33.21
N ALA C 93 -11.78 -2.22 32.11
CA ALA C 93 -11.92 -3.23 31.05
C ALA C 93 -12.19 -2.54 29.73
N PRO C 94 -11.30 -2.75 28.76
CA PRO C 94 -10.06 -3.53 28.75
C PRO C 94 -8.93 -2.88 29.58
N SER C 95 -7.74 -3.48 29.59
CA SER C 95 -6.63 -3.01 30.40
C SER C 95 -6.29 -1.59 30.02
N GLU C 96 -5.76 -0.85 30.97
CA GLU C 96 -5.26 0.49 30.69
C GLU C 96 -3.86 0.48 30.10
N HIS C 97 -2.97 -0.28 30.72
CA HIS C 97 -1.64 -0.49 30.19
C HIS C 97 -1.74 -1.57 29.11
N THR C 98 -0.87 -1.48 28.13
CA THR C 98 -0.69 -2.51 27.15
C THR C 98 0.74 -2.86 27.27
N ILE C 99 1.04 -4.13 27.14
CA ILE C 99 2.40 -4.61 27.27
C ILE C 99 2.92 -5.10 25.91
N LYS C 100 3.93 -4.42 25.39
CA LYS C 100 4.45 -4.72 24.08
C LYS C 100 3.32 -4.77 23.10
N GLY C 101 2.40 -3.81 23.26
CA GLY C 101 1.30 -3.65 22.32
C GLY C 101 0.05 -4.41 22.69
N LYS C 102 0.20 -5.42 23.54
CA LYS C 102 -0.88 -6.33 23.87
C LYS C 102 -1.87 -5.74 24.88
N SER C 103 -3.17 -5.76 24.54
CA SER C 103 -4.23 -5.32 25.45
C SER C 103 -4.85 -6.47 26.18
N TYR C 104 -5.07 -6.32 27.48
CA TYR C 104 -5.68 -7.39 28.26
C TYR C 104 -7.12 -7.01 28.48
N PRO C 105 -8.01 -7.99 28.77
CA PRO C 105 -9.45 -7.69 28.89
C PRO C 105 -9.87 -6.99 30.19
N PHE C 106 -8.97 -6.97 31.18
CA PHE C 106 -9.33 -6.53 32.53
C PHE C 106 -8.10 -6.11 33.30
N GLU C 107 -8.18 -5.06 34.12
CA GLU C 107 -7.02 -4.60 34.90
C GLU C 107 -7.49 -4.11 36.23
N ALA C 108 -6.76 -4.43 37.28
CA ALA C 108 -7.10 -3.99 38.62
C ALA C 108 -6.05 -3.02 39.12
N HIS C 109 -6.51 -1.92 39.70
CA HIS C 109 -5.61 -0.91 40.28
C HIS C 109 -5.75 -0.87 41.77
N PHE C 110 -4.61 -1.03 42.45
CA PHE C 110 -4.54 -0.96 43.89
C PHE C 110 -3.86 0.33 44.27
N VAL C 111 -4.66 1.25 44.78
CA VAL C 111 -4.23 2.61 45.04
C VAL C 111 -3.75 2.82 46.48
N HIS C 112 -2.49 3.27 46.58
CA HIS C 112 -1.87 3.52 47.87
C HIS C 112 -1.48 4.99 48.02
N ALA C 113 -1.35 5.42 49.26
CA ALA C 113 -1.00 6.81 49.52
C ALA C 113 -0.27 6.89 50.81
N ASP C 114 0.76 7.74 50.86
CA ASP C 114 1.55 7.86 52.07
C ASP C 114 0.99 8.98 52.93
N LYS C 115 1.56 9.17 54.12
CA LYS C 115 1.06 10.15 55.06
C LYS C 115 0.96 11.52 54.36
N ASP C 116 1.83 11.78 53.39
CA ASP C 116 1.88 13.08 52.72
C ASP C 116 0.94 13.17 51.51
N GLY C 117 0.28 12.08 51.13
CA GLY C 117 -0.65 12.14 50.00
C GLY C 117 -0.07 11.78 48.65
N ASN C 118 1.20 11.36 48.63
CA ASN C 118 1.83 10.83 47.44
C ASN C 118 1.29 9.48 47.13
N LEU C 119 1.05 9.20 45.85
CA LEU C 119 0.43 7.91 45.47
C LEU C 119 1.32 6.83 44.92
N ALA C 120 0.98 5.59 45.24
CA ALA C 120 1.61 4.43 44.61
C ALA C 120 0.52 3.47 44.23
N VAL C 121 0.45 3.14 42.95
CA VAL C 121 -0.58 2.26 42.42
C VAL C 121 0.01 0.99 41.84
N ILE C 122 -0.53 -0.12 42.29
CA ILE C 122 -0.17 -1.42 41.75
C ILE C 122 -1.19 -1.81 40.71
N GLY C 123 -0.70 -2.19 39.55
CA GLY C 123 -1.54 -2.61 38.46
C GLY C 123 -1.37 -4.09 38.21
N VAL C 124 -2.49 -4.80 38.12
CA VAL C 124 -2.54 -6.20 37.83
C VAL C 124 -3.41 -6.44 36.59
N ILE C 125 -2.87 -7.15 35.60
CA ILE C 125 -3.57 -7.50 34.37
C ILE C 125 -4.15 -8.92 34.47
N PHE C 126 -5.31 -9.13 33.85
CA PHE C 126 -5.97 -10.42 33.88
C PHE C 126 -6.14 -10.95 32.47
N LYS C 127 -6.18 -12.26 32.30
CA LYS C 127 -6.68 -12.84 31.04
C LYS C 127 -7.91 -13.66 31.39
N GLU C 128 -8.57 -14.18 30.35
CA GLU C 128 -9.73 -15.05 30.53
C GLU C 128 -9.23 -16.35 31.02
N GLY C 129 -9.92 -16.87 32.00
CA GLY C 129 -9.56 -18.17 32.55
C GLY C 129 -10.66 -18.71 33.43
N LYS C 130 -10.30 -19.31 34.54
CA LYS C 130 -11.24 -19.85 35.50
C LYS C 130 -11.97 -18.72 36.26
N LYS C 131 -13.17 -19.04 36.73
CA LYS C 131 -13.91 -18.14 37.60
C LYS C 131 -13.05 -17.75 38.78
N ASN C 132 -12.82 -16.46 38.95
CA ASN C 132 -12.06 -15.96 40.08
C ASN C 132 -12.90 -15.90 41.35
N PRO C 133 -12.40 -16.48 42.47
CA PRO C 133 -13.23 -16.47 43.69
C PRO C 133 -13.44 -15.09 44.26
N ILE C 134 -12.37 -14.28 44.32
CA ILE C 134 -12.41 -12.97 44.98
C ILE C 134 -13.27 -12.07 44.11
N ILE C 135 -13.06 -12.11 42.79
CA ILE C 135 -13.87 -11.29 41.89
C ILE C 135 -15.35 -11.64 42.02
N GLU C 136 -15.65 -12.93 42.24
CA GLU C 136 -17.00 -13.42 42.40
C GLU C 136 -17.67 -12.83 43.64
N LYS C 137 -16.95 -12.79 44.77
CA LYS C 137 -17.50 -12.18 45.98
C LYS C 137 -17.94 -10.73 45.73
N ILE C 138 -17.13 -9.98 45.01
CA ILE C 138 -17.42 -8.58 44.73
C ILE C 138 -18.61 -8.49 43.76
N TRP C 139 -18.62 -9.39 42.80
CA TRP C 139 -19.62 -9.44 41.72
C TRP C 139 -21.02 -9.85 42.21
N GLU C 140 -21.11 -10.55 43.35
CA GLU C 140 -22.38 -10.96 43.95
C GLU C 140 -23.03 -9.66 44.40
N ASN C 141 -22.17 -8.75 44.86
CA ASN C 141 -22.58 -7.51 45.49
C ASN C 141 -22.24 -6.28 44.66
N LEU C 142 -22.69 -6.23 43.42
CA LEU C 142 -22.33 -5.12 42.55
C LEU C 142 -23.45 -4.11 42.54
N PRO C 143 -23.17 -2.88 42.96
CA PRO C 143 -24.24 -1.88 43.04
C PRO C 143 -24.51 -1.17 41.75
N GLU C 144 -25.60 -0.43 41.74
CA GLU C 144 -25.96 0.41 40.64
C GLU C 144 -25.18 1.68 40.80
N ALA C 145 -25.04 2.42 39.71
CA ALA C 145 -24.28 3.65 39.72
C ALA C 145 -24.85 4.60 40.77
N GLY C 146 -23.95 5.22 41.53
CA GLY C 146 -24.25 6.16 42.58
C GLY C 146 -24.33 5.50 43.93
N LYS C 147 -24.50 4.19 43.98
CA LYS C 147 -24.76 3.58 45.27
C LYS C 147 -23.65 2.68 45.76
N THR C 148 -23.64 2.51 47.06
CA THR C 148 -22.63 1.75 47.79
C THR C 148 -23.26 0.60 48.57
N ILE C 149 -22.49 -0.44 48.77
CA ILE C 149 -22.96 -1.63 49.44
C ILE C 149 -21.91 -2.08 50.44
N LYS C 150 -22.25 -2.14 51.72
CA LYS C 150 -21.33 -2.69 52.73
C LYS C 150 -21.28 -4.19 52.61
N LEU C 151 -20.19 -4.78 53.06
CA LEU C 151 -19.97 -6.19 52.81
C LEU C 151 -20.27 -7.07 53.99
N ALA C 152 -19.64 -6.75 55.12
CA ALA C 152 -19.79 -7.54 56.36
C ALA C 152 -18.86 -8.77 56.34
N HIS C 153 -18.54 -9.29 55.15
CA HIS C 153 -17.37 -10.18 55.04
C HIS C 153 -16.22 -9.53 54.27
N LYS C 154 -15.18 -9.12 54.99
CA LYS C 154 -14.07 -8.38 54.43
C LYS C 154 -13.22 -9.23 53.50
N ILE C 155 -12.88 -8.61 52.37
CA ILE C 155 -12.10 -9.25 51.33
C ILE C 155 -10.66 -8.84 51.53
N ASN C 156 -9.73 -9.75 51.26
CA ASN C 156 -8.29 -9.46 51.29
C ASN C 156 -7.80 -9.29 49.88
N ALA C 157 -7.30 -8.11 49.57
CA ALA C 157 -6.85 -7.83 48.21
C ALA C 157 -5.63 -8.68 47.79
N TYR C 158 -4.90 -9.23 48.76
CA TYR C 158 -3.67 -9.93 48.45
C TYR C 158 -3.87 -11.07 47.49
N ASP C 159 -5.04 -11.67 47.59
CA ASP C 159 -5.42 -12.83 46.80
C ASP C 159 -5.72 -12.46 45.33
N LEU C 160 -5.83 -11.17 45.04
CA LEU C 160 -5.94 -10.73 43.66
C LEU C 160 -4.57 -10.46 43.00
N LEU C 161 -3.51 -10.29 43.80
CA LEU C 161 -2.15 -10.12 43.26
C LEU C 161 -1.52 -11.46 42.85
N PRO C 162 -0.80 -11.52 41.71
CA PRO C 162 -0.13 -12.79 41.40
C PRO C 162 0.91 -13.23 42.42
N LYS C 163 1.25 -14.53 42.39
CA LYS C 163 2.20 -15.14 43.31
C LYS C 163 3.60 -14.63 43.05
N LYS C 164 3.97 -14.51 41.77
CA LYS C 164 5.25 -13.91 41.34
C LYS C 164 5.09 -12.40 41.15
N LYS C 165 5.82 -11.61 41.93
CA LYS C 165 5.54 -10.19 41.98
C LYS C 165 6.57 -9.37 41.18
N LYS C 166 7.25 -10.03 40.25
CA LYS C 166 8.10 -9.31 39.33
C LYS C 166 7.31 -8.21 38.65
N TYR C 167 7.88 -7.02 38.60
CA TYR C 167 7.12 -5.89 38.15
C TYR C 167 7.85 -4.93 37.28
N TYR C 168 7.05 -4.15 36.53
CA TYR C 168 7.52 -2.95 35.86
C TYR C 168 7.28 -1.69 36.71
N ARG C 169 8.17 -0.70 36.59
CA ARG C 169 7.96 0.57 37.26
C ARG C 169 8.23 1.76 36.37
N TYR C 170 7.45 2.82 36.57
CA TYR C 170 7.68 4.11 35.89
C TYR C 170 6.90 5.21 36.62
N SER C 171 7.26 6.47 36.39
CA SER C 171 6.60 7.60 37.01
C SER C 171 5.57 8.14 36.07
N GLY C 172 4.31 8.14 36.50
CA GLY C 172 3.23 8.63 35.68
C GLY C 172 2.13 9.38 36.43
N SER C 173 0.89 9.03 36.10
CA SER C 173 -0.23 9.81 36.57
C SER C 173 -1.43 8.98 36.95
N LEU C 174 -2.39 9.65 37.56
CA LEU C 174 -3.74 9.12 37.70
C LEU C 174 -4.25 8.95 36.25
N THR C 175 -4.98 7.87 36.00
CA THR C 175 -5.49 7.59 34.66
C THR C 175 -6.87 8.20 34.42
N THR C 176 -7.35 8.92 35.44
CA THR C 176 -8.60 9.64 35.34
C THR C 176 -8.36 11.05 35.88
N PRO C 177 -9.19 12.01 35.45
CA PRO C 177 -9.02 13.38 35.88
C PRO C 177 -8.90 13.47 37.39
N PRO C 178 -8.12 14.44 37.89
CA PRO C 178 -7.40 15.49 37.18
C PRO C 178 -6.05 15.08 36.59
N CYS C 179 -5.79 13.78 36.45
CA CYS C 179 -4.63 13.24 35.75
C CYS C 179 -3.28 13.67 36.37
N SER C 180 -3.26 13.78 37.67
CA SER C 180 -2.08 14.25 38.31
C SER C 180 -0.91 13.30 38.17
N GLU C 181 0.24 13.93 37.88
CA GLU C 181 1.51 13.24 37.75
C GLU C 181 2.15 13.05 39.12
N GLY C 182 3.34 12.49 39.14
CA GLY C 182 4.00 12.23 40.38
C GLY C 182 3.49 10.96 41.00
N VAL C 183 2.88 10.10 40.19
CA VAL C 183 2.38 8.81 40.67
C VAL C 183 3.41 7.68 40.39
N ARG C 184 3.72 6.93 41.44
CA ARG C 184 4.56 5.77 41.31
C ARG C 184 3.74 4.60 40.76
N TRP C 185 4.08 4.07 39.60
CA TRP C 185 3.33 2.93 39.06
C TRP C 185 4.13 1.65 39.19
N ILE C 186 3.47 0.63 39.67
CA ILE C 186 4.02 -0.71 39.76
C ILE C 186 3.12 -1.70 38.99
N VAL C 187 3.49 -2.10 37.79
CA VAL C 187 2.67 -3.04 37.03
C VAL C 187 3.24 -4.45 37.08
N MET C 188 2.51 -5.37 37.69
CA MET C 188 2.94 -6.76 37.83
C MET C 188 2.95 -7.42 36.45
N GLU C 189 3.98 -8.21 36.17
CA GLU C 189 4.10 -8.86 34.87
C GLU C 189 3.18 -10.09 34.74
N GLU C 190 3.08 -10.86 35.82
CA GLU C 190 2.30 -12.06 35.78
C GLU C 190 0.86 -11.66 35.68
N GLU C 191 0.17 -12.36 34.77
CA GLU C 191 -1.23 -12.13 34.49
C GLU C 191 -2.08 -12.97 35.46
N MET C 192 -3.09 -12.34 36.05
CA MET C 192 -4.09 -13.04 36.87
C MET C 192 -5.21 -13.57 35.97
N GLU C 193 -6.20 -14.29 36.53
CA GLU C 193 -7.29 -14.83 35.71
C GLU C 193 -8.65 -14.53 36.27
N LEU C 194 -9.58 -14.29 35.37
CA LEU C 194 -10.96 -14.28 35.74
C LEU C 194 -11.87 -14.76 34.61
N SER C 195 -13.09 -15.13 34.96
CA SER C 195 -13.98 -15.73 34.01
C SER C 195 -14.38 -14.69 32.98
N LYS C 196 -14.65 -15.17 31.79
CA LYS C 196 -15.14 -14.36 30.71
C LYS C 196 -16.46 -13.69 31.04
N GLU C 197 -17.36 -14.43 31.70
CA GLU C 197 -18.64 -13.85 32.08
C GLU C 197 -18.43 -12.80 33.16
N GLN C 198 -17.41 -13.00 33.99
CA GLN C 198 -17.12 -12.03 35.04
C GLN C 198 -16.74 -10.73 34.33
N ILE C 199 -15.98 -10.84 33.23
CA ILE C 199 -15.56 -9.66 32.47
C ILE C 199 -16.75 -8.99 31.81
N GLU C 200 -17.59 -9.75 31.10
CA GLU C 200 -18.72 -9.18 30.33
C GLU C 200 -19.77 -8.57 31.28
N LYS C 201 -19.94 -9.17 32.45
CA LYS C 201 -20.81 -8.59 33.46
C LYS C 201 -20.32 -7.18 33.86
N PHE C 202 -19.00 -7.01 34.05
CA PHE C 202 -18.44 -5.72 34.44
C PHE C 202 -18.66 -4.72 33.30
N ARG C 203 -18.35 -5.12 32.07
CA ARG C 203 -18.54 -4.20 30.94
C ARG C 203 -20.02 -3.82 30.76
N LYS C 204 -20.96 -4.76 30.91
CA LYS C 204 -22.36 -4.41 30.70
C LYS C 204 -22.77 -3.41 31.75
N LEU C 205 -22.36 -3.64 32.98
CA LEU C 205 -22.72 -2.69 34.04
C LEU C 205 -22.11 -1.32 33.79
N MET C 206 -20.89 -1.29 33.28
CA MET C 206 -20.20 -0.02 33.13
C MET C 206 -20.69 0.65 31.85
N GLY C 207 -21.12 -0.13 30.88
CA GLY C 207 -21.74 0.45 29.69
C GLY C 207 -20.76 0.66 28.55
N GLY C 208 -19.70 -0.17 28.51
CA GLY C 208 -18.65 -0.11 27.51
C GLY C 208 -17.28 -0.03 28.11
N ASP C 209 -16.31 0.40 27.31
CA ASP C 209 -14.90 0.50 27.75
C ASP C 209 -14.71 1.46 28.92
N THR C 210 -13.78 1.13 29.81
CA THR C 210 -13.41 2.01 30.92
C THR C 210 -11.88 2.21 30.97
N ASN C 211 -11.25 2.38 29.80
CA ASN C 211 -9.84 2.65 29.77
C ASN C 211 -9.46 3.89 28.99
N ARG C 212 -8.51 4.62 29.58
CA ARG C 212 -7.89 5.77 28.93
C ARG C 212 -6.95 5.25 27.89
N PRO C 213 -6.94 5.86 26.71
CA PRO C 213 -5.87 5.49 25.77
C PRO C 213 -4.47 5.60 26.39
N VAL C 214 -3.54 4.75 25.99
CA VAL C 214 -2.17 4.87 26.48
C VAL C 214 -1.64 6.17 25.99
N GLN C 215 -0.79 6.78 26.82
CA GLN C 215 -0.22 8.08 26.51
C GLN C 215 1.24 7.90 26.11
N PRO C 216 1.77 8.87 25.39
CA PRO C 216 3.18 8.79 24.95
C PRO C 216 4.13 8.67 26.12
N LEU C 217 5.12 7.80 25.99
CA LEU C 217 6.21 7.74 26.99
C LEU C 217 7.01 9.01 27.09
N ASN C 218 7.22 9.66 25.95
CA ASN C 218 8.09 10.84 25.89
C ASN C 218 9.53 10.55 26.31
N ALA C 219 9.97 11.14 27.42
CA ALA C 219 11.39 11.03 27.82
C ALA C 219 11.63 9.83 28.72
N ARG C 220 10.53 9.23 29.12
CA ARG C 220 10.51 8.14 30.07
C ARG C 220 10.90 6.79 29.46
N MET C 221 11.28 5.89 30.37
CA MET C 221 11.54 4.51 30.11
C MET C 221 10.76 3.65 31.07
N ILE C 222 10.41 2.41 30.72
CA ILE C 222 9.81 1.52 31.71
C ILE C 222 10.93 0.64 32.26
N MET C 223 11.06 0.61 33.58
CA MET C 223 12.02 -0.28 34.18
C MET C 223 11.35 -1.60 34.53
N GLU C 224 12.09 -2.69 34.34
CA GLU C 224 11.67 -4.04 34.66
C GLU C 224 12.57 -4.61 35.74
N MET C 225 11.98 -5.14 36.81
CA MET C 225 12.76 -5.78 37.85
C MET C 225 13.52 -6.90 37.25
N ASP C 226 14.80 -6.97 37.55
CA ASP C 226 15.63 -8.03 37.02
C ASP C 226 15.59 -9.31 37.87
N HIS D 5 -14.54 30.32 -28.90
CA HIS D 5 -14.47 28.90 -29.16
C HIS D 5 -13.10 28.49 -29.67
N TRP D 6 -12.33 27.80 -28.82
CA TRP D 6 -11.08 27.14 -29.23
C TRP D 6 -11.28 25.66 -28.88
N SER D 7 -10.58 24.76 -29.57
CA SER D 7 -10.72 23.32 -29.34
C SER D 7 -9.44 22.50 -29.59
N TYR D 8 -9.51 21.18 -29.50
CA TYR D 8 -8.31 20.39 -29.70
C TYR D 8 -8.28 19.81 -31.10
N HIS D 9 -9.28 20.14 -31.91
CA HIS D 9 -9.41 19.58 -33.25
C HIS D 9 -9.76 20.64 -34.29
N GLY D 10 -9.09 20.53 -35.43
CA GLY D 10 -9.38 21.33 -36.63
C GLY D 10 -8.79 22.72 -36.75
N GLU D 11 -9.59 23.62 -37.33
CA GLU D 11 -9.26 25.05 -37.55
C GLU D 11 -9.31 25.89 -36.24
N THR D 12 -10.03 25.41 -35.22
CA THR D 12 -9.98 26.02 -33.89
C THR D 12 -9.04 25.21 -32.99
N GLY D 13 -8.18 24.40 -33.64
CA GLY D 13 -7.22 23.52 -32.98
C GLY D 13 -5.91 24.19 -32.61
N PRO D 14 -5.05 23.50 -31.84
CA PRO D 14 -3.81 24.07 -31.28
C PRO D 14 -2.89 24.83 -32.24
N GLN D 15 -2.72 24.41 -33.48
CA GLN D 15 -1.84 25.14 -34.41
C GLN D 15 -2.45 26.43 -34.90
N HIS D 16 -3.72 26.61 -34.57
CA HIS D 16 -4.51 27.73 -35.06
C HIS D 16 -4.86 28.71 -33.93
N TRP D 17 -4.61 28.32 -32.69
CA TRP D 17 -5.03 29.15 -31.55
C TRP D 17 -4.52 30.58 -31.59
N GLY D 18 -3.25 30.73 -31.90
CA GLY D 18 -2.62 32.03 -31.89
C GLY D 18 -3.23 33.01 -32.86
N ASP D 19 -3.97 32.50 -33.83
CA ASP D 19 -4.50 33.30 -34.93
C ASP D 19 -5.97 33.71 -34.71
N LEU D 20 -6.67 33.04 -33.79
CA LEU D 20 -8.12 33.27 -33.59
C LEU D 20 -8.46 34.65 -33.03
N LYS D 21 -7.90 34.97 -31.86
CA LYS D 21 -8.13 36.24 -31.19
C LYS D 21 -6.78 36.90 -30.97
N ASN D 22 -6.73 38.23 -30.89
CA ASN D 22 -5.45 38.88 -30.59
C ASN D 22 -5.03 38.57 -29.13
N GLU D 23 -6.00 38.24 -28.28
CA GLU D 23 -5.75 37.92 -26.89
C GLU D 23 -4.95 36.61 -26.74
N TYR D 24 -4.91 35.82 -27.80
CA TYR D 24 -4.20 34.55 -27.83
C TYR D 24 -2.83 34.63 -28.53
N ILE D 25 -2.24 35.82 -28.67
CA ILE D 25 -1.08 35.94 -29.54
C ILE D 25 0.14 35.17 -29.02
N MET D 26 0.32 35.07 -27.69
CA MET D 26 1.51 34.39 -27.12
C MET D 26 1.57 32.91 -27.55
N CYS D 27 0.41 32.35 -27.88
CA CYS D 27 0.35 30.96 -28.32
C CYS D 27 1.17 30.77 -29.60
N LYS D 28 1.32 31.81 -30.42
CA LYS D 28 2.06 31.67 -31.65
C LYS D 28 3.44 32.28 -31.59
N ILE D 29 3.59 33.43 -30.93
CA ILE D 29 4.90 34.09 -30.89
C ILE D 29 5.71 33.69 -29.65
N GLY D 30 5.07 33.09 -28.67
CA GLY D 30 5.72 32.75 -27.42
C GLY D 30 6.85 31.78 -27.64
N LYS D 31 7.87 31.97 -26.82
CA LYS D 31 9.08 31.17 -26.87
C LYS D 31 9.31 30.44 -25.55
N ASN D 32 8.39 30.58 -24.62
CA ASN D 32 8.52 29.89 -23.36
C ASN D 32 7.20 29.17 -23.10
N GLN D 33 6.79 28.33 -24.05
CA GLN D 33 5.45 27.75 -23.99
C GLN D 33 5.45 26.38 -23.37
N SER D 34 4.26 25.94 -22.93
CA SER D 34 4.04 24.58 -22.40
C SER D 34 2.90 23.88 -23.11
N PRO D 35 2.90 22.55 -23.09
CA PRO D 35 3.83 21.65 -22.42
C PRO D 35 5.09 21.53 -23.23
N VAL D 36 6.06 20.81 -22.69
CA VAL D 36 7.31 20.55 -23.39
C VAL D 36 7.67 19.09 -23.22
N ASP D 37 8.60 18.61 -24.02
CA ASP D 37 9.19 17.29 -23.82
C ASP D 37 10.34 17.49 -22.86
N ILE D 38 10.24 16.86 -21.67
CA ILE D 38 11.25 16.99 -20.63
C ILE D 38 12.46 16.21 -21.01
N SER D 39 13.40 16.93 -21.62
CA SER D 39 14.55 16.35 -22.28
C SER D 39 15.86 17.00 -21.82
N ARG D 40 15.96 18.31 -22.01
CA ARG D 40 17.20 19.00 -21.69
C ARG D 40 17.20 19.17 -20.18
N ILE D 41 17.72 18.17 -19.50
CA ILE D 41 17.69 18.12 -18.05
C ILE D 41 19.00 18.51 -17.46
N VAL D 42 18.92 19.22 -16.33
CA VAL D 42 20.07 19.62 -15.57
C VAL D 42 19.76 19.46 -14.12
N GLU D 43 20.66 18.82 -13.40
CA GLU D 43 20.53 18.62 -11.97
C GLU D 43 20.67 19.93 -11.21
N ALA D 44 19.74 20.18 -10.31
CA ALA D 44 19.72 21.44 -9.64
C ALA D 44 19.35 21.24 -8.19
N GLU D 45 19.90 22.06 -7.31
CA GLU D 45 19.58 21.93 -5.89
C GLU D 45 18.28 22.66 -5.60
N LEU D 46 17.19 22.16 -6.13
CA LEU D 46 15.90 22.75 -5.90
C LEU D 46 15.39 22.39 -4.51
N GLU D 47 14.65 23.31 -3.93
CA GLU D 47 14.11 23.13 -2.61
C GLU D 47 12.91 22.18 -2.67
N LYS D 48 12.68 21.41 -1.61
CA LYS D 48 11.46 20.61 -1.49
C LYS D 48 10.23 21.50 -1.36
N ILE D 49 9.21 21.23 -2.17
CA ILE D 49 8.05 22.10 -2.16
C ILE D 49 7.15 21.78 -0.99
N LYS D 50 6.90 22.77 -0.15
CA LYS D 50 6.05 22.57 1.00
C LYS D 50 4.57 22.67 0.55
N ILE D 51 3.80 21.64 0.93
CA ILE D 51 2.39 21.48 0.55
C ILE D 51 1.49 21.43 1.80
N ASN D 52 0.45 22.26 1.80
CA ASN D 52 -0.59 22.19 2.86
C ASN D 52 -1.98 22.11 2.24
N TYR D 53 -2.43 20.89 2.01
CA TYR D 53 -3.72 20.66 1.41
C TYR D 53 -4.69 20.22 2.49
N SER D 54 -5.96 20.45 2.22
CA SER D 54 -7.05 19.95 3.04
C SER D 54 -8.13 19.48 2.08
N SER D 55 -9.04 18.67 2.58
CA SER D 55 -10.16 18.19 1.79
C SER D 55 -10.99 19.40 1.40
N GLY D 56 -10.77 19.92 0.21
CA GLY D 56 -11.42 21.15 -0.24
C GLY D 56 -12.02 21.07 -1.63
N GLY D 57 -11.98 19.89 -2.27
CA GLY D 57 -12.54 19.72 -3.61
C GLY D 57 -14.06 19.75 -3.60
N SER D 58 -14.66 20.92 -3.84
CA SER D 58 -16.08 21.08 -3.57
C SER D 58 -16.98 20.77 -4.75
N SER D 59 -16.57 21.16 -5.94
CA SER D 59 -17.45 21.05 -7.09
C SER D 59 -16.76 20.55 -8.37
N ILE D 60 -17.54 19.97 -9.29
CA ILE D 60 -17.03 19.42 -10.56
C ILE D 60 -17.65 20.14 -11.75
N THR D 61 -16.83 20.43 -12.74
CA THR D 61 -17.27 21.20 -13.89
C THR D 61 -16.90 20.52 -15.20
N ASN D 62 -17.74 20.72 -16.22
CA ASN D 62 -17.45 20.22 -17.55
C ASN D 62 -17.53 21.44 -18.46
N ASN D 63 -16.38 22.02 -18.81
CA ASN D 63 -16.35 23.16 -19.73
C ASN D 63 -16.15 22.69 -21.16
N GLY D 64 -16.29 21.38 -21.37
CA GLY D 64 -16.14 20.76 -22.68
C GLY D 64 -14.71 20.43 -23.07
N HIS D 65 -13.73 21.13 -22.46
CA HIS D 65 -12.30 20.93 -22.72
C HIS D 65 -11.68 19.96 -21.73
N THR D 66 -12.22 19.95 -20.50
CA THR D 66 -11.72 19.14 -19.40
C THR D 66 -12.76 18.92 -18.28
N ILE D 67 -12.41 18.11 -17.29
CA ILE D 67 -13.19 17.97 -16.07
C ILE D 67 -12.47 18.67 -14.95
N LYS D 68 -13.06 19.77 -14.48
CA LYS D 68 -12.45 20.63 -13.46
C LYS D 68 -13.06 20.46 -12.08
N VAL D 69 -12.22 20.16 -11.12
CA VAL D 69 -12.61 20.12 -9.73
C VAL D 69 -12.23 21.46 -9.07
N SER D 70 -13.23 22.27 -8.73
CA SER D 70 -12.97 23.55 -8.06
C SER D 70 -12.65 23.31 -6.59
N TYR D 71 -11.73 24.12 -6.08
CA TYR D 71 -11.20 23.94 -4.72
C TYR D 71 -11.55 25.13 -3.83
N GLU D 72 -11.95 24.87 -2.59
CA GLU D 72 -12.29 25.96 -1.72
C GLU D 72 -10.96 26.50 -1.19
N PRO D 73 -10.91 27.82 -0.88
CA PRO D 73 -9.65 28.46 -0.46
C PRO D 73 -9.13 27.84 0.82
N GLY D 74 -7.83 27.91 1.06
CA GLY D 74 -7.25 27.34 2.26
C GLY D 74 -6.13 26.36 2.01
N SER D 75 -6.03 25.84 0.79
CA SER D 75 -4.96 24.91 0.44
C SER D 75 -3.90 25.64 -0.43
N TYR D 76 -2.62 25.37 -0.17
CA TYR D 76 -1.57 26.11 -0.86
C TYR D 76 -0.24 25.36 -0.93
N ILE D 77 0.66 25.87 -1.75
CA ILE D 77 2.02 25.36 -1.88
C ILE D 77 2.92 26.58 -1.72
N ILE D 78 4.18 26.35 -1.39
CA ILE D 78 5.17 27.40 -1.31
C ILE D 78 6.27 27.20 -2.38
N VAL D 79 6.37 28.17 -3.27
CA VAL D 79 7.41 28.17 -4.26
C VAL D 79 8.13 29.51 -4.24
N ASP D 80 9.47 29.49 -4.15
CA ASP D 80 10.24 30.72 -4.13
C ASP D 80 9.87 31.67 -2.98
N GLY D 81 9.48 31.05 -1.88
CA GLY D 81 9.06 31.76 -0.69
C GLY D 81 7.71 32.42 -0.82
N ILE D 82 6.98 32.12 -1.91
CA ILE D 82 5.64 32.71 -2.17
C ILE D 82 4.52 31.69 -1.99
N ARG D 83 3.46 32.14 -1.34
CA ARG D 83 2.27 31.30 -1.10
C ARG D 83 1.34 31.37 -2.31
N PHE D 84 1.19 30.19 -2.92
CA PHE D 84 0.34 29.97 -4.11
C PHE D 84 -0.86 29.13 -3.68
N GLU D 85 -2.04 29.72 -3.72
CA GLU D 85 -3.24 29.04 -3.27
C GLU D 85 -3.75 28.09 -4.34
N LEU D 86 -4.12 26.88 -3.96
CA LEU D 86 -4.71 25.95 -4.92
C LEU D 86 -6.13 26.39 -5.28
N LYS D 87 -6.37 26.62 -6.57
CA LYS D 87 -7.66 27.09 -7.03
C LYS D 87 -8.45 25.93 -7.64
N GLN D 88 -7.76 25.03 -8.33
CA GLN D 88 -8.45 23.90 -8.97
C GLN D 88 -7.49 22.83 -9.50
N PHE D 89 -8.03 21.69 -9.88
CA PHE D 89 -7.27 20.71 -10.65
C PHE D 89 -8.18 20.11 -11.71
N HIS D 90 -7.59 19.79 -12.86
CA HIS D 90 -8.33 19.32 -14.02
C HIS D 90 -7.48 18.24 -14.74
N PHE D 91 -7.97 17.77 -15.88
CA PHE D 91 -7.34 16.66 -16.53
C PHE D 91 -7.13 16.80 -18.04
N HIS D 92 -6.15 16.05 -18.51
CA HIS D 92 -5.84 15.89 -19.92
C HIS D 92 -5.56 14.44 -20.24
N ALA D 93 -5.87 14.06 -21.47
CA ALA D 93 -5.61 12.72 -21.93
C ALA D 93 -5.37 12.75 -23.43
N PRO D 94 -4.20 12.30 -23.87
CA PRO D 94 -3.05 11.82 -23.09
C PRO D 94 -2.28 12.99 -22.45
N SER D 95 -1.14 12.64 -21.86
CA SER D 95 -0.32 13.61 -21.17
C SER D 95 0.03 14.76 -22.11
N GLU D 96 0.12 15.94 -21.51
CA GLU D 96 0.55 17.11 -22.23
C GLU D 96 2.09 17.10 -22.23
N HIS D 97 2.66 16.88 -21.06
CA HIS D 97 4.10 16.76 -20.95
C HIS D 97 4.53 15.37 -21.38
N THR D 98 5.74 15.27 -21.89
CA THR D 98 6.39 13.96 -22.08
C THR D 98 7.74 13.95 -21.37
N ILE D 99 8.10 12.79 -20.85
CA ILE D 99 9.38 12.65 -20.19
C ILE D 99 10.29 11.76 -21.04
N LYS D 100 11.40 12.34 -21.53
CA LYS D 100 12.35 11.64 -22.35
C LYS D 100 11.63 10.98 -23.51
N GLY D 101 10.67 11.71 -24.08
CA GLY D 101 9.97 11.20 -25.24
C GLY D 101 8.74 10.39 -24.89
N LYS D 102 8.71 9.87 -23.66
CA LYS D 102 7.63 8.99 -23.26
C LYS D 102 6.35 9.81 -22.98
N SER D 103 5.24 9.43 -23.62
CA SER D 103 3.91 10.03 -23.36
C SER D 103 3.07 9.17 -22.43
N TYR D 104 2.30 9.79 -21.57
CA TYR D 104 1.44 9.06 -20.65
C TYR D 104 0.01 9.18 -21.07
N PRO D 105 -0.84 8.24 -20.67
CA PRO D 105 -2.24 8.24 -21.12
C PRO D 105 -3.14 9.28 -20.46
N PHE D 106 -2.68 9.85 -19.36
CA PHE D 106 -3.52 10.71 -18.55
C PHE D 106 -2.65 11.62 -17.70
N GLU D 107 -3.05 12.87 -17.56
CA GLU D 107 -2.28 13.84 -16.77
C GLU D 107 -3.20 14.73 -15.94
N ALA D 108 -2.71 15.09 -14.75
CA ALA D 108 -3.45 15.93 -13.83
C ALA D 108 -2.73 17.26 -13.64
N HIS D 109 -3.50 18.35 -13.72
CA HIS D 109 -2.94 19.64 -13.47
C HIS D 109 -3.57 20.28 -12.25
N PHE D 110 -2.70 20.69 -11.33
CA PHE D 110 -3.13 21.42 -10.15
C PHE D 110 -2.70 22.83 -10.26
N VAL D 111 -3.66 23.69 -10.54
CA VAL D 111 -3.42 25.10 -10.80
C VAL D 111 -3.48 25.93 -9.50
N HIS D 112 -2.38 26.63 -9.18
CA HIS D 112 -2.33 27.52 -8.02
C HIS D 112 -2.13 28.97 -8.43
N ALA D 113 -2.50 29.91 -7.53
CA ALA D 113 -2.37 31.36 -7.78
C ALA D 113 -1.96 32.09 -6.51
N ASP D 114 -1.08 33.09 -6.64
CA ASP D 114 -0.62 33.91 -5.51
C ASP D 114 -1.37 35.21 -5.50
N LYS D 115 -1.00 36.09 -4.57
CA LYS D 115 -1.66 37.37 -4.34
C LYS D 115 -1.94 38.09 -5.63
N ASP D 116 -0.94 38.09 -6.52
CA ASP D 116 -1.01 38.90 -7.72
C ASP D 116 -1.47 38.19 -8.97
N GLY D 117 -1.84 36.91 -8.85
CA GLY D 117 -2.35 36.16 -10.00
C GLY D 117 -1.28 35.36 -10.72
N ASN D 118 -0.05 35.35 -10.21
CA ASN D 118 0.98 34.51 -10.80
C ASN D 118 0.68 33.08 -10.51
N LEU D 119 0.74 32.27 -11.57
CA LEU D 119 0.33 30.89 -11.51
C LEU D 119 1.50 29.94 -11.38
N ALA D 120 1.27 28.92 -10.58
CA ALA D 120 2.23 27.84 -10.44
C ALA D 120 1.44 26.56 -10.47
N VAL D 121 1.75 25.69 -11.42
CA VAL D 121 0.97 24.46 -11.67
C VAL D 121 1.77 23.21 -11.39
N ILE D 122 1.19 22.30 -10.63
CA ILE D 122 1.84 21.01 -10.41
C ILE D 122 1.26 20.02 -11.42
N GLY D 123 2.13 19.31 -12.14
CA GLY D 123 1.69 18.29 -13.07
C GLY D 123 2.01 16.87 -12.56
N VAL D 124 0.99 16.01 -12.63
CA VAL D 124 1.13 14.61 -12.29
C VAL D 124 0.68 13.74 -13.45
N ILE D 125 1.52 12.78 -13.79
CA ILE D 125 1.26 11.84 -14.86
C ILE D 125 0.78 10.50 -14.31
N PHE D 126 -0.09 9.88 -15.06
CA PHE D 126 -0.63 8.62 -14.65
C PHE D 126 -0.27 7.55 -15.68
N LYS D 127 -0.12 6.29 -15.27
CA LYS D 127 -0.05 5.20 -16.24
C LYS D 127 -1.28 4.37 -15.94
N GLU D 128 -1.52 3.39 -16.78
CA GLU D 128 -2.60 2.45 -16.61
C GLU D 128 -2.38 1.50 -15.45
N GLY D 129 -3.42 1.24 -14.68
CA GLY D 129 -3.37 0.25 -13.62
C GLY D 129 -4.76 -0.04 -13.11
N LYS D 130 -4.86 -0.30 -11.83
CA LYS D 130 -6.15 -0.55 -11.20
C LYS D 130 -6.94 0.75 -11.11
N LYS D 131 -8.22 0.63 -10.77
CA LYS D 131 -9.12 1.75 -10.50
C LYS D 131 -8.56 2.75 -9.53
N ASN D 132 -8.48 3.99 -9.94
CA ASN D 132 -8.05 5.00 -8.99
C ASN D 132 -9.21 5.39 -8.06
N PRO D 133 -9.01 5.27 -6.73
CA PRO D 133 -10.15 5.55 -5.81
C PRO D 133 -10.66 6.99 -5.89
N ILE D 134 -9.76 7.96 -5.98
CA ILE D 134 -10.12 9.38 -6.01
C ILE D 134 -10.76 9.75 -7.37
N ILE D 135 -10.18 9.25 -8.46
CA ILE D 135 -10.76 9.49 -9.78
C ILE D 135 -12.15 8.90 -9.82
N GLU D 136 -12.35 7.78 -9.14
CA GLU D 136 -13.65 7.14 -9.17
C GLU D 136 -14.69 8.02 -8.53
N LYS D 137 -14.37 8.63 -7.39
CA LYS D 137 -15.31 9.51 -6.69
C LYS D 137 -15.77 10.61 -7.62
N ILE D 138 -14.81 11.16 -8.36
CA ILE D 138 -15.10 12.20 -9.33
C ILE D 138 -15.88 11.63 -10.50
N TRP D 139 -15.51 10.45 -10.98
CA TRP D 139 -16.12 9.94 -12.20
C TRP D 139 -17.58 9.55 -12.03
N GLU D 140 -17.94 9.07 -10.85
CA GLU D 140 -19.31 8.63 -10.63
C GLU D 140 -20.32 9.76 -10.52
N ASN D 141 -19.90 11.00 -10.65
CA ASN D 141 -20.88 12.07 -10.64
C ASN D 141 -20.40 13.26 -11.41
N LEU D 142 -20.26 13.02 -12.70
CA LEU D 142 -19.82 14.04 -13.61
C LEU D 142 -21.05 14.89 -13.88
N PRO D 143 -20.85 16.17 -14.23
CA PRO D 143 -21.99 17.03 -14.55
C PRO D 143 -22.43 16.84 -15.98
N GLU D 144 -23.54 17.47 -16.33
CA GLU D 144 -23.99 17.44 -17.70
C GLU D 144 -23.07 18.50 -18.35
N ALA D 145 -22.93 18.51 -19.67
CA ALA D 145 -21.98 19.43 -20.32
C ALA D 145 -22.27 20.89 -19.94
N GLY D 146 -21.23 21.62 -19.55
CA GLY D 146 -21.35 23.04 -19.24
C GLY D 146 -21.77 23.36 -17.81
N LYS D 147 -22.32 22.38 -17.09
CA LYS D 147 -22.86 22.68 -15.75
C LYS D 147 -22.02 22.10 -14.61
N THR D 148 -22.44 22.39 -13.38
CA THR D 148 -21.64 22.08 -12.19
C THR D 148 -22.34 21.16 -11.16
N ILE D 149 -21.54 20.51 -10.32
CA ILE D 149 -22.04 19.61 -9.28
C ILE D 149 -21.34 19.78 -7.94
N LYS D 150 -22.09 20.16 -6.91
CA LYS D 150 -21.47 20.29 -5.60
C LYS D 150 -21.34 18.83 -5.16
N LEU D 151 -20.33 18.50 -4.35
CA LEU D 151 -19.96 17.11 -4.12
C LEU D 151 -20.44 16.41 -2.87
N ALA D 152 -20.87 17.20 -1.89
CA ALA D 152 -21.34 16.66 -0.62
C ALA D 152 -20.19 16.05 0.21
N HIS D 153 -19.30 15.28 -0.40
CA HIS D 153 -18.03 14.87 0.25
C HIS D 153 -16.80 15.48 -0.42
N LYS D 154 -16.07 16.32 0.31
CA LYS D 154 -14.97 17.06 -0.26
C LYS D 154 -13.80 16.16 -0.71
N ILE D 155 -13.19 16.46 -1.86
CA ILE D 155 -12.05 15.69 -2.36
C ILE D 155 -10.75 16.33 -1.88
N ASN D 156 -9.76 15.51 -1.58
CA ASN D 156 -8.43 16.02 -1.24
C ASN D 156 -7.49 15.83 -2.41
N ALA D 157 -6.99 16.92 -2.95
CA ALA D 157 -6.10 16.82 -4.07
C ALA D 157 -4.81 16.14 -3.62
N TYR D 158 -4.51 16.11 -2.33
CA TYR D 158 -3.23 15.55 -1.90
C TYR D 158 -3.11 14.08 -2.27
N ASP D 159 -4.24 13.39 -2.26
CA ASP D 159 -4.32 11.95 -2.55
C ASP D 159 -4.15 11.65 -4.03
N LEU D 160 -4.32 12.66 -4.88
CA LEU D 160 -3.98 12.46 -6.28
C LEU D 160 -2.45 12.65 -6.50
N LEU D 161 -1.74 13.34 -5.60
CA LEU D 161 -0.28 13.49 -5.75
C LEU D 161 0.50 12.25 -5.30
N PRO D 162 1.60 11.93 -6.00
CA PRO D 162 2.41 10.79 -5.59
C PRO D 162 3.05 10.94 -4.23
N LYS D 163 3.47 9.82 -3.67
CA LYS D 163 4.08 9.78 -2.34
C LYS D 163 5.43 10.52 -2.39
N LYS D 164 6.23 10.25 -3.43
CA LYS D 164 7.46 10.97 -3.66
C LYS D 164 7.25 12.21 -4.51
N LYS D 165 7.61 13.38 -3.95
CA LYS D 165 7.28 14.63 -4.61
C LYS D 165 8.52 15.21 -5.34
N LYS D 166 9.46 14.33 -5.71
CA LYS D 166 10.60 14.68 -6.57
C LYS D 166 10.15 15.20 -7.93
N TYR D 167 10.75 16.30 -8.38
CA TYR D 167 10.19 17.00 -9.52
C TYR D 167 11.13 17.67 -10.47
N TYR D 168 10.59 17.87 -11.68
CA TYR D 168 11.19 18.72 -12.68
C TYR D 168 10.56 20.08 -12.52
N ARG D 169 11.32 21.14 -12.78
CA ARG D 169 10.78 22.49 -12.73
C ARG D 169 11.19 23.26 -13.96
N TYR D 170 10.32 24.15 -14.44
CA TYR D 170 10.69 25.06 -15.53
C TYR D 170 9.67 26.22 -15.75
N SER D 171 10.10 27.23 -16.50
CA SER D 171 9.31 28.38 -16.83
C SER D 171 8.60 28.16 -18.11
N GLY D 172 7.26 28.18 -18.03
CA GLY D 172 6.39 27.91 -19.17
C GLY D 172 5.12 28.76 -19.25
N SER D 173 4.04 28.13 -19.69
CA SER D 173 2.78 28.85 -19.91
C SER D 173 1.55 28.00 -19.57
N LEU D 174 0.36 28.60 -19.64
CA LEU D 174 -0.87 27.85 -19.69
C LEU D 174 -0.82 27.04 -20.96
N THR D 175 -1.38 25.84 -20.90
CA THR D 175 -1.41 24.94 -22.05
C THR D 175 -2.69 25.13 -22.88
N THR D 176 -3.48 26.13 -22.50
CA THR D 176 -4.71 26.49 -23.21
C THR D 176 -4.73 27.97 -23.45
N PRO D 177 -5.51 28.42 -24.42
CA PRO D 177 -5.58 29.86 -24.64
C PRO D 177 -6.02 30.56 -23.35
N PRO D 178 -5.51 31.77 -23.13
CA PRO D 178 -4.64 32.56 -24.03
C PRO D 178 -3.14 32.22 -23.96
N CYS D 179 -2.78 31.10 -23.34
CA CYS D 179 -1.38 30.61 -23.26
C CYS D 179 -0.40 31.55 -22.59
N SER D 180 -0.87 32.24 -21.56
CA SER D 180 -0.08 33.25 -20.89
C SER D 180 1.19 32.66 -20.30
N GLU D 181 2.32 33.33 -20.54
CA GLU D 181 3.59 32.89 -19.98
C GLU D 181 3.76 33.43 -18.57
N GLY D 182 4.88 33.12 -17.97
CA GLY D 182 5.16 33.48 -16.59
C GLY D 182 4.62 32.46 -15.62
N VAL D 183 4.37 31.24 -16.11
CA VAL D 183 3.83 30.16 -15.27
C VAL D 183 4.93 29.21 -14.67
N ARG D 184 4.87 28.99 -13.38
CA ARG D 184 5.79 28.03 -12.75
C ARG D 184 5.33 26.62 -12.95
N TRP D 185 6.12 25.79 -13.65
CA TRP D 185 5.73 24.39 -13.83
C TRP D 185 6.56 23.49 -12.93
N ILE D 186 5.83 22.64 -12.20
CA ILE D 186 6.36 21.63 -11.28
C ILE D 186 5.80 20.29 -11.66
N VAL D 187 6.62 19.48 -12.33
CA VAL D 187 6.16 18.18 -12.79
C VAL D 187 6.76 17.06 -11.98
N MET D 188 5.91 16.33 -11.26
CA MET D 188 6.37 15.22 -10.46
C MET D 188 6.87 14.09 -11.34
N GLU D 189 7.97 13.48 -10.91
CA GLU D 189 8.58 12.37 -11.65
C GLU D 189 7.81 11.08 -11.46
N GLU D 190 7.39 10.79 -10.24
CA GLU D 190 6.70 9.54 -9.97
C GLU D 190 5.32 9.54 -10.62
N GLU D 191 5.03 8.43 -11.32
CA GLU D 191 3.83 8.26 -12.12
C GLU D 191 2.75 7.72 -11.21
N MET D 192 1.55 8.30 -11.27
CA MET D 192 0.39 7.79 -10.52
C MET D 192 -0.39 6.78 -11.39
N GLU D 193 -1.48 6.19 -10.89
CA GLU D 193 -2.24 5.17 -11.66
C GLU D 193 -3.76 5.41 -11.69
N LEU D 194 -4.34 5.08 -12.83
CA LEU D 194 -5.77 4.98 -12.98
C LEU D 194 -6.07 3.93 -14.06
N SER D 195 -7.32 3.49 -14.12
CA SER D 195 -7.66 2.40 -15.01
C SER D 195 -7.81 2.82 -16.45
N LYS D 196 -7.63 1.82 -17.30
CA LYS D 196 -7.84 1.99 -18.71
C LYS D 196 -9.30 2.44 -18.97
N GLU D 197 -10.28 1.93 -18.25
CA GLU D 197 -11.64 2.41 -18.53
C GLU D 197 -11.92 3.82 -17.99
N GLN D 198 -11.28 4.20 -16.89
CA GLN D 198 -11.46 5.52 -16.31
C GLN D 198 -10.91 6.51 -17.36
N ILE D 199 -9.83 6.10 -18.04
CA ILE D 199 -9.23 6.91 -19.09
C ILE D 199 -10.18 7.03 -20.25
N GLU D 200 -10.76 5.90 -20.65
CA GLU D 200 -11.68 5.89 -21.80
C GLU D 200 -12.95 6.72 -21.55
N LYS D 201 -13.46 6.75 -20.32
CA LYS D 201 -14.67 7.52 -20.06
C LYS D 201 -14.37 8.97 -20.33
N PHE D 202 -13.22 9.39 -19.82
CA PHE D 202 -12.79 10.77 -19.93
C PHE D 202 -12.63 11.08 -21.40
N ARG D 203 -11.95 10.21 -22.15
CA ARG D 203 -11.78 10.45 -23.58
C ARG D 203 -13.09 10.53 -24.36
N LYS D 204 -14.04 9.61 -24.11
CA LYS D 204 -15.28 9.63 -24.90
C LYS D 204 -16.04 10.89 -24.56
N LEU D 205 -15.99 11.26 -23.28
CA LEU D 205 -16.69 12.42 -22.80
C LEU D 205 -16.16 13.73 -23.40
N MET D 206 -14.86 13.81 -23.61
CA MET D 206 -14.23 15.02 -24.16
C MET D 206 -14.27 15.03 -25.69
N GLY D 207 -14.32 13.86 -26.30
CA GLY D 207 -14.41 13.76 -27.74
C GLY D 207 -13.05 13.57 -28.38
N GLY D 208 -12.12 12.96 -27.64
CA GLY D 208 -10.79 12.69 -28.16
C GLY D 208 -9.68 13.28 -27.30
N ASP D 209 -8.53 13.47 -27.94
CA ASP D 209 -7.35 13.98 -27.29
C ASP D 209 -7.62 15.35 -26.69
N THR D 210 -7.08 15.57 -25.49
CA THR D 210 -7.21 16.88 -24.82
C THR D 210 -5.85 17.40 -24.35
N ASN D 211 -4.85 17.26 -25.23
CA ASN D 211 -3.49 17.75 -24.99
C ASN D 211 -2.97 18.66 -26.11
N ARG D 212 -2.24 19.70 -25.72
CA ARG D 212 -1.54 20.55 -26.66
C ARG D 212 -0.21 19.84 -27.10
N PRO D 213 0.13 19.95 -28.37
CA PRO D 213 1.40 19.36 -28.78
C PRO D 213 2.52 19.99 -27.99
N VAL D 214 3.59 19.24 -27.72
CA VAL D 214 4.73 19.78 -26.99
C VAL D 214 5.33 20.94 -27.76
N GLN D 215 5.84 21.93 -27.03
CA GLN D 215 6.39 23.16 -27.62
C GLN D 215 7.88 23.16 -27.45
N PRO D 216 8.61 23.80 -28.36
CA PRO D 216 10.08 23.76 -28.22
C PRO D 216 10.61 24.42 -26.94
N LEU D 217 11.65 23.84 -26.35
CA LEU D 217 12.31 24.40 -25.17
C LEU D 217 12.90 25.77 -25.46
N ASN D 218 13.43 25.94 -26.67
CA ASN D 218 14.12 27.18 -27.08
C ASN D 218 15.32 27.41 -26.16
N ALA D 219 15.36 28.48 -25.36
CA ALA D 219 16.55 28.76 -24.58
C ALA D 219 16.55 28.07 -23.23
N ARG D 220 15.43 27.49 -22.85
CA ARG D 220 15.23 26.92 -21.53
C ARG D 220 15.96 25.59 -21.27
N MET D 221 16.18 25.31 -19.99
CA MET D 221 16.59 23.99 -19.53
C MET D 221 15.54 23.50 -18.54
N ILE D 222 15.38 22.20 -18.37
CA ILE D 222 14.54 21.68 -17.31
C ILE D 222 15.42 21.36 -16.14
N MET D 223 15.05 21.86 -14.98
CA MET D 223 15.79 21.54 -13.76
C MET D 223 15.21 20.31 -13.09
N GLU D 224 16.08 19.45 -12.57
CA GLU D 224 15.66 18.30 -11.80
C GLU D 224 16.19 18.42 -10.41
N MET D 225 15.30 18.23 -9.44
CA MET D 225 15.73 18.21 -8.06
C MET D 225 16.72 17.07 -7.74
N ASP D 226 17.74 17.46 -6.99
CA ASP D 226 18.87 16.62 -6.60
C ASP D 226 18.52 15.77 -5.38
N HIS E 5 10.15 39.22 33.02
CA HIS E 5 11.58 38.98 33.06
C HIS E 5 11.95 38.16 34.31
N TRP E 6 12.68 37.05 34.14
CA TRP E 6 13.07 36.16 35.24
C TRP E 6 14.55 36.17 35.49
N SER E 7 14.93 35.76 36.68
CA SER E 7 16.30 35.79 37.04
C SER E 7 16.55 34.73 38.08
N TYR E 8 17.75 34.72 38.64
CA TYR E 8 18.15 33.77 39.66
C TYR E 8 18.13 34.40 41.05
N HIS E 9 17.72 35.67 41.15
CA HIS E 9 17.69 36.36 42.48
C HIS E 9 16.47 37.24 42.78
N GLY E 10 16.03 37.15 44.01
CA GLY E 10 15.02 38.07 44.47
C GLY E 10 13.62 37.78 43.96
N GLU E 11 12.94 38.86 43.67
CA GLU E 11 11.55 38.92 43.31
C GLU E 11 11.19 38.10 42.07
N THR E 12 12.16 37.99 41.16
CA THR E 12 12.01 37.18 39.95
C THR E 12 12.83 35.89 40.04
N GLY E 13 13.14 35.50 41.27
CA GLY E 13 13.97 34.33 41.43
C GLY E 13 13.21 33.03 41.23
N PRO E 14 13.97 31.93 41.22
CA PRO E 14 13.50 30.56 40.95
C PRO E 14 12.24 30.13 41.78
N GLN E 15 12.11 30.55 43.02
CA GLN E 15 10.97 30.19 43.87
C GLN E 15 9.70 30.89 43.39
N HIS E 16 9.86 31.89 42.52
CA HIS E 16 8.74 32.68 42.08
C HIS E 16 8.43 32.55 40.61
N TRP E 17 9.22 31.75 39.90
CA TRP E 17 9.06 31.59 38.47
C TRP E 17 7.63 31.24 38.05
N GLY E 18 6.99 30.34 38.77
CA GLY E 18 5.65 29.95 38.39
C GLY E 18 4.61 31.08 38.42
N ASP E 19 4.89 32.14 39.17
CA ASP E 19 3.94 33.24 39.34
C ASP E 19 4.14 34.37 38.35
N LEU E 20 5.27 34.37 37.64
CA LEU E 20 5.58 35.45 36.71
C LEU E 20 4.67 35.43 35.49
N LYS E 21 4.62 34.31 34.77
CA LYS E 21 3.76 34.13 33.59
C LYS E 21 2.91 32.84 33.62
N ASN E 22 1.81 32.84 32.87
CA ASN E 22 0.99 31.64 32.82
C ASN E 22 1.69 30.52 32.09
N GLU E 23 2.56 30.88 31.16
CA GLU E 23 3.35 29.91 30.40
C GLU E 23 4.40 29.21 31.28
N TYR E 24 4.70 29.82 32.42
CA TYR E 24 5.73 29.29 33.33
C TYR E 24 5.11 28.38 34.38
N ILE E 25 3.89 27.89 34.12
CA ILE E 25 3.18 27.16 35.14
C ILE E 25 3.90 25.84 35.58
N MET E 26 4.51 25.11 34.65
CA MET E 26 5.16 23.85 34.99
C MET E 26 6.27 24.09 36.06
N CYS E 27 6.74 25.33 36.19
CA CYS E 27 7.72 25.64 37.21
C CYS E 27 7.20 25.47 38.62
N LYS E 28 5.92 25.74 38.86
CA LYS E 28 5.41 25.57 40.22
C LYS E 28 4.55 24.30 40.38
N ILE E 29 3.85 23.86 39.33
CA ILE E 29 2.96 22.71 39.48
C ILE E 29 3.58 21.37 39.09
N GLY E 30 4.71 21.44 38.39
CA GLY E 30 5.33 20.25 37.85
C GLY E 30 5.82 19.23 38.86
N LYS E 31 5.73 17.94 38.47
CA LYS E 31 6.17 16.86 39.34
C LYS E 31 7.41 16.14 38.80
N ASN E 32 7.90 16.58 37.65
CA ASN E 32 9.07 15.91 37.05
C ASN E 32 10.06 16.95 36.57
N GLN E 33 10.49 17.75 37.56
CA GLN E 33 11.28 18.93 37.36
C GLN E 33 12.78 18.68 37.59
N SER E 34 13.58 19.56 37.00
CA SER E 34 15.01 19.47 37.12
C SER E 34 15.54 20.81 37.68
N PRO E 35 16.68 20.80 38.33
CA PRO E 35 17.51 19.62 38.50
C PRO E 35 17.08 18.85 39.71
N VAL E 36 17.73 17.73 39.90
CA VAL E 36 17.46 16.88 41.03
C VAL E 36 18.74 16.55 41.72
N ASP E 37 18.58 15.98 42.89
CA ASP E 37 19.66 15.35 43.58
C ASP E 37 19.72 13.89 43.12
N ILE E 38 20.81 13.55 42.46
CA ILE E 38 21.08 12.22 41.96
C ILE E 38 21.37 11.32 43.16
N SER E 39 20.33 10.62 43.59
CA SER E 39 20.34 9.89 44.85
C SER E 39 19.75 8.51 44.72
N ARG E 40 18.51 8.46 44.23
CA ARG E 40 17.80 7.20 44.13
C ARG E 40 18.22 6.59 42.84
N ILE E 41 19.32 5.87 42.91
CA ILE E 41 19.97 5.34 41.74
C ILE E 41 19.71 3.85 41.61
N VAL E 42 19.57 3.45 40.34
CA VAL E 42 19.28 2.09 39.96
C VAL E 42 20.12 1.70 38.73
N GLU E 43 20.86 0.59 38.86
CA GLU E 43 21.62 0.04 37.73
C GLU E 43 20.64 -0.41 36.70
N ALA E 44 20.94 -0.04 35.46
CA ALA E 44 20.06 -0.31 34.35
C ALA E 44 20.83 -0.60 33.08
N GLU E 45 20.28 -1.47 32.21
CA GLU E 45 20.91 -1.78 30.93
C GLU E 45 20.70 -0.67 29.95
N LEU E 46 21.26 0.49 30.21
CA LEU E 46 21.14 1.57 29.26
C LEU E 46 22.13 1.40 28.13
N GLU E 47 21.71 1.81 26.94
CA GLU E 47 22.54 1.66 25.75
C GLU E 47 23.49 2.88 25.72
N LYS E 48 24.68 2.66 25.17
CA LYS E 48 25.66 3.72 24.98
C LYS E 48 25.11 4.74 24.00
N ILE E 49 25.23 5.99 24.39
CA ILE E 49 24.67 7.07 23.60
C ILE E 49 25.67 7.37 22.49
N LYS E 50 25.18 7.31 21.27
CA LYS E 50 26.02 7.65 20.14
C LYS E 50 26.20 9.15 20.13
N ILE E 51 27.45 9.62 20.10
CA ILE E 51 27.72 11.06 20.02
C ILE E 51 28.50 11.33 18.73
N ASN E 52 27.99 12.29 17.95
CA ASN E 52 28.65 12.75 16.75
C ASN E 52 28.75 14.25 16.71
N TYR E 53 29.82 14.77 17.30
CA TYR E 53 30.06 16.19 17.38
C TYR E 53 31.11 16.66 16.35
N SER E 54 31.03 17.93 15.98
CA SER E 54 32.01 18.56 15.07
C SER E 54 32.32 19.98 15.53
N SER E 55 33.37 20.57 15.01
CA SER E 55 33.66 21.93 15.42
C SER E 55 32.59 22.88 14.93
N GLY E 56 31.63 23.15 15.81
CA GLY E 56 30.48 23.96 15.46
C GLY E 56 30.23 25.06 16.46
N GLY E 57 31.06 25.19 17.50
CA GLY E 57 30.88 26.25 18.48
C GLY E 57 31.22 27.57 17.84
N SER E 58 30.24 28.24 17.23
CA SER E 58 30.54 29.39 16.40
C SER E 58 30.47 30.74 17.15
N SER E 59 29.59 30.89 18.14
CA SER E 59 29.41 32.17 18.84
C SER E 59 29.29 32.02 20.35
N ILE E 60 29.59 33.10 21.07
CA ILE E 60 29.41 33.13 22.50
C ILE E 60 28.47 34.29 22.80
N THR E 61 27.45 34.01 23.61
CA THR E 61 26.47 35.00 23.95
C THR E 61 26.33 35.10 25.44
N ASN E 62 26.09 36.32 25.90
CA ASN E 62 25.82 36.60 27.30
C ASN E 62 24.46 37.29 27.39
N ASN E 63 23.43 36.54 27.77
CA ASN E 63 22.08 37.09 27.98
C ASN E 63 21.81 37.46 29.47
N GLY E 64 22.87 37.60 30.26
CA GLY E 64 22.72 37.99 31.65
C GLY E 64 22.46 36.80 32.58
N HIS E 65 21.96 35.70 32.03
CA HIS E 65 21.71 34.51 32.83
C HIS E 65 22.84 33.46 32.71
N THR E 66 23.49 33.38 31.57
CA THR E 66 24.55 32.40 31.44
C THR E 66 25.43 32.79 30.28
N ILE E 67 26.48 31.99 30.08
CA ILE E 67 27.25 32.05 28.88
C ILE E 67 26.85 30.89 28.01
N LYS E 68 26.26 31.22 26.85
CA LYS E 68 25.83 30.22 25.88
C LYS E 68 26.77 30.18 24.67
N VAL E 69 27.22 28.99 24.31
CA VAL E 69 27.92 28.82 23.05
C VAL E 69 26.95 28.26 22.04
N SER E 70 26.62 29.08 21.07
CA SER E 70 25.69 28.68 20.03
C SER E 70 26.35 27.74 19.04
N TYR E 71 25.63 26.70 18.59
CA TYR E 71 26.20 25.66 17.72
C TYR E 71 25.59 25.53 16.31
N GLU E 72 26.44 25.42 15.29
CA GLU E 72 25.91 25.29 13.93
C GLU E 72 25.50 23.84 13.68
N PRO E 73 24.54 23.64 12.76
CA PRO E 73 23.98 22.32 12.55
C PRO E 73 24.99 21.30 12.13
N GLY E 74 24.73 20.03 12.42
CA GLY E 74 25.58 18.94 11.98
C GLY E 74 25.99 17.99 13.07
N SER E 75 25.87 18.44 14.32
CA SER E 75 26.27 17.62 15.45
C SER E 75 25.05 17.06 16.13
N TYR E 76 25.09 15.81 16.56
CA TYR E 76 23.89 15.21 17.15
C TYR E 76 24.18 14.04 18.08
N ILE E 77 23.14 13.57 18.77
CA ILE E 77 23.24 12.36 19.56
C ILE E 77 22.06 11.46 19.23
N ILE E 78 22.19 10.16 19.53
CA ILE E 78 21.09 9.23 19.33
C ILE E 78 20.65 8.74 20.69
N VAL E 79 19.38 8.98 21.03
CA VAL E 79 18.80 8.55 22.30
C VAL E 79 17.50 7.83 21.94
N ASP E 80 17.31 6.61 22.40
CA ASP E 80 16.14 5.81 22.07
C ASP E 80 15.98 5.72 20.57
N GLY E 81 17.09 5.77 19.84
CA GLY E 81 17.04 5.71 18.39
C GLY E 81 16.54 6.96 17.72
N ILE E 82 16.47 8.07 18.45
CA ILE E 82 16.00 9.35 17.91
C ILE E 82 17.17 10.32 17.82
N ARG E 83 17.24 11.06 16.71
CA ARG E 83 18.36 11.98 16.50
C ARG E 83 18.05 13.36 17.06
N PHE E 84 18.90 13.72 18.03
CA PHE E 84 18.84 15.00 18.70
C PHE E 84 20.00 15.88 18.29
N GLU E 85 19.66 16.93 17.56
CA GLU E 85 20.60 17.90 17.00
C GLU E 85 21.17 18.82 18.11
N LEU E 86 22.48 18.95 18.22
CA LEU E 86 23.07 19.83 19.21
C LEU E 86 22.89 21.28 18.86
N LYS E 87 22.12 22.00 19.69
CA LYS E 87 21.79 23.40 19.43
C LYS E 87 22.66 24.35 20.21
N GLN E 88 23.02 24.00 21.43
CA GLN E 88 23.83 24.91 22.20
C GLN E 88 24.34 24.24 23.43
N PHE E 89 25.30 24.87 24.08
CA PHE E 89 25.70 24.43 25.39
C PHE E 89 25.95 25.66 26.24
N HIS E 90 25.68 25.56 27.54
CA HIS E 90 25.80 26.71 28.43
C HIS E 90 26.31 26.22 29.77
N PHE E 91 26.43 27.12 30.72
CA PHE E 91 27.05 26.80 32.00
C PHE E 91 26.25 27.32 33.17
N HIS E 92 26.44 26.67 34.32
CA HIS E 92 25.87 27.10 35.57
C HIS E 92 26.89 27.03 36.67
N ALA E 93 26.74 27.91 37.65
CA ALA E 93 27.63 27.87 38.80
C ALA E 93 26.90 28.42 40.03
N PRO E 94 26.82 27.63 41.11
CA PRO E 94 27.31 26.26 41.17
C PRO E 94 26.43 25.28 40.36
N SER E 95 26.80 24.01 40.46
CA SER E 95 26.11 22.99 39.73
C SER E 95 24.61 23.05 40.07
N GLU E 96 23.78 22.67 39.09
CA GLU E 96 22.34 22.55 39.24
C GLU E 96 21.99 21.23 39.91
N HIS E 97 22.49 20.15 39.34
CA HIS E 97 22.36 18.84 39.94
C HIS E 97 23.35 18.70 41.07
N THR E 98 22.98 17.87 42.02
CA THR E 98 23.83 17.48 43.12
C THR E 98 23.91 15.97 43.05
N ILE E 99 25.02 15.42 43.56
CA ILE E 99 25.24 13.97 43.57
C ILE E 99 25.28 13.40 45.00
N LYS E 100 24.28 12.59 45.32
CA LYS E 100 24.10 11.98 46.63
C LYS E 100 24.36 13.02 47.70
N GLY E 101 23.81 14.21 47.48
CA GLY E 101 23.86 15.31 48.42
C GLY E 101 24.93 16.36 48.18
N LYS E 102 26.01 16.02 47.47
CA LYS E 102 27.12 16.97 47.28
C LYS E 102 26.87 17.90 46.15
N SER E 103 27.11 19.15 46.42
CA SER E 103 27.11 20.18 45.40
C SER E 103 28.52 20.30 44.79
N TYR E 104 28.54 20.64 43.51
CA TYR E 104 29.77 20.95 42.82
C TYR E 104 29.74 22.42 42.45
N PRO E 105 30.91 23.01 42.10
CA PRO E 105 30.99 24.45 41.77
C PRO E 105 30.54 24.87 40.37
N PHE E 106 30.32 23.94 39.46
CA PHE E 106 30.17 24.29 38.05
C PHE E 106 29.47 23.17 37.27
N GLU E 107 28.66 23.52 36.26
CA GLU E 107 27.99 22.50 35.47
C GLU E 107 27.74 23.02 34.06
N ALA E 108 27.91 22.14 33.07
CA ALA E 108 27.63 22.48 31.67
C ALA E 108 26.52 21.61 31.11
N HIS E 109 25.63 22.27 30.37
CA HIS E 109 24.50 21.64 29.73
C HIS E 109 24.63 21.68 28.23
N PHE E 110 24.47 20.54 27.57
CA PHE E 110 24.42 20.46 26.11
C PHE E 110 23.01 20.19 25.64
N VAL E 111 22.39 21.21 25.09
CA VAL E 111 20.96 21.15 24.79
C VAL E 111 20.74 20.70 23.38
N HIS E 112 20.03 19.59 23.22
CA HIS E 112 19.70 19.05 21.90
C HIS E 112 18.18 19.05 21.60
N ALA E 113 17.80 18.96 20.33
CA ALA E 113 16.39 18.90 19.91
C ALA E 113 16.26 17.99 18.70
N ASP E 114 15.13 17.28 18.62
CA ASP E 114 14.85 16.39 17.48
C ASP E 114 13.94 17.14 16.50
N LYS E 115 13.50 16.46 15.45
CA LYS E 115 12.61 17.03 14.39
C LYS E 115 11.31 17.66 14.97
N ASP E 116 10.78 17.03 16.01
CA ASP E 116 9.53 17.44 16.65
C ASP E 116 9.70 18.39 17.82
N GLY E 117 10.97 18.72 18.10
CA GLY E 117 11.32 19.69 19.11
C GLY E 117 11.57 19.15 20.52
N ASN E 118 11.49 17.82 20.66
CA ASN E 118 11.72 17.15 21.94
C ASN E 118 13.20 17.31 22.31
N LEU E 119 13.46 17.61 23.58
CA LEU E 119 14.77 17.94 24.02
C LEU E 119 15.48 16.79 24.73
N ALA E 120 16.79 16.77 24.59
CA ALA E 120 17.65 15.88 25.33
C ALA E 120 18.83 16.75 25.83
N VAL E 121 19.10 16.72 27.11
CA VAL E 121 20.14 17.56 27.65
C VAL E 121 21.21 16.69 28.27
N ILE E 122 22.47 16.92 27.85
CA ILE E 122 23.58 16.24 28.48
C ILE E 122 24.13 17.19 29.49
N GLY E 123 24.33 16.68 30.69
CA GLY E 123 24.87 17.46 31.78
C GLY E 123 26.26 16.98 32.15
N VAL E 124 27.15 17.93 32.36
CA VAL E 124 28.45 17.58 32.82
C VAL E 124 28.70 18.39 34.04
N ILE E 125 28.99 17.70 35.13
CA ILE E 125 29.26 18.37 36.39
C ILE E 125 30.80 18.49 36.56
N PHE E 126 31.28 19.62 37.07
CA PHE E 126 32.70 19.92 37.26
C PHE E 126 33.10 20.11 38.70
N LYS E 127 34.35 19.72 39.04
CA LYS E 127 34.95 19.98 40.36
C LYS E 127 36.16 20.89 40.19
N GLU E 128 36.75 21.43 41.26
CA GLU E 128 38.03 22.17 41.14
C GLU E 128 39.19 21.24 40.87
N GLY E 129 40.00 21.56 39.86
CA GLY E 129 41.13 20.73 39.49
C GLY E 129 41.97 21.48 38.48
N LYS E 130 42.39 20.79 37.44
CA LYS E 130 43.19 21.42 36.41
C LYS E 130 42.42 22.47 35.59
N LYS E 131 43.16 23.45 35.10
CA LYS E 131 42.65 24.43 34.15
C LYS E 131 42.15 23.67 32.95
N ASN E 132 40.90 23.87 32.59
CA ASN E 132 40.36 23.20 31.43
C ASN E 132 40.76 23.99 30.18
N PRO E 133 41.40 23.33 29.21
CA PRO E 133 41.87 24.01 28.00
C PRO E 133 40.73 24.53 27.14
N ILE E 134 39.63 23.78 27.07
CA ILE E 134 38.49 24.19 26.22
C ILE E 134 37.74 25.36 26.88
N ILE E 135 37.56 25.30 28.20
CA ILE E 135 36.91 26.41 28.91
C ILE E 135 37.70 27.71 28.67
N GLU E 136 39.04 27.60 28.66
CA GLU E 136 39.91 28.76 28.49
C GLU E 136 39.68 29.43 27.15
N LYS E 137 39.52 28.63 26.10
CA LYS E 137 39.22 29.18 24.79
C LYS E 137 37.92 29.97 24.81
N ILE E 138 36.91 29.45 25.51
CA ILE E 138 35.62 30.15 25.62
C ILE E 138 35.79 31.38 26.51
N TRP E 139 36.48 31.25 27.63
CA TRP E 139 36.63 32.32 28.62
C TRP E 139 37.40 33.58 28.10
N GLU E 140 38.22 33.43 27.06
CA GLU E 140 38.92 34.59 26.48
C GLU E 140 37.95 35.52 25.76
N ASN E 141 36.89 34.93 25.23
CA ASN E 141 35.93 35.70 24.49
C ASN E 141 34.62 35.66 25.22
N LEU E 142 34.64 36.10 26.47
CA LEU E 142 33.45 36.05 27.30
C LEU E 142 32.87 37.43 27.13
N PRO E 143 31.66 37.50 26.55
CA PRO E 143 31.16 38.83 26.23
C PRO E 143 30.50 39.48 27.42
N GLU E 144 30.22 40.77 27.36
CA GLU E 144 29.48 41.44 28.43
C GLU E 144 28.00 41.24 28.23
N ALA E 145 27.25 41.59 29.27
CA ALA E 145 25.81 41.35 29.28
C ALA E 145 25.14 41.97 28.06
N GLY E 146 24.37 41.18 27.33
CA GLY E 146 23.67 41.74 26.20
C GLY E 146 24.44 41.66 24.93
N LYS E 147 25.71 41.27 25.00
CA LYS E 147 26.56 41.28 23.83
C LYS E 147 26.85 39.84 23.34
N THR E 148 27.14 39.70 22.03
CA THR E 148 27.42 38.40 21.40
C THR E 148 28.83 38.47 20.74
N ILE E 149 29.51 37.33 20.62
CA ILE E 149 30.86 37.30 20.02
C ILE E 149 31.03 36.16 19.09
N LYS E 150 31.08 36.46 17.80
CA LYS E 150 31.30 35.40 16.83
C LYS E 150 32.76 35.05 16.93
N LEU E 151 33.03 33.76 16.75
CA LEU E 151 34.31 33.22 17.15
C LEU E 151 35.25 33.03 16.00
N ALA E 152 36.52 33.17 16.34
CA ALA E 152 37.57 33.04 15.37
C ALA E 152 37.73 31.61 14.93
N HIS E 153 37.96 30.75 15.93
CA HIS E 153 38.06 29.31 15.74
C HIS E 153 36.85 28.57 16.36
N LYS E 154 36.08 27.88 15.52
CA LYS E 154 34.85 27.22 15.97
C LYS E 154 35.19 26.10 16.96
N ILE E 155 34.48 26.05 18.09
CA ILE E 155 34.80 25.12 19.20
C ILE E 155 34.09 23.76 19.11
N ASN E 156 34.76 22.68 19.53
CA ASN E 156 34.13 21.36 19.54
C ASN E 156 33.78 20.90 20.92
N ALA E 157 32.48 20.73 21.16
CA ALA E 157 31.92 20.39 22.46
C ALA E 157 32.34 19.04 23.01
N TYR E 158 32.79 18.14 22.13
CA TYR E 158 33.12 16.79 22.52
C TYR E 158 34.21 16.74 23.60
N ASP E 159 35.05 17.77 23.56
CA ASP E 159 36.20 17.91 24.43
C ASP E 159 35.85 18.30 25.87
N LEU E 160 34.62 18.79 26.07
CA LEU E 160 34.11 19.15 27.37
C LEU E 160 33.50 17.96 28.08
N LEU E 161 33.13 16.95 27.31
CA LEU E 161 32.63 15.69 27.87
C LEU E 161 33.76 14.83 28.38
N PRO E 162 33.56 14.13 29.50
CA PRO E 162 34.59 13.22 29.99
C PRO E 162 34.88 12.08 29.01
N LYS E 163 36.00 11.38 29.17
CA LYS E 163 36.43 10.33 28.23
C LYS E 163 35.49 9.14 28.42
N LYS E 164 35.23 8.84 29.69
CA LYS E 164 34.27 7.82 30.04
C LYS E 164 32.88 8.42 29.98
N LYS E 165 32.03 7.79 29.17
CA LYS E 165 30.68 8.25 28.91
C LYS E 165 29.56 7.53 29.73
N LYS E 166 29.94 6.83 30.79
CA LYS E 166 28.99 6.26 31.70
C LYS E 166 28.03 7.33 32.31
N TYR E 167 26.72 7.09 32.25
CA TYR E 167 25.79 8.16 32.58
C TYR E 167 24.61 7.77 33.42
N TYR E 168 24.06 8.80 34.07
CA TYR E 168 22.75 8.76 34.71
C TYR E 168 21.68 9.27 33.74
N ARG E 169 20.50 8.70 33.82
CA ARG E 169 19.38 9.18 32.98
C ARG E 169 18.06 9.33 33.79
N TYR E 170 17.28 10.33 33.44
CA TYR E 170 15.96 10.43 34.03
C TYR E 170 15.12 11.38 33.19
N SER E 171 13.81 11.30 33.43
CA SER E 171 12.82 12.14 32.77
C SER E 171 12.66 13.42 33.59
N GLY E 172 13.00 14.56 33.02
CA GLY E 172 12.86 15.83 33.73
C GLY E 172 12.47 17.00 32.87
N SER E 173 12.93 18.20 33.22
CA SER E 173 12.48 19.42 32.59
C SER E 173 13.61 20.38 32.28
N LEU E 174 13.31 21.45 31.56
CA LEU E 174 14.23 22.55 31.50
C LEU E 174 14.42 23.09 32.91
N THR E 175 15.63 23.56 33.19
CA THR E 175 16.00 24.12 34.48
C THR E 175 15.77 25.62 34.52
N THR E 176 15.25 26.14 33.42
CA THR E 176 14.84 27.54 33.35
C THR E 176 13.45 27.72 32.74
N PRO E 177 12.82 28.88 32.99
CA PRO E 177 11.48 29.07 32.41
C PRO E 177 11.47 28.88 30.89
N PRO E 178 10.40 28.26 30.33
CA PRO E 178 9.18 27.78 31.01
C PRO E 178 9.20 26.43 31.74
N CYS E 179 10.37 25.85 31.97
CA CYS E 179 10.52 24.65 32.80
C CYS E 179 9.77 23.47 32.21
N SER E 180 9.81 23.36 30.89
CA SER E 180 9.08 22.32 30.18
C SER E 180 9.50 20.93 30.53
N GLU E 181 8.55 20.06 30.84
CA GLU E 181 8.90 18.68 31.12
C GLU E 181 8.98 17.84 29.85
N GLY E 182 9.21 16.54 29.99
CA GLY E 182 9.35 15.70 28.82
C GLY E 182 10.78 15.78 28.25
N VAL E 183 11.71 16.21 29.09
CA VAL E 183 13.10 16.32 28.73
C VAL E 183 13.89 15.11 29.16
N ARG E 184 14.62 14.57 28.21
CA ARG E 184 15.57 13.53 28.48
C ARG E 184 16.83 14.13 29.08
N TRP E 185 17.17 13.71 30.29
CA TRP E 185 18.38 14.17 30.97
C TRP E 185 19.38 13.07 30.99
N ILE E 186 20.60 13.42 30.59
CA ILE E 186 21.72 12.52 30.52
C ILE E 186 22.86 13.19 31.27
N VAL E 187 23.07 12.74 32.49
CA VAL E 187 24.10 13.32 33.33
C VAL E 187 25.28 12.35 33.47
N MET E 188 26.46 12.77 33.04
CA MET E 188 27.66 11.95 33.10
C MET E 188 28.09 11.66 34.52
N GLU E 189 28.45 10.39 34.77
CA GLU E 189 28.88 9.98 36.11
C GLU E 189 30.25 10.57 36.42
N GLU E 190 31.15 10.48 35.45
CA GLU E 190 32.49 11.03 35.61
C GLU E 190 32.41 12.54 35.61
N GLU E 191 33.05 13.18 36.58
CA GLU E 191 33.16 14.63 36.67
C GLU E 191 34.35 15.09 35.82
N MET E 192 34.19 16.21 35.14
CA MET E 192 35.28 16.89 34.45
C MET E 192 35.97 17.90 35.46
N GLU E 193 36.99 18.65 35.04
CA GLU E 193 37.69 19.59 35.94
C GLU E 193 37.87 20.94 35.31
N LEU E 194 37.81 21.96 36.14
CA LEU E 194 38.23 23.30 35.74
C LEU E 194 38.81 23.96 36.98
N SER E 195 39.60 25.01 36.72
CA SER E 195 40.38 25.72 37.74
C SER E 195 39.55 26.68 38.60
N LYS E 196 40.09 26.97 39.78
CA LYS E 196 39.53 27.94 40.72
C LYS E 196 39.31 29.32 40.09
N GLU E 197 40.30 29.74 39.29
CA GLU E 197 40.29 31.04 38.64
C GLU E 197 39.23 31.06 37.57
N GLN E 198 39.16 29.97 36.82
CA GLN E 198 38.24 29.85 35.72
C GLN E 198 36.80 29.90 36.23
N ILE E 199 36.55 29.27 37.37
CA ILE E 199 35.24 29.34 38.00
C ILE E 199 34.96 30.74 38.50
N GLU E 200 35.94 31.34 39.20
CA GLU E 200 35.72 32.65 39.80
C GLU E 200 35.51 33.67 38.73
N LYS E 201 36.16 33.49 37.60
CA LYS E 201 35.97 34.44 36.50
C LYS E 201 34.52 34.40 36.03
N PHE E 202 33.93 33.19 35.95
CA PHE E 202 32.56 33.05 35.49
C PHE E 202 31.51 33.58 36.44
N ARG E 203 31.60 33.22 37.71
CA ARG E 203 30.58 33.64 38.69
C ARG E 203 30.62 35.14 38.69
N LYS E 204 31.84 35.67 38.62
CA LYS E 204 32.10 37.10 38.72
C LYS E 204 31.40 37.89 37.61
N LEU E 205 31.48 37.37 36.40
CA LEU E 205 30.85 37.96 35.23
C LEU E 205 29.34 37.85 35.29
N MET E 206 28.88 36.77 35.91
CA MET E 206 27.50 36.43 35.98
C MET E 206 26.74 37.17 37.10
N GLY E 207 27.45 37.47 38.19
CA GLY E 207 26.92 38.30 39.26
C GLY E 207 26.39 37.53 40.44
N GLY E 208 26.87 36.31 40.63
CA GLY E 208 26.42 35.43 41.70
C GLY E 208 25.92 34.09 41.17
N ASP E 209 25.15 33.36 41.97
CA ASP E 209 24.70 32.01 41.56
C ASP E 209 23.85 32.03 40.28
N THR E 210 24.00 31.00 39.46
CA THR E 210 23.20 30.82 38.25
C THR E 210 22.56 29.41 38.17
N ASN E 211 22.12 28.90 39.33
CA ASN E 211 21.50 27.57 39.45
C ASN E 211 20.10 27.61 40.06
N ARG E 212 19.24 26.70 39.60
CA ARG E 212 17.94 26.46 40.21
C ARG E 212 18.08 25.46 41.37
N PRO E 213 17.42 25.70 42.51
CA PRO E 213 17.55 24.74 43.62
C PRO E 213 17.14 23.36 43.20
N VAL E 214 17.66 22.30 43.80
CA VAL E 214 17.24 20.96 43.39
C VAL E 214 15.72 20.82 43.59
N GLN E 215 15.14 19.98 42.75
CA GLN E 215 13.70 19.69 42.74
C GLN E 215 13.47 18.28 43.28
N PRO E 216 12.29 18.03 43.87
CA PRO E 216 11.96 16.72 44.41
C PRO E 216 11.90 15.66 43.32
N LEU E 217 12.43 14.47 43.61
CA LEU E 217 12.31 13.34 42.68
C LEU E 217 10.85 12.87 42.47
N ASN E 218 10.07 12.87 43.56
CA ASN E 218 8.67 12.39 43.56
C ASN E 218 8.57 10.94 43.14
N ALA E 219 7.93 10.63 42.02
CA ALA E 219 7.74 9.22 41.74
C ALA E 219 8.96 8.62 41.03
N ARG E 220 9.86 9.48 40.58
CA ARG E 220 10.96 9.06 39.69
C ARG E 220 12.14 8.35 40.34
N MET E 221 12.83 7.56 39.54
CA MET E 221 14.12 6.98 39.90
C MET E 221 15.18 7.46 38.93
N ILE E 222 16.43 7.54 39.38
CA ILE E 222 17.57 7.84 38.51
C ILE E 222 18.20 6.54 38.02
N MET E 223 18.32 6.37 36.72
CA MET E 223 18.97 5.18 36.18
C MET E 223 20.43 5.48 35.88
N GLU E 224 21.30 4.53 36.27
CA GLU E 224 22.74 4.59 35.99
C GLU E 224 23.06 3.48 35.04
N MET E 225 23.71 3.82 33.91
CA MET E 225 24.16 2.79 32.95
C MET E 225 25.12 1.76 33.54
N ASP E 226 24.97 0.52 33.10
CA ASP E 226 25.83 -0.56 33.55
C ASP E 226 27.06 -0.65 32.64
N HIS F 5 -28.28 -24.04 -47.53
CA HIS F 5 -27.71 -23.67 -46.24
C HIS F 5 -26.24 -24.22 -46.17
N TRP F 6 -25.68 -24.31 -44.95
CA TRP F 6 -24.36 -24.90 -44.68
C TRP F 6 -24.56 -26.13 -43.80
N SER F 7 -23.60 -27.06 -43.87
CA SER F 7 -23.67 -28.30 -43.07
C SER F 7 -22.30 -28.88 -42.69
N TYR F 8 -22.32 -30.08 -42.10
CA TYR F 8 -21.10 -30.75 -41.65
C TYR F 8 -20.61 -31.79 -42.66
N HIS F 9 -21.31 -31.91 -43.78
CA HIS F 9 -20.99 -32.90 -44.80
C HIS F 9 -21.16 -32.33 -46.23
N GLY F 10 -20.35 -32.85 -47.15
CA GLY F 10 -20.52 -32.63 -48.57
C GLY F 10 -20.04 -31.28 -49.06
N GLU F 11 -20.71 -30.79 -50.09
CA GLU F 11 -20.28 -29.59 -50.76
C GLU F 11 -20.46 -28.36 -49.93
N THR F 12 -21.41 -28.38 -48.99
CA THR F 12 -21.64 -27.24 -48.09
C THR F 12 -20.95 -27.52 -46.74
N GLY F 13 -19.98 -28.44 -46.77
CA GLY F 13 -19.28 -28.86 -45.58
C GLY F 13 -18.22 -27.87 -45.15
N PRO F 14 -17.61 -28.10 -43.96
CA PRO F 14 -16.66 -27.21 -43.27
C PRO F 14 -15.50 -26.67 -44.12
N GLN F 15 -15.02 -27.48 -45.07
CA GLN F 15 -13.87 -27.17 -45.95
C GLN F 15 -14.24 -26.14 -47.02
N HIS F 16 -15.55 -25.86 -47.14
CA HIS F 16 -16.08 -24.99 -48.16
C HIS F 16 -16.92 -23.84 -47.56
N TRP F 17 -17.05 -23.76 -46.23
CA TRP F 17 -17.91 -22.75 -45.62
C TRP F 17 -17.53 -21.40 -46.14
N GLY F 18 -16.23 -21.16 -46.30
CA GLY F 18 -15.74 -19.89 -46.79
C GLY F 18 -16.15 -19.52 -48.21
N ASP F 19 -16.49 -20.53 -49.02
CA ASP F 19 -16.87 -20.34 -50.41
C ASP F 19 -18.41 -20.18 -50.58
N LEU F 20 -19.19 -20.52 -49.54
CA LEU F 20 -20.67 -20.45 -49.63
C LEU F 20 -21.28 -19.04 -49.65
N LYS F 21 -21.05 -18.24 -48.62
CA LYS F 21 -21.56 -16.87 -48.55
C LYS F 21 -20.38 -15.96 -48.31
N ASN F 22 -20.50 -14.70 -48.70
CA ASN F 22 -19.43 -13.76 -48.49
C ASN F 22 -19.29 -13.37 -47.00
N GLU F 23 -20.39 -13.54 -46.25
CA GLU F 23 -20.41 -13.29 -44.80
C GLU F 23 -19.48 -14.31 -44.11
N TYR F 24 -19.19 -15.39 -44.82
CA TYR F 24 -18.44 -16.51 -44.27
C TYR F 24 -16.95 -16.47 -44.58
N ILE F 25 -16.44 -15.31 -44.97
CA ILE F 25 -15.06 -15.20 -45.47
C ILE F 25 -13.99 -15.58 -44.42
N MET F 26 -14.20 -15.19 -43.18
CA MET F 26 -13.30 -15.53 -42.09
C MET F 26 -13.15 -17.04 -41.92
N CYS F 27 -14.12 -17.83 -42.39
CA CYS F 27 -14.01 -19.29 -42.25
C CYS F 27 -12.81 -19.86 -43.08
N LYS F 28 -12.45 -19.20 -44.18
CA LYS F 28 -11.36 -19.71 -45.03
C LYS F 28 -10.08 -18.93 -44.80
N ILE F 29 -10.16 -17.61 -44.59
CA ILE F 29 -8.96 -16.77 -44.42
C ILE F 29 -8.52 -16.55 -42.97
N GLY F 30 -9.36 -16.96 -42.01
CA GLY F 30 -9.06 -16.68 -40.63
C GLY F 30 -7.80 -17.37 -40.17
N LYS F 31 -7.00 -16.68 -39.35
CA LYS F 31 -5.75 -17.21 -38.85
C LYS F 31 -5.81 -17.43 -37.36
N ASN F 32 -6.98 -17.14 -36.78
CA ASN F 32 -7.21 -17.35 -35.37
C ASN F 32 -8.57 -18.09 -35.19
N GLN F 33 -8.69 -19.21 -35.89
CA GLN F 33 -9.93 -19.96 -35.93
C GLN F 33 -9.92 -21.08 -34.87
N SER F 34 -11.14 -21.57 -34.60
CA SER F 34 -11.43 -22.68 -33.69
C SER F 34 -12.21 -23.75 -34.44
N PRO F 35 -12.18 -24.99 -33.96
CA PRO F 35 -11.47 -25.45 -32.77
C PRO F 35 -9.98 -25.70 -33.05
N VAL F 36 -9.24 -26.06 -32.01
CA VAL F 36 -7.82 -26.33 -32.14
C VAL F 36 -7.41 -27.57 -31.37
N ASP F 37 -6.20 -28.01 -31.66
CA ASP F 37 -5.57 -29.09 -30.94
C ASP F 37 -4.89 -28.42 -29.74
N ILE F 38 -5.33 -28.74 -28.52
CA ILE F 38 -4.70 -28.19 -27.32
C ILE F 38 -3.32 -28.86 -27.22
N SER F 39 -2.31 -28.20 -27.77
CA SER F 39 -1.02 -28.83 -27.98
C SER F 39 0.11 -28.01 -27.42
N ARG F 40 0.30 -26.80 -27.95
CA ARG F 40 1.39 -26.00 -27.45
C ARG F 40 0.86 -25.16 -26.31
N ILE F 41 1.02 -25.74 -25.13
CA ILE F 41 0.53 -25.24 -23.87
C ILE F 41 1.61 -24.55 -23.04
N VAL F 42 1.21 -23.53 -22.31
CA VAL F 42 2.10 -22.84 -21.37
C VAL F 42 1.38 -22.50 -20.05
N GLU F 43 2.04 -22.80 -18.94
CA GLU F 43 1.52 -22.47 -17.63
C GLU F 43 1.40 -20.99 -17.56
N ALA F 44 0.25 -20.50 -17.12
CA ALA F 44 0.00 -19.08 -17.01
C ALA F 44 -0.83 -18.85 -15.76
N GLU F 45 -0.58 -17.76 -15.05
CA GLU F 45 -1.32 -17.46 -13.83
C GLU F 45 -2.65 -16.81 -14.15
N LEU F 46 -3.51 -17.55 -14.83
CA LEU F 46 -4.84 -17.09 -15.17
C LEU F 46 -5.73 -17.13 -13.92
N GLU F 47 -6.64 -16.19 -13.75
CA GLU F 47 -7.41 -16.21 -12.51
C GLU F 47 -8.65 -17.07 -12.64
N LYS F 48 -9.11 -17.51 -11.47
CA LYS F 48 -10.34 -18.28 -11.36
C LYS F 48 -11.48 -17.47 -11.93
N ILE F 49 -12.24 -18.08 -12.82
CA ILE F 49 -13.36 -17.42 -13.44
C ILE F 49 -14.53 -17.48 -12.51
N LYS F 50 -15.11 -16.33 -12.20
CA LYS F 50 -16.30 -16.35 -11.38
C LYS F 50 -17.45 -16.88 -12.23
N ILE F 51 -18.16 -17.86 -11.69
CA ILE F 51 -19.34 -18.42 -12.34
C ILE F 51 -20.55 -18.14 -11.43
N ASN F 52 -21.56 -17.47 -11.97
CA ASN F 52 -22.81 -17.24 -11.24
C ASN F 52 -23.99 -17.62 -12.14
N TYR F 53 -24.28 -18.90 -12.11
CA TYR F 53 -25.31 -19.49 -12.93
C TYR F 53 -26.58 -19.70 -12.16
N SER F 54 -27.68 -19.79 -12.87
CA SER F 54 -28.96 -20.15 -12.24
C SER F 54 -29.66 -21.10 -13.19
N SER F 55 -30.61 -21.86 -12.67
CA SER F 55 -31.41 -22.75 -13.51
C SER F 55 -32.20 -21.88 -14.47
N GLY F 56 -31.73 -21.80 -15.71
CA GLY F 56 -32.33 -20.97 -16.74
C GLY F 56 -32.55 -21.69 -18.04
N GLY F 57 -32.26 -22.99 -18.08
CA GLY F 57 -32.43 -23.78 -19.29
C GLY F 57 -33.86 -24.05 -19.66
N SER F 58 -34.46 -23.17 -20.46
CA SER F 58 -35.91 -23.23 -20.71
C SER F 58 -36.33 -24.09 -21.93
N SER F 59 -35.60 -24.04 -23.04
CA SER F 59 -36.03 -24.71 -24.27
C SER F 59 -34.91 -25.51 -24.87
N ILE F 60 -35.29 -26.55 -25.61
CA ILE F 60 -34.36 -27.35 -26.37
C ILE F 60 -34.80 -27.21 -27.82
N THR F 61 -33.84 -26.93 -28.70
CA THR F 61 -34.12 -26.69 -30.11
C THR F 61 -33.21 -27.59 -30.93
N ASN F 62 -33.72 -27.95 -32.10
CA ASN F 62 -32.98 -28.73 -33.08
C ASN F 62 -33.00 -27.98 -34.39
N ASN F 63 -31.92 -27.26 -34.68
CA ASN F 63 -31.77 -26.52 -35.93
C ASN F 63 -31.00 -27.35 -36.96
N GLY F 64 -30.91 -28.67 -36.75
CA GLY F 64 -30.28 -29.57 -37.70
C GLY F 64 -28.78 -29.72 -37.58
N HIS F 65 -28.16 -28.71 -36.96
CA HIS F 65 -26.71 -28.67 -36.74
C HIS F 65 -26.34 -29.19 -35.37
N THR F 66 -27.23 -28.96 -34.43
CA THR F 66 -27.02 -29.34 -33.03
C THR F 66 -28.34 -29.37 -32.23
N ILE F 67 -28.24 -29.83 -30.98
CA ILE F 67 -29.30 -29.64 -30.00
C ILE F 67 -28.88 -28.52 -29.08
N LYS F 68 -29.56 -27.38 -29.23
CA LYS F 68 -29.27 -26.20 -28.43
C LYS F 68 -30.32 -25.91 -27.34
N VAL F 69 -29.83 -25.80 -26.11
CA VAL F 69 -30.62 -25.41 -24.96
C VAL F 69 -30.52 -23.92 -24.69
N SER F 70 -31.63 -23.21 -24.88
CA SER F 70 -31.71 -21.79 -24.62
C SER F 70 -31.77 -21.51 -23.15
N TYR F 71 -31.12 -20.42 -22.77
CA TYR F 71 -31.00 -19.98 -21.39
C TYR F 71 -31.65 -18.61 -21.28
N GLU F 72 -32.42 -18.46 -20.21
CA GLU F 72 -33.12 -17.22 -19.89
C GLU F 72 -32.15 -16.31 -19.13
N PRO F 73 -32.36 -14.99 -19.18
CA PRO F 73 -31.43 -14.03 -18.60
C PRO F 73 -31.21 -14.24 -17.12
N GLY F 74 -30.07 -13.80 -16.59
CA GLY F 74 -29.79 -13.89 -15.17
C GLY F 74 -28.55 -14.66 -14.86
N SER F 75 -28.06 -15.44 -15.83
CA SER F 75 -26.86 -16.24 -15.63
C SER F 75 -25.66 -15.66 -16.37
N TYR F 76 -24.50 -15.65 -15.72
CA TYR F 76 -23.31 -15.03 -16.31
C TYR F 76 -21.96 -15.54 -15.74
N ILE F 77 -20.89 -15.22 -16.46
CA ILE F 77 -19.54 -15.43 -15.96
C ILE F 77 -18.77 -14.13 -16.05
N ILE F 78 -17.68 -14.05 -15.29
CA ILE F 78 -16.80 -12.90 -15.37
C ILE F 78 -15.44 -13.31 -15.96
N VAL F 79 -15.11 -12.68 -17.09
CA VAL F 79 -13.82 -12.89 -17.75
C VAL F 79 -13.21 -11.52 -18.04
N ASP F 80 -11.99 -11.27 -17.55
CA ASP F 80 -11.34 -9.98 -17.74
C ASP F 80 -12.12 -8.81 -17.20
N GLY F 81 -12.81 -9.02 -16.09
CA GLY F 81 -13.59 -7.98 -15.46
C GLY F 81 -14.83 -7.57 -16.22
N ILE F 82 -15.18 -8.37 -17.23
CA ILE F 82 -16.38 -8.14 -18.06
C ILE F 82 -17.43 -9.26 -17.78
N ARG F 83 -18.70 -8.87 -17.71
CA ARG F 83 -19.81 -9.81 -17.52
C ARG F 83 -20.29 -10.37 -18.86
N PHE F 84 -20.18 -11.68 -19.01
CA PHE F 84 -20.61 -12.36 -20.20
C PHE F 84 -21.83 -13.18 -19.87
N GLU F 85 -22.99 -12.78 -20.40
CA GLU F 85 -24.25 -13.46 -20.12
C GLU F 85 -24.39 -14.74 -20.93
N LEU F 86 -24.72 -15.82 -20.23
CA LEU F 86 -24.92 -17.10 -20.85
C LEU F 86 -26.23 -17.03 -21.63
N LYS F 87 -26.16 -17.22 -22.93
CA LYS F 87 -27.33 -17.16 -23.81
C LYS F 87 -27.86 -18.55 -24.22
N GLN F 88 -26.98 -19.54 -24.32
CA GLN F 88 -27.33 -20.92 -24.71
C GLN F 88 -26.19 -21.87 -24.51
N PHE F 89 -26.47 -23.16 -24.62
CA PHE F 89 -25.39 -24.12 -24.70
C PHE F 89 -25.82 -25.21 -25.70
N HIS F 90 -24.86 -25.82 -26.38
CA HIS F 90 -25.18 -26.82 -27.40
C HIS F 90 -24.15 -27.91 -27.42
N PHE F 91 -24.26 -28.81 -28.39
CA PHE F 91 -23.42 -29.99 -28.39
C PHE F 91 -22.81 -30.30 -29.77
N HIS F 92 -21.68 -31.00 -29.76
CA HIS F 92 -21.02 -31.41 -30.98
C HIS F 92 -20.57 -32.81 -30.67
N ALA F 93 -20.54 -33.65 -31.71
CA ALA F 93 -20.11 -35.04 -31.63
C ALA F 93 -19.56 -35.47 -33.01
N PRO F 94 -18.28 -35.89 -33.08
CA PRO F 94 -17.34 -35.97 -31.98
C PRO F 94 -16.88 -34.60 -31.52
N SER F 95 -15.98 -34.56 -30.55
CA SER F 95 -15.49 -33.31 -30.02
C SER F 95 -14.86 -32.47 -31.13
N GLU F 96 -14.94 -31.18 -30.92
CA GLU F 96 -14.33 -30.25 -31.83
C GLU F 96 -12.86 -30.06 -31.51
N HIS F 97 -12.56 -29.82 -30.24
CA HIS F 97 -11.19 -29.72 -29.72
C HIS F 97 -10.56 -31.10 -29.51
N THR F 98 -9.24 -31.23 -29.68
CA THR F 98 -8.54 -32.48 -29.41
C THR F 98 -7.50 -32.11 -28.35
N ILE F 99 -7.19 -33.03 -27.43
CA ILE F 99 -6.19 -32.76 -26.39
C ILE F 99 -4.96 -33.59 -26.61
N LYS F 100 -3.86 -32.91 -26.93
CA LYS F 100 -2.58 -33.53 -27.25
C LYS F 100 -2.74 -34.62 -28.33
N GLY F 101 -3.54 -34.30 -29.34
CA GLY F 101 -3.81 -35.15 -30.46
C GLY F 101 -5.05 -36.05 -30.36
N LYS F 102 -5.50 -36.45 -29.16
CA LYS F 102 -6.64 -37.39 -29.07
C LYS F 102 -7.96 -36.74 -29.25
N SER F 103 -8.81 -37.38 -30.04
CA SER F 103 -10.19 -36.95 -30.20
C SER F 103 -11.06 -37.65 -29.19
N TYR F 104 -12.00 -36.86 -28.67
CA TYR F 104 -13.00 -37.31 -27.71
C TYR F 104 -14.33 -37.40 -28.43
N PRO F 105 -15.29 -38.17 -27.87
CA PRO F 105 -16.57 -38.45 -28.51
C PRO F 105 -17.61 -37.35 -28.51
N PHE F 106 -17.46 -36.35 -27.64
CA PHE F 106 -18.53 -35.40 -27.39
C PHE F 106 -17.99 -34.13 -26.75
N GLU F 107 -18.56 -32.99 -27.15
CA GLU F 107 -18.17 -31.68 -26.63
C GLU F 107 -19.40 -30.77 -26.48
N ALA F 108 -19.43 -29.97 -25.43
CA ALA F 108 -20.49 -29.00 -25.19
C ALA F 108 -19.95 -27.58 -25.13
N HIS F 109 -20.65 -26.65 -25.76
CA HIS F 109 -20.28 -25.24 -25.71
C HIS F 109 -21.31 -24.43 -24.90
N PHE F 110 -20.84 -23.65 -23.92
CA PHE F 110 -21.72 -22.74 -23.20
C PHE F 110 -21.38 -21.35 -23.68
N VAL F 111 -22.22 -20.82 -24.56
CA VAL F 111 -21.89 -19.56 -25.24
C VAL F 111 -22.38 -18.35 -24.47
N HIS F 112 -21.48 -17.44 -24.11
CA HIS F 112 -21.88 -16.22 -23.41
C HIS F 112 -21.62 -14.94 -24.21
N ALA F 113 -22.29 -13.83 -23.87
CA ALA F 113 -22.10 -12.56 -24.58
C ALA F 113 -22.18 -11.35 -23.66
N ASP F 114 -21.34 -10.35 -23.92
CA ASP F 114 -21.32 -9.16 -23.08
C ASP F 114 -22.25 -8.05 -23.65
N LYS F 115 -22.25 -6.87 -23.03
CA LYS F 115 -23.08 -5.73 -23.45
C LYS F 115 -22.95 -5.43 -24.94
N ASP F 116 -21.73 -5.51 -25.44
CA ASP F 116 -21.45 -5.07 -26.79
C ASP F 116 -21.36 -6.13 -27.88
N GLY F 117 -21.61 -7.38 -27.49
CA GLY F 117 -21.66 -8.52 -28.41
C GLY F 117 -20.40 -9.40 -28.45
N ASN F 118 -19.41 -9.10 -27.65
CA ASN F 118 -18.23 -9.95 -27.57
C ASN F 118 -18.59 -11.27 -26.87
N LEU F 119 -18.16 -12.38 -27.46
CA LEU F 119 -18.53 -13.71 -27.03
C LEU F 119 -17.46 -14.36 -26.19
N ALA F 120 -17.88 -15.19 -25.26
CA ALA F 120 -16.99 -16.03 -24.48
C ALA F 120 -17.67 -17.36 -24.38
N VAL F 121 -16.99 -18.41 -24.86
CA VAL F 121 -17.53 -19.77 -24.87
C VAL F 121 -16.76 -20.67 -23.93
N ILE F 122 -17.51 -21.39 -23.08
CA ILE F 122 -16.91 -22.39 -22.24
C ILE F 122 -17.09 -23.71 -22.98
N GLY F 123 -16.02 -24.45 -23.13
CA GLY F 123 -16.04 -25.72 -23.82
C GLY F 123 -15.78 -26.77 -22.79
N VAL F 124 -16.57 -27.85 -22.81
CA VAL F 124 -16.33 -29.01 -21.98
C VAL F 124 -16.30 -30.23 -22.88
N ILE F 125 -15.23 -31.01 -22.76
CA ILE F 125 -15.10 -32.22 -23.57
C ILE F 125 -15.54 -33.40 -22.71
N PHE F 126 -16.30 -34.30 -23.30
CA PHE F 126 -16.85 -35.43 -22.57
C PHE F 126 -16.23 -36.69 -23.12
N LYS F 127 -16.05 -37.70 -22.27
CA LYS F 127 -15.58 -39.05 -22.69
C LYS F 127 -16.63 -40.14 -22.40
N GLU F 128 -16.46 -41.36 -22.95
CA GLU F 128 -17.45 -42.42 -22.69
C GLU F 128 -17.32 -42.91 -21.26
N GLY F 129 -18.46 -42.96 -20.57
CA GLY F 129 -18.49 -43.37 -19.18
C GLY F 129 -19.91 -43.61 -18.73
N LYS F 130 -20.23 -43.16 -17.52
CA LYS F 130 -21.57 -43.37 -16.97
C LYS F 130 -22.63 -42.54 -17.69
N LYS F 131 -23.87 -42.98 -17.57
CA LYS F 131 -25.01 -42.20 -18.04
C LYS F 131 -24.92 -40.87 -17.31
N ASN F 132 -24.95 -39.79 -18.07
CA ASN F 132 -25.01 -38.47 -17.46
C ASN F 132 -26.46 -38.08 -17.12
N PRO F 133 -26.72 -37.76 -15.85
CA PRO F 133 -28.11 -37.43 -15.48
C PRO F 133 -28.64 -36.19 -16.16
N ILE F 134 -27.80 -35.17 -16.31
CA ILE F 134 -28.28 -33.88 -16.82
C ILE F 134 -28.54 -34.01 -18.31
N ILE F 135 -27.64 -34.71 -19.01
CA ILE F 135 -27.81 -34.92 -20.44
C ILE F 135 -29.11 -35.69 -20.71
N GLU F 136 -29.46 -36.65 -19.84
CA GLU F 136 -30.67 -37.42 -20.06
C GLU F 136 -31.92 -36.52 -20.04
N LYS F 137 -31.99 -35.57 -19.13
CA LYS F 137 -33.12 -34.65 -19.10
C LYS F 137 -33.24 -33.97 -20.45
N ILE F 138 -32.11 -33.59 -21.04
CA ILE F 138 -32.13 -32.97 -22.36
C ILE F 138 -32.47 -34.03 -23.40
N TRP F 139 -31.92 -35.23 -23.27
CA TRP F 139 -32.10 -36.29 -24.27
C TRP F 139 -33.55 -36.80 -24.34
N GLU F 140 -34.27 -36.67 -23.23
CA GLU F 140 -35.67 -37.06 -23.16
C GLU F 140 -36.55 -36.13 -23.95
N ASN F 141 -36.19 -34.85 -24.02
CA ASN F 141 -37.04 -33.90 -24.70
C ASN F 141 -36.34 -33.37 -25.93
N LEU F 142 -35.98 -34.30 -26.80
CA LEU F 142 -35.19 -34.02 -27.97
C LEU F 142 -36.06 -33.80 -29.20
N PRO F 143 -36.11 -32.57 -29.70
CA PRO F 143 -37.04 -32.38 -30.81
C PRO F 143 -36.49 -32.85 -32.15
N GLU F 144 -37.37 -32.84 -33.15
CA GLU F 144 -37.02 -33.10 -34.53
C GLU F 144 -36.55 -31.83 -35.19
N ALA F 145 -35.92 -31.97 -36.35
CA ALA F 145 -35.35 -30.81 -37.02
C ALA F 145 -36.42 -29.76 -37.22
N GLY F 146 -36.09 -28.55 -36.84
CA GLY F 146 -36.99 -27.42 -37.00
C GLY F 146 -37.86 -27.23 -35.78
N LYS F 147 -37.92 -28.21 -34.89
CA LYS F 147 -38.88 -28.07 -33.80
C LYS F 147 -38.19 -27.76 -32.48
N THR F 148 -38.94 -27.06 -31.63
CA THR F 148 -38.47 -26.57 -30.33
C THR F 148 -39.38 -27.11 -29.23
N ILE F 149 -38.82 -27.36 -28.06
CA ILE F 149 -39.56 -27.91 -26.93
C ILE F 149 -39.24 -27.20 -25.63
N LYS F 150 -40.26 -26.58 -25.03
CA LYS F 150 -40.12 -25.89 -23.74
C LYS F 150 -40.07 -26.92 -22.63
N LEU F 151 -39.30 -26.64 -21.60
CA LEU F 151 -39.09 -27.61 -20.55
C LEU F 151 -39.91 -27.16 -19.34
N ALA F 152 -40.30 -28.12 -18.48
CA ALA F 152 -41.03 -27.76 -17.26
C ALA F 152 -40.02 -27.65 -16.13
N HIS F 153 -39.03 -28.54 -16.11
CA HIS F 153 -37.93 -28.42 -15.19
C HIS F 153 -36.71 -27.80 -15.90
N LYS F 154 -36.42 -26.54 -15.58
CA LYS F 154 -35.32 -25.80 -16.22
C LYS F 154 -33.95 -26.42 -15.85
N ILE F 155 -33.07 -26.52 -16.83
CA ILE F 155 -31.80 -27.19 -16.58
C ILE F 155 -30.82 -26.15 -16.04
N ASN F 156 -29.97 -26.56 -15.10
CA ASN F 156 -28.93 -25.66 -14.63
C ASN F 156 -27.60 -26.09 -15.20
N ALA F 157 -27.06 -25.27 -16.11
CA ALA F 157 -25.90 -25.68 -16.91
C ALA F 157 -24.67 -25.94 -16.06
N TYR F 158 -24.64 -25.37 -14.85
CA TYR F 158 -23.50 -25.51 -13.93
C TYR F 158 -23.20 -26.95 -13.63
N ASP F 159 -24.26 -27.77 -13.72
CA ASP F 159 -24.23 -29.20 -13.44
C ASP F 159 -23.45 -29.98 -14.53
N LEU F 160 -23.32 -29.41 -15.72
CA LEU F 160 -22.47 -30.02 -16.75
C LEU F 160 -20.97 -29.66 -16.65
N LEU F 161 -20.61 -28.60 -15.91
CA LEU F 161 -19.22 -28.22 -15.65
C LEU F 161 -18.64 -29.06 -14.52
N PRO F 162 -17.36 -29.48 -14.63
CA PRO F 162 -16.65 -30.25 -13.59
C PRO F 162 -16.45 -29.53 -12.28
N LYS F 163 -16.14 -30.29 -11.23
CA LYS F 163 -15.90 -29.77 -9.88
C LYS F 163 -14.65 -28.91 -9.86
N LYS F 164 -13.60 -29.40 -10.53
CA LYS F 164 -12.40 -28.61 -10.70
C LYS F 164 -12.56 -27.79 -11.96
N LYS F 165 -12.45 -26.48 -11.80
CA LYS F 165 -12.69 -25.55 -12.91
C LYS F 165 -11.40 -24.99 -13.53
N LYS F 166 -10.30 -25.72 -13.36
CA LYS F 166 -9.04 -25.43 -14.03
C LYS F 166 -9.15 -25.46 -15.55
N TYR F 167 -8.58 -24.46 -16.22
CA TYR F 167 -8.88 -24.30 -17.63
C TYR F 167 -7.78 -23.82 -18.53
N TYR F 168 -7.96 -24.12 -19.80
CA TYR F 168 -7.17 -23.59 -20.89
C TYR F 168 -7.83 -22.32 -21.41
N ARG F 169 -7.04 -21.41 -21.95
CA ARG F 169 -7.63 -20.25 -22.58
C ARG F 169 -6.86 -19.91 -23.84
N TYR F 170 -7.58 -19.46 -24.85
CA TYR F 170 -6.96 -18.92 -26.06
C TYR F 170 -7.95 -18.08 -26.80
N SER F 171 -7.42 -17.27 -27.72
CA SER F 171 -8.22 -16.39 -28.58
C SER F 171 -8.63 -17.16 -29.83
N GLY F 172 -9.94 -17.36 -30.00
CA GLY F 172 -10.44 -18.15 -31.12
C GLY F 172 -11.68 -17.64 -31.84
N SER F 173 -12.54 -18.55 -32.34
CA SER F 173 -13.68 -18.18 -33.17
C SER F 173 -14.90 -19.03 -32.89
N LEU F 174 -16.00 -18.66 -33.55
CA LEU F 174 -17.16 -19.54 -33.68
C LEU F 174 -16.70 -20.74 -34.48
N THR F 175 -17.15 -21.93 -34.08
CA THR F 175 -16.76 -23.13 -34.78
C THR F 175 -17.74 -23.42 -35.87
N THR F 176 -18.67 -22.49 -36.07
CA THR F 176 -19.61 -22.56 -37.18
C THR F 176 -19.66 -21.21 -37.85
N PRO F 177 -20.09 -21.18 -39.11
CA PRO F 177 -20.24 -19.91 -39.82
C PRO F 177 -21.06 -18.87 -39.06
N PRO F 178 -20.70 -17.59 -39.19
CA PRO F 178 -19.67 -16.94 -40.03
C PRO F 178 -18.25 -17.02 -39.46
N CYS F 179 -18.06 -17.90 -38.49
CA CYS F 179 -16.71 -18.18 -37.96
C CYS F 179 -16.05 -16.93 -37.41
N SER F 180 -16.88 -16.08 -36.82
CA SER F 180 -16.40 -14.82 -36.29
C SER F 180 -15.36 -15.02 -35.23
N GLU F 181 -14.29 -14.26 -35.37
CA GLU F 181 -13.19 -14.23 -34.42
C GLU F 181 -13.42 -13.24 -33.28
N GLY F 182 -12.43 -13.12 -32.43
CA GLY F 182 -12.54 -12.23 -31.30
C GLY F 182 -13.28 -12.92 -30.21
N VAL F 183 -13.32 -14.25 -30.25
CA VAL F 183 -14.03 -15.09 -29.26
C VAL F 183 -13.09 -15.56 -28.16
N ARG F 184 -13.53 -15.36 -26.93
CA ARG F 184 -12.83 -15.87 -25.76
C ARG F 184 -13.17 -17.33 -25.54
N TRP F 185 -12.17 -18.20 -25.63
CA TRP F 185 -12.41 -19.62 -25.43
C TRP F 185 -11.90 -20.10 -24.09
N ILE F 186 -12.76 -20.84 -23.38
CA ILE F 186 -12.40 -21.38 -22.09
C ILE F 186 -12.70 -22.87 -22.09
N VAL F 187 -11.65 -23.68 -22.23
CA VAL F 187 -11.79 -25.10 -22.27
C VAL F 187 -11.38 -25.70 -20.94
N MET F 188 -12.32 -26.33 -20.26
CA MET F 188 -12.06 -26.94 -18.96
C MET F 188 -11.09 -28.08 -19.09
N GLU F 189 -10.20 -28.26 -18.14
CA GLU F 189 -9.26 -29.36 -18.24
C GLU F 189 -9.89 -30.69 -17.91
N GLU F 190 -10.69 -30.70 -16.84
CA GLU F 190 -11.34 -31.93 -16.41
C GLU F 190 -12.41 -32.30 -17.41
N GLU F 191 -12.40 -33.59 -17.77
CA GLU F 191 -13.34 -34.19 -18.71
C GLU F 191 -14.58 -34.65 -17.99
N MET F 192 -15.73 -34.39 -18.57
CA MET F 192 -17.00 -34.91 -18.10
C MET F 192 -17.28 -36.29 -18.77
N GLU F 193 -18.39 -36.94 -18.43
CA GLU F 193 -18.71 -38.26 -18.98
C GLU F 193 -20.13 -38.32 -19.44
N LEU F 194 -20.37 -39.12 -20.47
CA LEU F 194 -21.71 -39.52 -20.84
C LEU F 194 -21.67 -40.91 -21.47
N SER F 195 -22.84 -41.57 -21.53
CA SER F 195 -22.95 -42.96 -22.00
C SER F 195 -22.79 -43.16 -23.51
N LYS F 196 -22.36 -44.34 -23.90
CA LYS F 196 -22.26 -44.67 -25.30
C LYS F 196 -23.64 -44.51 -25.94
N GLU F 197 -24.67 -44.79 -25.12
CA GLU F 197 -26.09 -44.73 -25.50
C GLU F 197 -26.49 -43.31 -25.81
N GLN F 198 -26.08 -42.41 -24.94
CA GLN F 198 -26.40 -41.00 -25.11
C GLN F 198 -25.66 -40.40 -26.35
N ILE F 199 -24.41 -40.84 -26.58
CA ILE F 199 -23.64 -40.40 -27.76
C ILE F 199 -24.26 -40.90 -29.06
N GLU F 200 -24.56 -42.20 -29.13
CA GLU F 200 -25.12 -42.75 -30.36
C GLU F 200 -26.50 -42.12 -30.66
N LYS F 201 -27.31 -41.86 -29.65
CA LYS F 201 -28.58 -41.18 -29.86
C LYS F 201 -28.41 -39.78 -30.46
N PHE F 202 -27.45 -39.00 -29.97
CA PHE F 202 -27.22 -37.66 -30.51
C PHE F 202 -26.76 -37.71 -31.98
N ARG F 203 -25.75 -38.56 -32.28
CA ARG F 203 -25.23 -38.69 -33.65
C ARG F 203 -26.29 -39.17 -34.66
N LYS F 204 -27.12 -40.14 -34.26
CA LYS F 204 -28.16 -40.67 -35.15
C LYS F 204 -29.15 -39.55 -35.51
N LEU F 205 -29.52 -38.76 -34.52
CA LEU F 205 -30.47 -37.70 -34.72
C LEU F 205 -29.88 -36.60 -35.58
N MET F 206 -28.58 -36.38 -35.44
CA MET F 206 -27.91 -35.29 -36.12
C MET F 206 -27.48 -35.72 -37.54
N GLY F 207 -27.24 -37.01 -37.72
CA GLY F 207 -26.97 -37.54 -39.04
C GLY F 207 -25.51 -37.74 -39.31
N GLY F 208 -24.77 -37.96 -38.23
CA GLY F 208 -23.34 -38.21 -38.32
C GLY F 208 -22.57 -37.16 -37.53
N ASP F 209 -21.29 -37.03 -37.87
CA ASP F 209 -20.44 -36.08 -37.19
C ASP F 209 -20.99 -34.65 -37.25
N THR F 210 -20.79 -33.87 -36.20
CA THR F 210 -21.15 -32.46 -36.19
C THR F 210 -20.02 -31.58 -35.67
N ASN F 211 -18.79 -31.86 -36.10
CA ASN F 211 -17.60 -31.12 -35.65
C ASN F 211 -16.80 -30.48 -36.80
N ARG F 212 -16.24 -29.29 -36.56
CA ARG F 212 -15.34 -28.70 -37.54
C ARG F 212 -13.99 -29.32 -37.37
N PRO F 213 -13.29 -29.63 -38.47
CA PRO F 213 -11.91 -30.09 -38.31
C PRO F 213 -11.10 -29.05 -37.49
N VAL F 214 -10.10 -29.53 -36.75
CA VAL F 214 -9.21 -28.66 -35.99
C VAL F 214 -8.49 -27.70 -36.94
N GLN F 215 -8.23 -26.51 -36.39
CA GLN F 215 -7.64 -25.41 -37.12
C GLN F 215 -6.24 -25.15 -36.61
N PRO F 216 -5.37 -24.64 -37.47
CA PRO F 216 -3.98 -24.39 -37.03
C PRO F 216 -3.90 -23.36 -35.93
N LEU F 217 -3.03 -23.60 -34.94
CA LEU F 217 -2.77 -22.59 -33.94
C LEU F 217 -2.16 -21.34 -34.55
N ASN F 218 -1.22 -21.52 -35.49
CA ASN F 218 -0.47 -20.41 -36.12
C ASN F 218 0.29 -19.67 -35.05
N ALA F 219 -0.05 -18.40 -34.77
CA ALA F 219 0.74 -17.61 -33.82
C ALA F 219 0.37 -17.80 -32.35
N ARG F 220 -0.74 -18.50 -32.10
CA ARG F 220 -1.29 -18.62 -30.75
C ARG F 220 -0.60 -19.61 -29.84
N MET F 221 -0.83 -19.41 -28.56
CA MET F 221 -0.53 -20.44 -27.58
C MET F 221 -1.77 -20.68 -26.74
N ILE F 222 -1.90 -21.90 -26.24
CA ILE F 222 -2.95 -22.24 -25.32
C ILE F 222 -2.36 -22.03 -23.96
N MET F 223 -2.94 -21.14 -23.16
CA MET F 223 -2.46 -20.91 -21.82
C MET F 223 -3.23 -21.79 -20.87
N GLU F 224 -2.53 -22.38 -19.92
CA GLU F 224 -3.15 -23.24 -18.94
C GLU F 224 -3.06 -22.61 -17.59
N MET F 225 -4.19 -22.58 -16.89
CA MET F 225 -4.23 -22.01 -15.55
C MET F 225 -3.27 -22.81 -14.67
N ASP F 226 -2.64 -22.11 -13.73
CA ASP F 226 -1.67 -22.70 -12.81
C ASP F 226 -2.32 -23.47 -11.67
#